data_7JVE
#
_entry.id   7JVE
#
_cell.length_a   103.012
_cell.length_b   133.731
_cell.length_c   146.750
_cell.angle_alpha   90.000
_cell.angle_beta   90.000
_cell.angle_gamma   90.000
#
_symmetry.space_group_name_H-M   'P 21 21 21'
#
loop_
_entity.id
_entity.type
_entity.pdbx_description
1 polymer 'DsbA family protein'
2 non-polymer 'MAGNESIUM ION'
3 non-polymer 1,2-ETHANEDIOL
4 non-polymer 'TRIETHYLENE GLYCOL'
5 water water
#
_entity_poly.entity_id   1
_entity_poly.type   'polypeptide(L)'
_entity_poly.pdbx_seq_one_letter_code
;ADSAPTSQIGPTAEAYIVSHPDKVGEVVATYLAEHPEFLVAASETLHQRQQIAQQQAYVQLALQYRAELLSSSSPSVGPN
EAKAAVVMFFDYQCSWCSKMAPVVENLIKANPDTRFIFKEFPIFSSRWPVSGLAARVGEQVWLTQGGAKYLDWHNALYAT
GKVEGALTEHDVYTLAQHYLTPTQLAAVKEAQSSGAVHDALLTNQALAQHMDFSGTPAFVVMPQTQDGDVKRVTVIPGST
TQDMLQMAIQKAKG
;
_entity_poly.pdbx_strand_id   A,B,C,D,E,F
#
loop_
_chem_comp.id
_chem_comp.type
_chem_comp.name
_chem_comp.formula
EDO non-polymer 1,2-ETHANEDIOL 'C2 H6 O2'
MG non-polymer 'MAGNESIUM ION' 'Mg 2'
PGE non-polymer 'TRIETHYLENE GLYCOL' 'C6 H14 O4'
#
# COMPACT_ATOMS: atom_id res chain seq x y z
N ASP A 2 -28.42 25.38 -3.95
CA ASP A 2 -29.15 26.52 -3.41
C ASP A 2 -29.76 26.16 -2.04
N SER A 3 -30.93 26.71 -1.72
CA SER A 3 -31.52 26.61 -0.39
C SER A 3 -32.92 26.00 -0.48
N ALA A 4 -33.40 25.50 0.66
CA ALA A 4 -34.67 24.79 0.75
C ALA A 4 -35.04 24.49 2.19
N PRO A 5 -36.27 24.03 2.46
CA PRO A 5 -36.67 23.73 3.85
C PRO A 5 -35.79 22.66 4.47
N THR A 6 -35.24 22.97 5.65
CA THR A 6 -34.30 22.09 6.31
C THR A 6 -34.89 20.71 6.58
N SER A 7 -36.13 20.68 7.07
CA SER A 7 -36.75 19.40 7.42
C SER A 7 -36.90 18.49 6.21
N GLN A 8 -36.97 19.05 4.99
CA GLN A 8 -37.21 18.25 3.79
C GLN A 8 -35.94 17.84 3.07
N ILE A 9 -34.82 18.53 3.31
CA ILE A 9 -33.64 18.31 2.49
C ILE A 9 -33.12 16.88 2.66
N GLY A 10 -32.85 16.49 3.90
CA GLY A 10 -32.27 15.20 4.19
C GLY A 10 -33.07 14.03 3.65
N PRO A 11 -34.32 13.92 4.08
CA PRO A 11 -35.16 12.83 3.56
C PRO A 11 -35.30 12.86 2.04
N THR A 12 -35.40 14.05 1.45
CA THR A 12 -35.59 14.13 0.00
C THR A 12 -34.31 13.76 -0.73
N ALA A 13 -33.17 14.25 -0.25
CA ALA A 13 -31.90 13.94 -0.90
C ALA A 13 -31.66 12.43 -0.95
N GLU A 14 -31.93 11.72 0.13
CA GLU A 14 -31.64 10.29 0.13
C GLU A 14 -32.69 9.50 -0.63
N ALA A 15 -33.94 9.98 -0.64
CA ALA A 15 -34.95 9.32 -1.47
C ALA A 15 -34.63 9.47 -2.95
N TYR A 16 -34.03 10.61 -3.33
CA TYR A 16 -33.64 10.80 -4.72
C TYR A 16 -32.51 9.84 -5.10
N ILE A 17 -31.50 9.70 -4.25
CA ILE A 17 -30.43 8.76 -4.53
C ILE A 17 -30.97 7.35 -4.64
N VAL A 18 -31.85 6.95 -3.71
CA VAL A 18 -32.48 5.64 -3.82
C VAL A 18 -33.14 5.47 -5.18
N SER A 19 -33.85 6.50 -5.66
CA SER A 19 -34.51 6.41 -6.97
C SER A 19 -33.53 6.38 -8.12
N HIS A 20 -32.41 7.10 -7.99
CA HIS A 20 -31.44 7.28 -9.07
C HIS A 20 -30.07 6.99 -8.51
N PRO A 21 -29.76 5.71 -8.26
CA PRO A 21 -28.56 5.38 -7.49
C PRO A 21 -27.23 5.46 -8.27
N ASP A 22 -27.20 5.45 -9.60
CA ASP A 22 -25.91 5.42 -10.30
C ASP A 22 -24.94 6.52 -9.96
N LYS A 23 -25.38 7.77 -9.88
CA LYS A 23 -24.37 8.78 -9.69
C LYS A 23 -23.70 8.63 -8.33
N VAL A 24 -24.48 8.47 -7.28
CA VAL A 24 -23.87 8.36 -5.96
C VAL A 24 -23.28 6.97 -5.76
N GLY A 25 -23.89 5.94 -6.36
CA GLY A 25 -23.33 4.62 -6.32
C GLY A 25 -21.94 4.56 -6.94
N GLU A 26 -21.76 5.21 -8.09
CA GLU A 26 -20.45 5.18 -8.73
C GLU A 26 -19.42 5.97 -7.92
N VAL A 27 -19.77 7.17 -7.48
CA VAL A 27 -18.78 7.99 -6.80
C VAL A 27 -18.37 7.34 -5.47
N VAL A 28 -19.33 6.78 -4.73
CA VAL A 28 -18.98 6.13 -3.48
C VAL A 28 -18.22 4.82 -3.73
N ALA A 29 -18.63 4.06 -4.76
CA ALA A 29 -17.92 2.82 -5.08
C ALA A 29 -16.48 3.11 -5.46
N THR A 30 -16.26 4.19 -6.22
CA THR A 30 -14.92 4.60 -6.55
C THR A 30 -14.12 4.96 -5.29
N TYR A 31 -14.73 5.77 -4.41
CA TYR A 31 -14.10 6.06 -3.13
C TYR A 31 -13.69 4.78 -2.39
N LEU A 32 -14.56 3.76 -2.44
CA LEU A 32 -14.29 2.54 -1.70
C LEU A 32 -13.19 1.71 -2.35
N ALA A 33 -13.14 1.70 -3.68
CA ALA A 33 -12.05 1.02 -4.35
C ALA A 33 -10.71 1.63 -3.96
N GLU A 34 -10.70 2.92 -3.61
CA GLU A 34 -9.49 3.66 -3.25
C GLU A 34 -9.20 3.66 -1.76
N HIS A 35 -10.21 3.40 -0.92
CA HIS A 35 -10.02 3.16 0.50
C HIS A 35 -10.54 1.76 0.81
N PRO A 36 -9.85 0.72 0.31
CA PRO A 36 -10.43 -0.64 0.34
C PRO A 36 -10.37 -1.34 1.69
N GLU A 37 -9.95 -0.62 2.73
CA GLU A 37 -9.95 -1.19 4.08
C GLU A 37 -11.31 -1.70 4.48
N PHE A 38 -12.39 -1.14 3.89
CA PHE A 38 -13.73 -1.61 4.21
C PHE A 38 -13.89 -3.08 3.86
N LEU A 39 -13.20 -3.54 2.81
CA LEU A 39 -13.26 -4.94 2.44
C LEU A 39 -12.81 -5.84 3.57
N VAL A 40 -11.76 -5.43 4.30
CA VAL A 40 -11.20 -6.31 5.33
C VAL A 40 -12.20 -6.51 6.46
N ALA A 41 -12.90 -5.44 6.85
CA ALA A 41 -13.88 -5.53 7.94
C ALA A 41 -15.16 -6.23 7.49
N ALA A 42 -15.63 -5.95 6.28
CA ALA A 42 -16.81 -6.67 5.76
C ALA A 42 -16.55 -8.17 5.68
N SER A 43 -15.38 -8.57 5.19
CA SER A 43 -15.06 -9.99 5.06
C SER A 43 -15.03 -10.68 6.42
N GLU A 44 -14.46 -10.00 7.43
CA GLU A 44 -14.47 -10.56 8.77
C GLU A 44 -15.90 -10.73 9.28
N THR A 45 -16.74 -9.70 9.14
CA THR A 45 -18.15 -9.82 9.52
C THR A 45 -18.81 -10.97 8.76
N LEU A 46 -18.57 -11.08 7.45
CA LEU A 46 -19.20 -12.13 6.67
C LEU A 46 -18.91 -13.50 7.27
N HIS A 47 -17.64 -13.82 7.49
CA HIS A 47 -17.27 -15.16 7.89
C HIS A 47 -17.65 -15.42 9.35
N GLN A 48 -17.55 -14.40 10.19
CA GLN A 48 -18.04 -14.53 11.55
C GLN A 48 -19.54 -14.87 11.57
N ARG A 49 -20.32 -14.33 10.62
CA ARG A 49 -21.75 -14.64 10.64
C ARG A 49 -22.09 -15.94 9.92
N GLN A 50 -21.31 -16.34 8.90
CA GLN A 50 -21.57 -17.62 8.27
C GLN A 50 -21.21 -18.77 9.20
N GLN A 51 -20.19 -18.58 10.06
CA GLN A 51 -19.87 -19.58 11.07
C GLN A 51 -21.08 -19.80 11.99
N ILE A 52 -21.65 -18.71 12.49
CA ILE A 52 -22.78 -18.85 13.41
C ILE A 52 -23.98 -19.45 12.68
N ALA A 53 -24.22 -19.01 11.45
CA ALA A 53 -25.36 -19.53 10.70
C ALA A 53 -25.18 -21.01 10.38
N GLN A 54 -23.95 -21.42 10.03
CA GLN A 54 -23.68 -22.82 9.77
C GLN A 54 -23.93 -23.67 11.00
N GLN A 55 -23.36 -23.25 12.14
CA GLN A 55 -23.53 -23.97 13.40
C GLN A 55 -25.00 -24.13 13.74
N GLN A 56 -25.75 -23.04 13.69
CA GLN A 56 -27.19 -23.11 13.97
C GLN A 56 -27.88 -24.13 13.07
N ALA A 57 -27.51 -24.16 11.79
CA ALA A 57 -28.18 -25.08 10.87
C ALA A 57 -27.82 -26.52 11.16
N TYR A 58 -26.55 -26.78 11.53
CA TYR A 58 -26.14 -28.11 11.96
C TYR A 58 -26.86 -28.54 13.22
N VAL A 59 -27.04 -27.62 14.18
CA VAL A 59 -27.75 -27.96 15.40
C VAL A 59 -29.18 -28.39 15.08
N GLN A 60 -29.85 -27.67 14.18
CA GLN A 60 -31.19 -28.07 13.77
C GLN A 60 -31.19 -29.49 13.20
N LEU A 61 -30.18 -29.82 12.39
CA LEU A 61 -30.11 -31.16 11.81
C LEU A 61 -29.91 -32.22 12.89
N ALA A 62 -29.03 -31.94 13.87
CA ALA A 62 -28.83 -32.84 15.01
C ALA A 62 -30.13 -33.09 15.76
N LEU A 63 -30.91 -32.04 16.02
CA LEU A 63 -32.19 -32.23 16.70
C LEU A 63 -33.13 -33.06 15.86
N GLN A 64 -33.13 -32.86 14.54
CA GLN A 64 -34.05 -33.62 13.69
C GLN A 64 -33.67 -35.11 13.62
N TYR A 65 -32.37 -35.43 13.60
CA TYR A 65 -31.94 -36.82 13.47
C TYR A 65 -31.45 -37.40 14.79
N ARG A 66 -31.94 -36.88 15.90
N ARG A 66 -31.93 -36.89 15.91
CA ARG A 66 -31.55 -37.35 17.22
CA ARG A 66 -31.51 -37.38 17.22
C ARG A 66 -31.62 -38.88 17.33
C ARG A 66 -31.59 -38.90 17.32
N ALA A 67 -32.73 -39.48 16.91
CA ALA A 67 -32.91 -40.91 17.12
C ALA A 67 -31.86 -41.70 16.37
N GLU A 68 -31.57 -41.31 15.13
CA GLU A 68 -30.54 -41.98 14.36
C GLU A 68 -29.16 -41.75 14.97
N LEU A 69 -28.88 -40.51 15.38
CA LEU A 69 -27.59 -40.20 15.97
C LEU A 69 -27.32 -41.04 17.22
N LEU A 70 -28.36 -41.29 18.01
CA LEU A 70 -28.22 -41.98 19.29
C LEU A 70 -28.63 -43.44 19.22
N SER A 71 -28.85 -43.97 18.02
CA SER A 71 -29.24 -45.36 17.81
C SER A 71 -28.42 -46.30 18.68
N SER A 72 -29.11 -47.22 19.36
CA SER A 72 -28.38 -48.25 20.08
C SER A 72 -27.80 -49.32 19.15
N SER A 73 -27.98 -49.19 17.84
CA SER A 73 -27.35 -50.10 16.90
C SER A 73 -25.88 -49.76 16.63
N SER A 74 -25.44 -48.57 17.02
CA SER A 74 -24.06 -48.14 16.78
C SER A 74 -23.18 -48.52 17.97
N PRO A 75 -21.96 -48.94 17.75
CA PRO A 75 -21.09 -49.23 18.89
C PRO A 75 -20.94 -47.99 19.75
N SER A 76 -20.93 -48.19 21.07
CA SER A 76 -20.68 -47.08 21.98
C SER A 76 -19.96 -47.59 23.21
N VAL A 77 -19.39 -46.64 23.96
CA VAL A 77 -18.93 -46.86 25.32
C VAL A 77 -19.55 -45.79 26.18
N GLY A 78 -19.51 -46.00 27.50
CA GLY A 78 -20.22 -45.15 28.42
C GLY A 78 -21.63 -45.65 28.63
N PRO A 79 -22.31 -45.12 29.64
CA PRO A 79 -23.66 -45.66 29.97
C PRO A 79 -24.65 -45.38 28.85
N ASN A 80 -25.54 -46.37 28.62
CA ASN A 80 -26.52 -46.24 27.55
C ASN A 80 -27.47 -45.08 27.81
N GLU A 81 -27.78 -44.80 29.08
CA GLU A 81 -28.66 -43.71 29.48
C GLU A 81 -27.88 -42.48 29.97
N ALA A 82 -26.60 -42.36 29.60
CA ALA A 82 -25.85 -41.16 29.89
C ALA A 82 -26.65 -39.91 29.55
N LYS A 83 -26.42 -38.85 30.33
CA LYS A 83 -27.17 -37.62 30.08
C LYS A 83 -26.64 -36.93 28.83
N ALA A 84 -25.35 -37.09 28.52
CA ALA A 84 -24.76 -36.51 27.31
C ALA A 84 -24.15 -37.58 26.42
N ALA A 85 -24.23 -37.33 25.11
CA ALA A 85 -23.62 -38.19 24.12
C ALA A 85 -22.69 -37.38 23.21
N VAL A 86 -21.63 -38.05 22.75
CA VAL A 86 -20.70 -37.53 21.77
C VAL A 86 -20.73 -38.52 20.63
N VAL A 87 -21.24 -38.09 19.48
CA VAL A 87 -21.39 -38.94 18.30
C VAL A 87 -20.26 -38.61 17.35
N MET A 88 -19.49 -39.62 16.94
CA MET A 88 -18.27 -39.37 16.16
C MET A 88 -18.36 -40.02 14.79
N PHE A 89 -18.38 -39.19 13.75
CA PHE A 89 -18.27 -39.60 12.36
C PHE A 89 -16.79 -39.61 11.97
N PHE A 90 -16.29 -40.77 11.56
CA PHE A 90 -14.88 -40.93 11.27
C PHE A 90 -14.72 -42.02 10.23
N ASP A 91 -13.62 -41.92 9.50
CA ASP A 91 -13.14 -42.92 8.54
C ASP A 91 -11.79 -43.40 9.06
N TYR A 92 -11.58 -44.72 9.10
CA TYR A 92 -10.28 -45.19 9.58
C TYR A 92 -9.12 -44.70 8.72
N GLN A 93 -9.35 -44.35 7.45
CA GLN A 93 -8.27 -43.86 6.60
C GLN A 93 -8.17 -42.35 6.57
N CYS A 94 -9.00 -41.66 7.34
CA CYS A 94 -8.81 -40.22 7.54
C CYS A 94 -7.57 -39.99 8.40
N SER A 95 -6.55 -39.34 7.81
CA SER A 95 -5.27 -39.20 8.51
C SER A 95 -5.38 -38.31 9.74
N TRP A 96 -6.23 -37.28 9.74
CA TRP A 96 -6.30 -36.49 10.97
C TRP A 96 -7.27 -37.07 12.01
N CYS A 97 -8.25 -37.86 11.59
CA CYS A 97 -9.03 -38.67 12.55
C CYS A 97 -8.09 -39.59 13.31
N SER A 98 -7.21 -40.25 12.58
CA SER A 98 -6.20 -41.09 13.20
C SER A 98 -5.44 -40.31 14.26
N LYS A 99 -4.92 -39.12 13.90
CA LYS A 99 -4.12 -38.38 14.88
C LYS A 99 -4.94 -37.84 16.03
N MET A 100 -6.26 -37.75 15.87
CA MET A 100 -7.14 -37.33 16.96
C MET A 100 -7.43 -38.46 17.94
N ALA A 101 -7.15 -39.71 17.57
CA ALA A 101 -7.53 -40.82 18.42
C ALA A 101 -7.01 -40.68 19.85
N PRO A 102 -5.77 -40.26 20.10
CA PRO A 102 -5.31 -40.10 21.49
C PRO A 102 -6.12 -39.08 22.29
N VAL A 103 -6.62 -38.03 21.63
CA VAL A 103 -7.45 -37.06 22.31
C VAL A 103 -8.78 -37.68 22.68
N VAL A 104 -9.39 -38.40 21.75
CA VAL A 104 -10.66 -39.05 22.03
C VAL A 104 -10.51 -40.04 23.19
N GLU A 105 -9.43 -40.83 23.18
CA GLU A 105 -9.19 -41.76 24.28
C GLU A 105 -9.10 -41.02 25.61
N ASN A 106 -8.41 -39.87 25.63
CA ASN A 106 -8.35 -39.07 26.86
C ASN A 106 -9.74 -38.60 27.27
N LEU A 107 -10.55 -38.10 26.32
CA LEU A 107 -11.90 -37.67 26.65
C LEU A 107 -12.69 -38.82 27.27
N ILE A 108 -12.55 -40.02 26.71
CA ILE A 108 -13.35 -41.15 27.16
C ILE A 108 -13.00 -41.50 28.59
N LYS A 109 -11.69 -41.53 28.91
CA LYS A 109 -11.28 -41.82 30.28
C LYS A 109 -11.74 -40.73 31.21
N ALA A 110 -11.72 -39.47 30.76
CA ALA A 110 -12.07 -38.36 31.64
C ALA A 110 -13.57 -38.19 31.80
N ASN A 111 -14.38 -38.87 30.99
CA ASN A 111 -15.84 -38.73 31.02
C ASN A 111 -16.50 -40.11 31.03
N PRO A 112 -16.29 -40.90 32.09
CA PRO A 112 -16.87 -42.25 32.12
C PRO A 112 -18.39 -42.24 32.20
N ASP A 113 -18.98 -41.11 32.53
CA ASP A 113 -20.41 -40.92 32.67
C ASP A 113 -21.10 -40.55 31.35
N THR A 114 -20.34 -40.35 30.28
CA THR A 114 -20.85 -39.84 29.01
C THR A 114 -20.79 -40.95 27.98
N ARG A 115 -21.77 -40.96 27.09
CA ARG A 115 -21.86 -41.99 26.05
C ARG A 115 -21.13 -41.54 24.79
N PHE A 116 -20.22 -42.37 24.29
CA PHE A 116 -19.50 -42.09 23.06
C PHE A 116 -19.93 -43.09 22.00
N ILE A 117 -20.50 -42.56 20.91
CA ILE A 117 -21.10 -43.34 19.85
C ILE A 117 -20.22 -43.24 18.61
N PHE A 118 -19.97 -44.36 17.96
CA PHE A 118 -19.03 -44.46 16.85
C PHE A 118 -19.78 -44.64 15.54
N LYS A 119 -19.64 -43.68 14.63
CA LYS A 119 -20.30 -43.75 13.33
C LYS A 119 -19.23 -43.90 12.24
N GLU A 120 -18.91 -45.14 11.89
CA GLU A 120 -17.94 -45.41 10.83
C GLU A 120 -18.57 -45.13 9.48
N PHE A 121 -17.85 -44.39 8.61
CA PHE A 121 -18.32 -44.09 7.27
C PHE A 121 -17.14 -43.85 6.36
N PRO A 122 -17.34 -43.90 5.03
CA PRO A 122 -16.23 -43.73 4.07
C PRO A 122 -16.21 -42.34 3.43
N ILE A 123 -15.08 -41.64 3.52
CA ILE A 123 -15.00 -40.29 2.96
C ILE A 123 -15.11 -40.32 1.45
N PHE A 124 -14.51 -41.33 0.81
CA PHE A 124 -14.54 -41.43 -0.64
C PHE A 124 -15.12 -42.78 -1.07
N SER A 125 -15.63 -42.78 -2.30
CA SER A 125 -16.21 -43.99 -2.88
C SER A 125 -15.23 -45.17 -2.86
N SER A 126 -13.96 -44.94 -3.20
CA SER A 126 -12.99 -46.02 -3.22
C SER A 126 -12.72 -46.61 -1.83
N ARG A 127 -13.15 -45.92 -0.77
CA ARG A 127 -12.92 -46.49 0.55
C ARG A 127 -14.00 -47.49 0.98
N TRP A 128 -15.11 -47.60 0.24
CA TRP A 128 -16.20 -48.46 0.70
C TRP A 128 -15.77 -49.88 1.01
N PRO A 129 -14.97 -50.57 0.18
CA PRO A 129 -14.58 -51.94 0.56
C PRO A 129 -13.81 -52.02 1.88
N VAL A 130 -12.84 -51.13 2.10
CA VAL A 130 -12.06 -51.16 3.35
C VAL A 130 -12.90 -50.66 4.53
N SER A 131 -13.61 -49.53 4.38
CA SER A 131 -14.45 -49.06 5.47
C SER A 131 -15.53 -50.08 5.83
N GLY A 132 -16.17 -50.67 4.82
CA GLY A 132 -17.19 -51.67 5.10
C GLY A 132 -16.64 -52.89 5.82
N LEU A 133 -15.48 -53.37 5.38
CA LEU A 133 -14.84 -54.51 6.05
C LEU A 133 -14.49 -54.17 7.49
N ALA A 134 -13.95 -52.97 7.73
CA ALA A 134 -13.58 -52.60 9.09
C ALA A 134 -14.82 -52.47 9.96
N ALA A 135 -15.93 -52.01 9.40
CA ALA A 135 -17.18 -51.94 10.14
C ALA A 135 -17.73 -53.34 10.46
N ARG A 136 -17.58 -54.31 9.53
CA ARG A 136 -18.02 -55.68 9.81
C ARG A 136 -17.28 -56.26 11.01
N VAL A 137 -15.94 -56.14 11.02
CA VAL A 137 -15.14 -56.66 12.13
C VAL A 137 -15.54 -55.97 13.42
N GLY A 138 -15.59 -54.63 13.38
CA GLY A 138 -15.92 -53.88 14.59
C GLY A 138 -17.28 -54.27 15.14
N GLU A 139 -18.25 -54.49 14.26
CA GLU A 139 -19.56 -54.88 14.76
C GLU A 139 -19.51 -56.25 15.43
N GLN A 140 -18.77 -57.21 14.86
CA GLN A 140 -18.62 -58.51 15.50
C GLN A 140 -17.95 -58.37 16.86
N VAL A 141 -16.85 -57.61 16.93
CA VAL A 141 -16.18 -57.41 18.20
C VAL A 141 -17.12 -56.77 19.21
N TRP A 142 -17.84 -55.72 18.78
CA TRP A 142 -18.75 -55.04 19.69
C TRP A 142 -19.85 -55.98 20.20
N LEU A 143 -20.44 -56.77 19.29
CA LEU A 143 -21.61 -57.56 19.66
C LEU A 143 -21.25 -58.77 20.51
N THR A 144 -20.03 -59.29 20.38
CA THR A 144 -19.67 -60.50 21.11
C THR A 144 -18.81 -60.21 22.34
N GLN A 145 -18.10 -59.07 22.38
CA GLN A 145 -17.20 -58.81 23.48
C GLN A 145 -17.40 -57.48 24.17
N GLY A 146 -18.13 -56.53 23.57
CA GLY A 146 -18.55 -55.33 24.27
C GLY A 146 -17.79 -54.09 23.82
N GLY A 147 -18.22 -52.96 24.41
CA GLY A 147 -17.76 -51.65 23.95
C GLY A 147 -16.28 -51.39 24.20
N ALA A 148 -15.81 -51.71 25.42
CA ALA A 148 -14.41 -51.47 25.74
C ALA A 148 -13.50 -52.21 24.76
N LYS A 149 -13.90 -53.44 24.38
CA LYS A 149 -13.11 -54.24 23.46
C LYS A 149 -13.24 -53.73 22.02
N TYR A 150 -14.43 -53.29 21.62
CA TYR A 150 -14.55 -52.57 20.36
C TYR A 150 -13.57 -51.39 20.32
N LEU A 151 -13.42 -50.69 21.44
CA LEU A 151 -12.54 -49.53 21.46
C LEU A 151 -11.08 -49.95 21.29
N ASP A 152 -10.66 -51.10 21.87
CA ASP A 152 -9.32 -51.64 21.61
C ASP A 152 -9.13 -51.93 20.13
N TRP A 153 -10.11 -52.58 19.51
CA TRP A 153 -10.01 -52.87 18.09
C TRP A 153 -9.89 -51.57 17.28
N HIS A 154 -10.75 -50.61 17.58
CA HIS A 154 -10.76 -49.33 16.89
C HIS A 154 -9.40 -48.64 16.99
N ASN A 155 -8.86 -48.52 18.20
CA ASN A 155 -7.55 -47.91 18.34
C ASN A 155 -6.47 -48.72 17.64
N ALA A 156 -6.57 -50.05 17.68
CA ALA A 156 -5.54 -50.87 17.06
C ALA A 156 -5.53 -50.68 15.54
N LEU A 157 -6.70 -50.47 14.94
CA LEU A 157 -6.77 -50.29 13.51
C LEU A 157 -6.09 -48.98 13.10
N TYR A 158 -6.47 -47.86 13.72
CA TYR A 158 -5.66 -46.64 13.69
C TYR A 158 -4.17 -46.83 13.92
N ALA A 159 -3.78 -47.63 14.92
CA ALA A 159 -2.36 -47.75 15.21
C ALA A 159 -1.57 -48.36 14.05
N THR A 160 -2.23 -48.95 13.05
CA THR A 160 -1.46 -49.33 11.86
C THR A 160 -0.79 -48.13 11.21
N GLY A 161 -1.28 -46.92 11.47
CA GLY A 161 -0.76 -45.74 10.82
C GLY A 161 -1.05 -45.72 9.34
N LYS A 162 -1.97 -46.57 8.86
CA LYS A 162 -2.25 -46.69 7.44
C LYS A 162 -3.47 -45.83 7.10
N VAL A 163 -3.25 -44.74 6.36
CA VAL A 163 -4.27 -43.73 6.12
C VAL A 163 -4.23 -43.33 4.65
N GLU A 164 -5.33 -42.68 4.21
CA GLU A 164 -5.41 -41.98 2.92
C GLU A 164 -5.13 -42.93 1.74
N GLY A 165 -5.64 -44.16 1.84
CA GLY A 165 -5.52 -45.13 0.78
C GLY A 165 -4.55 -46.27 1.09
N ALA A 166 -3.73 -46.14 2.14
CA ALA A 166 -2.74 -47.17 2.46
C ALA A 166 -3.31 -48.34 3.26
N LEU A 167 -4.52 -48.24 3.81
CA LEU A 167 -5.14 -49.35 4.52
C LEU A 167 -5.87 -50.27 3.55
N THR A 168 -5.45 -51.52 3.47
CA THR A 168 -6.05 -52.50 2.56
C THR A 168 -6.92 -53.50 3.32
N GLU A 169 -7.80 -54.19 2.59
CA GLU A 169 -8.58 -55.24 3.22
C GLU A 169 -7.67 -56.28 3.85
N HIS A 170 -6.59 -56.64 3.15
CA HIS A 170 -5.61 -57.55 3.72
C HIS A 170 -5.14 -57.09 5.09
N ASP A 171 -4.87 -55.78 5.25
CA ASP A 171 -4.43 -55.23 6.54
C ASP A 171 -5.50 -55.44 7.61
N VAL A 172 -6.75 -55.14 7.27
CA VAL A 172 -7.84 -55.28 8.22
C VAL A 172 -7.98 -56.74 8.66
N TYR A 173 -8.01 -57.66 7.69
CA TYR A 173 -8.11 -59.08 8.02
C TYR A 173 -6.96 -59.51 8.90
N THR A 174 -5.74 -59.01 8.61
CA THR A 174 -4.57 -59.45 9.34
C THR A 174 -4.66 -59.04 10.80
N LEU A 175 -5.08 -57.80 11.06
CA LEU A 175 -5.35 -57.43 12.43
C LEU A 175 -6.55 -58.20 12.98
N ALA A 176 -7.60 -58.37 12.16
CA ALA A 176 -8.86 -58.92 12.69
C ALA A 176 -8.72 -60.36 13.16
N GLN A 177 -7.78 -61.13 12.61
CA GLN A 177 -7.64 -62.50 13.08
C GLN A 177 -7.34 -62.58 14.57
N HIS A 178 -6.84 -61.50 15.19
CA HIS A 178 -6.58 -61.47 16.61
C HIS A 178 -7.79 -61.08 17.46
N TYR A 179 -8.88 -60.60 16.84
CA TYR A 179 -10.04 -60.17 17.60
C TYR A 179 -11.25 -61.05 17.37
N LEU A 180 -11.26 -61.86 16.32
CA LEU A 180 -12.41 -62.69 15.97
C LEU A 180 -12.01 -64.14 16.11
N THR A 181 -12.98 -65.01 16.41
CA THR A 181 -12.72 -66.43 16.27
C THR A 181 -12.55 -66.78 14.80
N PRO A 182 -11.88 -67.89 14.51
CA PRO A 182 -11.78 -68.33 13.11
C PRO A 182 -13.13 -68.42 12.44
N THR A 183 -14.17 -68.80 13.18
CA THR A 183 -15.50 -68.89 12.58
C THR A 183 -16.05 -67.51 12.25
N GLN A 184 -15.96 -66.56 13.17
CA GLN A 184 -16.37 -65.19 12.88
C GLN A 184 -15.59 -64.62 11.71
N LEU A 185 -14.26 -64.80 11.73
CA LEU A 185 -13.44 -64.28 10.63
C LEU A 185 -13.92 -64.83 9.30
N ALA A 186 -14.15 -66.15 9.24
CA ALA A 186 -14.62 -66.75 8.00
C ALA A 186 -15.98 -66.18 7.61
N ALA A 187 -16.84 -65.91 8.59
CA ALA A 187 -18.14 -65.38 8.25
C ALA A 187 -18.03 -63.95 7.70
N VAL A 188 -17.09 -63.17 8.23
CA VAL A 188 -16.89 -61.81 7.73
C VAL A 188 -16.33 -61.85 6.31
N LYS A 189 -15.42 -62.76 6.05
CA LYS A 189 -14.86 -62.85 4.70
C LYS A 189 -15.95 -63.18 3.69
N GLU A 190 -16.80 -64.16 4.03
CA GLU A 190 -17.85 -64.57 3.10
C GLU A 190 -18.85 -63.44 2.84
N ALA A 191 -19.21 -62.67 3.87
CA ALA A 191 -20.11 -61.54 3.68
C ALA A 191 -19.48 -60.48 2.78
N GLN A 192 -18.23 -60.13 3.06
CA GLN A 192 -17.54 -59.13 2.24
C GLN A 192 -17.47 -59.59 0.80
N SER A 193 -17.14 -60.86 0.57
CA SER A 193 -17.04 -61.36 -0.80
C SER A 193 -18.39 -61.43 -1.49
N SER A 194 -19.49 -61.46 -0.74
CA SER A 194 -20.81 -61.55 -1.32
C SER A 194 -21.21 -60.31 -2.10
N GLY A 195 -20.46 -59.21 -1.98
CA GLY A 195 -20.83 -57.96 -2.58
C GLY A 195 -21.75 -57.10 -1.73
N ALA A 196 -22.40 -57.68 -0.72
CA ALA A 196 -23.21 -56.90 0.22
C ALA A 196 -22.38 -55.84 0.93
N VAL A 197 -22.98 -54.68 1.15
CA VAL A 197 -22.36 -53.57 1.86
C VAL A 197 -22.85 -53.62 3.30
N HIS A 198 -21.92 -53.64 4.25
CA HIS A 198 -22.33 -53.79 5.64
C HIS A 198 -23.38 -52.75 6.00
N ASP A 199 -24.45 -53.20 6.64
CA ASP A 199 -25.60 -52.33 6.84
C ASP A 199 -25.23 -51.05 7.60
N ALA A 200 -24.31 -51.14 8.55
CA ALA A 200 -23.94 -49.95 9.31
C ALA A 200 -23.30 -48.90 8.42
N LEU A 201 -22.51 -49.33 7.43
CA LEU A 201 -21.91 -48.38 6.50
C LEU A 201 -22.96 -47.68 5.67
N LEU A 202 -23.97 -48.41 5.17
CA LEU A 202 -25.05 -47.79 4.41
C LEU A 202 -25.82 -46.81 5.28
N THR A 203 -26.21 -47.25 6.48
CA THR A 203 -26.96 -46.41 7.41
C THR A 203 -26.16 -45.19 7.83
N ASN A 204 -24.88 -45.38 8.15
CA ASN A 204 -24.06 -44.25 8.59
C ASN A 204 -23.85 -43.23 7.47
N GLN A 205 -23.67 -43.69 6.23
CA GLN A 205 -23.48 -42.77 5.12
C GLN A 205 -24.77 -42.01 4.80
N ALA A 206 -25.91 -42.70 4.86
CA ALA A 206 -27.19 -42.02 4.73
C ALA A 206 -27.37 -40.97 5.81
N LEU A 207 -27.03 -41.31 7.06
CA LEU A 207 -27.09 -40.34 8.15
C LEU A 207 -26.08 -39.21 7.96
N ALA A 208 -24.86 -39.51 7.52
CA ALA A 208 -23.91 -38.43 7.26
C ALA A 208 -24.43 -37.48 6.19
N GLN A 209 -25.08 -38.00 5.15
CA GLN A 209 -25.60 -37.14 4.11
C GLN A 209 -26.75 -36.28 4.63
N HIS A 210 -27.64 -36.89 5.41
CA HIS A 210 -28.71 -36.13 6.06
C HIS A 210 -28.16 -35.10 7.03
N MET A 211 -27.02 -35.38 7.69
CA MET A 211 -26.43 -34.41 8.60
C MET A 211 -25.58 -33.39 7.86
N ASP A 212 -25.46 -33.51 6.55
CA ASP A 212 -24.54 -32.68 5.77
C ASP A 212 -23.10 -32.83 6.28
N PHE A 213 -22.71 -34.08 6.57
CA PHE A 213 -21.33 -34.47 6.90
C PHE A 213 -20.68 -35.31 5.82
N SER A 214 -21.25 -35.38 4.63
CA SER A 214 -20.70 -36.29 3.62
C SER A 214 -19.25 -35.94 3.31
N GLY A 215 -18.36 -36.91 3.49
CA GLY A 215 -16.96 -36.66 3.23
C GLY A 215 -16.24 -35.86 4.30
N THR A 216 -16.91 -35.51 5.40
CA THR A 216 -16.33 -34.61 6.40
C THR A 216 -16.53 -35.17 7.81
N PRO A 217 -15.47 -35.68 8.45
CA PRO A 217 -15.60 -36.14 9.84
C PRO A 217 -16.07 -35.03 10.77
N ALA A 218 -16.80 -35.41 11.83
CA ALA A 218 -17.42 -34.43 12.72
C ALA A 218 -17.84 -35.11 14.02
N PHE A 219 -18.02 -34.27 15.04
CA PHE A 219 -18.59 -34.64 16.32
C PHE A 219 -19.93 -33.95 16.49
N VAL A 220 -20.91 -34.67 17.03
CA VAL A 220 -22.14 -34.09 17.55
C VAL A 220 -22.21 -34.37 19.04
N VAL A 221 -22.32 -33.32 19.83
CA VAL A 221 -22.42 -33.41 21.29
C VAL A 221 -23.77 -32.83 21.69
N MET A 222 -24.56 -33.64 22.40
CA MET A 222 -25.95 -33.29 22.65
C MET A 222 -26.47 -34.09 23.84
N PRO A 223 -27.44 -33.54 24.58
CA PRO A 223 -28.14 -34.35 25.58
C PRO A 223 -28.91 -35.47 24.90
N GLN A 224 -29.05 -36.59 25.60
CA GLN A 224 -29.74 -37.72 25.01
C GLN A 224 -31.25 -37.59 25.14
N THR A 225 -31.74 -36.97 26.22
CA THR A 225 -33.18 -36.84 26.42
C THR A 225 -33.70 -35.77 25.49
N GLN A 226 -34.82 -36.05 24.83
CA GLN A 226 -35.21 -35.23 23.70
C GLN A 226 -35.70 -33.89 24.26
N ASP A 227 -34.84 -32.89 24.11
CA ASP A 227 -35.00 -31.52 24.58
C ASP A 227 -34.63 -30.66 23.39
N GLY A 228 -35.46 -29.67 23.08
CA GLY A 228 -35.20 -28.85 21.91
C GLY A 228 -34.27 -27.69 22.21
N ASP A 229 -33.47 -27.84 23.27
CA ASP A 229 -32.58 -26.77 23.71
C ASP A 229 -31.37 -26.73 22.79
N VAL A 230 -31.46 -25.88 21.75
CA VAL A 230 -30.37 -25.65 20.81
C VAL A 230 -29.09 -25.30 21.56
N LYS A 231 -29.23 -24.73 22.76
CA LYS A 231 -28.13 -24.23 23.58
C LYS A 231 -27.30 -25.33 24.20
N ARG A 232 -27.76 -26.59 24.20
CA ARG A 232 -27.00 -27.70 24.77
C ARG A 232 -26.37 -28.62 23.72
N VAL A 233 -26.38 -28.24 22.45
CA VAL A 233 -25.89 -29.07 21.35
C VAL A 233 -24.69 -28.39 20.71
N THR A 234 -23.67 -29.15 20.36
CA THR A 234 -22.54 -28.54 19.67
C THR A 234 -22.10 -29.47 18.55
N VAL A 235 -21.87 -28.92 17.37
CA VAL A 235 -21.38 -29.69 16.22
C VAL A 235 -19.96 -29.23 15.93
N ILE A 236 -19.02 -30.15 15.92
CA ILE A 236 -17.60 -29.78 15.89
C ILE A 236 -16.85 -30.52 14.79
N PRO A 237 -15.97 -29.83 14.06
CA PRO A 237 -15.13 -30.52 13.06
C PRO A 237 -14.35 -31.68 13.67
N GLY A 238 -14.09 -32.69 12.84
CA GLY A 238 -13.26 -33.80 13.29
C GLY A 238 -11.92 -33.36 13.84
N SER A 239 -11.36 -32.28 13.29
CA SER A 239 -10.15 -31.67 13.85
C SER A 239 -10.55 -30.65 14.92
N THR A 240 -10.23 -30.95 16.17
CA THR A 240 -10.58 -30.09 17.29
C THR A 240 -9.59 -30.35 18.42
N THR A 241 -9.89 -29.83 19.61
CA THR A 241 -9.05 -30.01 20.78
C THR A 241 -9.84 -30.72 21.87
N GLN A 242 -9.11 -31.24 22.86
CA GLN A 242 -9.77 -31.83 24.02
C GLN A 242 -10.58 -30.79 24.79
N ASP A 243 -10.03 -29.59 24.98
CA ASP A 243 -10.77 -28.55 25.69
C ASP A 243 -12.09 -28.21 24.98
N MET A 244 -12.05 -28.10 23.66
CA MET A 244 -13.27 -27.75 22.93
C MET A 244 -14.32 -28.84 23.08
N LEU A 245 -13.92 -30.10 22.95
CA LEU A 245 -14.88 -31.19 23.12
C LEU A 245 -15.36 -31.26 24.57
N GLN A 246 -14.48 -30.99 25.53
CA GLN A 246 -14.88 -31.02 26.93
C GLN A 246 -15.92 -29.94 27.22
N MET A 247 -15.74 -28.72 26.70
CA MET A 247 -16.73 -27.67 26.94
C MET A 247 -18.09 -28.06 26.37
N ALA A 248 -18.10 -28.66 25.18
CA ALA A 248 -19.33 -29.13 24.56
C ALA A 248 -20.01 -30.20 25.41
N ILE A 249 -19.21 -31.09 26.03
CA ILE A 249 -19.77 -32.10 26.93
C ILE A 249 -20.43 -31.43 28.13
N GLN A 250 -19.76 -30.45 28.74
CA GLN A 250 -20.34 -29.81 29.91
C GLN A 250 -21.62 -29.05 29.55
N LYS A 251 -21.64 -28.43 28.38
CA LYS A 251 -22.84 -27.75 27.91
C LYS A 251 -23.97 -28.74 27.67
N ALA A 252 -23.65 -29.95 27.20
CA ALA A 252 -24.66 -30.97 26.97
C ALA A 252 -25.15 -31.60 28.26
N LYS A 253 -24.36 -31.54 29.33
CA LYS A 253 -24.84 -32.01 30.62
C LYS A 253 -25.62 -30.96 31.38
N GLY A 254 -25.25 -29.69 31.25
CA GLY A 254 -25.90 -28.61 31.95
C GLY A 254 -27.36 -28.41 31.59
N ALA B 4 -40.43 28.51 7.65
CA ALA B 4 -39.85 27.30 8.20
C ALA B 4 -38.37 27.29 7.94
N PRO B 5 -37.59 26.78 8.90
CA PRO B 5 -36.13 26.83 8.77
C PRO B 5 -35.64 26.30 7.44
N THR B 6 -34.68 27.02 6.85
CA THR B 6 -34.12 26.72 5.54
C THR B 6 -32.59 26.69 5.62
N SER B 7 -31.99 25.91 4.72
CA SER B 7 -30.57 25.63 4.79
C SER B 7 -30.02 25.42 3.38
N GLN B 8 -28.72 25.15 3.29
CA GLN B 8 -28.05 24.89 2.02
C GLN B 8 -28.12 23.39 1.70
N ILE B 9 -28.70 23.07 0.53
CA ILE B 9 -29.08 21.69 0.22
C ILE B 9 -27.89 20.74 0.34
N GLY B 10 -26.80 21.04 -0.37
CA GLY B 10 -25.65 20.17 -0.42
C GLY B 10 -25.19 19.71 0.95
N PRO B 11 -24.77 20.64 1.80
CA PRO B 11 -24.23 20.22 3.11
C PRO B 11 -25.29 19.67 4.04
N THR B 12 -26.51 20.22 4.02
CA THR B 12 -27.56 19.68 4.87
C THR B 12 -27.85 18.22 4.53
N ALA B 13 -27.85 17.88 3.24
CA ALA B 13 -28.06 16.51 2.80
C ALA B 13 -26.90 15.64 3.23
N GLU B 14 -25.66 16.12 3.04
CA GLU B 14 -24.50 15.35 3.44
C GLU B 14 -24.51 15.09 4.94
N ALA B 15 -24.83 16.11 5.74
CA ALA B 15 -24.88 15.89 7.18
C ALA B 15 -25.98 14.91 7.56
N TYR B 16 -27.10 14.92 6.84
CA TYR B 16 -28.19 13.99 7.15
C TYR B 16 -27.81 12.56 6.79
N ILE B 17 -27.23 12.37 5.61
CA ILE B 17 -26.83 11.03 5.22
C ILE B 17 -25.80 10.48 6.20
N VAL B 18 -24.85 11.33 6.62
CA VAL B 18 -23.81 10.88 7.55
C VAL B 18 -24.43 10.39 8.86
N SER B 19 -25.48 11.06 9.33
CA SER B 19 -26.13 10.65 10.57
C SER B 19 -27.21 9.60 10.36
N HIS B 20 -27.68 9.38 9.13
CA HIS B 20 -28.65 8.33 8.81
C HIS B 20 -28.14 7.53 7.61
N PRO B 21 -27.06 6.78 7.79
CA PRO B 21 -26.36 6.21 6.61
C PRO B 21 -27.09 5.04 5.94
N ASP B 22 -28.07 4.42 6.60
CA ASP B 22 -28.47 3.07 6.20
C ASP B 22 -29.01 3.03 4.78
N LYS B 23 -29.82 4.03 4.38
CA LYS B 23 -30.51 3.94 3.09
C LYS B 23 -29.57 4.16 1.93
N VAL B 24 -28.69 5.15 2.05
CA VAL B 24 -27.64 5.28 1.05
C VAL B 24 -26.67 4.09 1.13
N GLY B 25 -26.47 3.56 2.34
CA GLY B 25 -25.67 2.35 2.46
C GLY B 25 -26.20 1.21 1.61
N GLU B 26 -27.52 0.96 1.70
CA GLU B 26 -28.13 -0.11 0.93
C GLU B 26 -27.97 0.12 -0.56
N VAL B 27 -28.13 1.36 -1.01
CA VAL B 27 -27.96 1.68 -2.42
C VAL B 27 -26.57 1.29 -2.91
N VAL B 28 -25.55 1.59 -2.12
CA VAL B 28 -24.18 1.32 -2.54
C VAL B 28 -23.88 -0.17 -2.46
N ALA B 29 -24.41 -0.86 -1.44
CA ALA B 29 -24.24 -2.30 -1.38
C ALA B 29 -24.76 -2.93 -2.66
N THR B 30 -25.95 -2.52 -3.08
CA THR B 30 -26.56 -3.03 -4.30
C THR B 30 -25.74 -2.63 -5.52
N TYR B 31 -25.28 -1.38 -5.57
CA TYR B 31 -24.44 -0.98 -6.68
C TYR B 31 -23.18 -1.84 -6.77
N LEU B 32 -22.58 -2.17 -5.62
CA LEU B 32 -21.36 -2.98 -5.62
C LEU B 32 -21.65 -4.40 -6.07
N ALA B 33 -22.80 -4.95 -5.65
CA ALA B 33 -23.17 -6.31 -6.04
C ALA B 33 -23.41 -6.39 -7.55
N GLU B 34 -23.95 -5.33 -8.14
CA GLU B 34 -24.23 -5.33 -9.56
C GLU B 34 -23.10 -4.78 -10.40
N HIS B 35 -22.11 -4.11 -9.78
CA HIS B 35 -20.89 -3.68 -10.47
C HIS B 35 -19.68 -4.19 -9.68
N PRO B 36 -19.51 -5.51 -9.60
CA PRO B 36 -18.46 -6.06 -8.73
C PRO B 36 -17.06 -5.74 -9.20
N GLU B 37 -16.89 -5.22 -10.42
CA GLU B 37 -15.55 -4.79 -10.83
C GLU B 37 -14.94 -3.80 -9.83
N PHE B 38 -15.76 -3.11 -9.03
CA PHE B 38 -15.22 -2.18 -8.05
C PHE B 38 -14.63 -2.90 -6.83
N LEU B 39 -15.23 -4.04 -6.46
CA LEU B 39 -14.65 -4.86 -5.41
C LEU B 39 -13.40 -5.58 -5.89
N VAL B 40 -13.40 -6.03 -7.14
CA VAL B 40 -12.17 -6.55 -7.72
C VAL B 40 -11.08 -5.49 -7.66
N ALA B 41 -11.41 -4.26 -8.08
CA ALA B 41 -10.44 -3.16 -8.01
C ALA B 41 -9.96 -2.96 -6.58
N ALA B 42 -10.88 -2.92 -5.62
CA ALA B 42 -10.50 -2.74 -4.24
C ALA B 42 -9.57 -3.85 -3.78
N SER B 43 -9.86 -5.08 -4.19
CA SER B 43 -9.03 -6.21 -3.78
C SER B 43 -7.64 -6.14 -4.43
N GLU B 44 -7.56 -5.71 -5.69
CA GLU B 44 -6.24 -5.58 -6.30
C GLU B 44 -5.41 -4.48 -5.63
N THR B 45 -6.05 -3.42 -5.17
CA THR B 45 -5.32 -2.38 -4.45
C THR B 45 -4.74 -2.90 -3.14
N LEU B 46 -5.52 -3.71 -2.40
CA LEU B 46 -5.00 -4.34 -1.18
C LEU B 46 -3.84 -5.26 -1.49
N HIS B 47 -3.92 -5.97 -2.60
CA HIS B 47 -2.83 -6.82 -3.04
C HIS B 47 -1.58 -5.99 -3.34
N GLN B 48 -1.75 -4.89 -4.09
CA GLN B 48 -0.63 -4.00 -4.38
C GLN B 48 0.01 -3.42 -3.11
N ARG B 49 -0.81 -2.98 -2.16
CA ARG B 49 -0.27 -2.55 -0.87
C ARG B 49 0.57 -3.65 -0.24
N GLN B 50 0.09 -4.89 -0.29
CA GLN B 50 0.84 -6.02 0.24
C GLN B 50 2.18 -6.18 -0.46
N GLN B 51 2.19 -6.16 -1.79
CA GLN B 51 3.46 -6.25 -2.50
C GLN B 51 4.42 -5.15 -2.04
N ILE B 52 3.93 -3.91 -1.96
CA ILE B 52 4.80 -2.80 -1.58
C ILE B 52 5.40 -3.04 -0.21
N ALA B 53 4.56 -3.40 0.77
CA ALA B 53 5.06 -3.59 2.13
C ALA B 53 5.98 -4.80 2.21
N GLN B 54 5.73 -5.82 1.39
CA GLN B 54 6.61 -6.99 1.37
C GLN B 54 7.99 -6.64 0.85
N GLN B 55 8.07 -5.90 -0.26
N GLN B 55 8.03 -5.91 -0.27
CA GLN B 55 9.41 -5.59 -0.76
CA GLN B 55 9.28 -5.47 -0.87
C GLN B 55 10.12 -4.64 0.19
C GLN B 55 10.07 -4.63 0.13
N GLN B 56 9.39 -3.70 0.80
CA GLN B 56 10.06 -2.78 1.73
C GLN B 56 10.59 -3.54 2.95
N ALA B 57 9.86 -4.56 3.41
CA ALA B 57 10.31 -5.31 4.58
C ALA B 57 11.51 -6.20 4.23
N TYR B 58 11.44 -6.92 3.09
CA TYR B 58 12.59 -7.65 2.57
C TYR B 58 13.85 -6.80 2.54
N VAL B 59 13.75 -5.59 1.99
CA VAL B 59 14.94 -4.75 1.88
C VAL B 59 15.48 -4.43 3.27
N GLN B 60 14.61 -4.13 4.22
CA GLN B 60 15.04 -3.87 5.58
C GLN B 60 15.71 -5.10 6.19
N LEU B 61 15.11 -6.28 5.99
CA LEU B 61 15.72 -7.50 6.51
C LEU B 61 17.11 -7.72 5.91
N ALA B 62 17.27 -7.47 4.61
CA ALA B 62 18.59 -7.60 3.99
C ALA B 62 19.60 -6.67 4.64
N LEU B 63 19.19 -5.45 4.98
CA LEU B 63 20.10 -4.53 5.64
C LEU B 63 20.38 -4.95 7.07
N GLN B 64 19.37 -5.44 7.77
CA GLN B 64 19.56 -5.88 9.16
C GLN B 64 20.50 -7.09 9.22
N TYR B 65 20.40 -8.00 8.25
CA TYR B 65 21.19 -9.23 8.26
C TYR B 65 22.34 -9.19 7.26
N ARG B 66 22.83 -7.98 6.95
CA ARG B 66 23.91 -7.80 5.98
C ARG B 66 25.12 -8.66 6.33
N ALA B 67 25.61 -8.54 7.56
CA ALA B 67 26.84 -9.22 7.92
C ALA B 67 26.73 -10.71 7.70
N GLU B 68 25.57 -11.29 8.03
CA GLU B 68 25.40 -12.73 7.83
C GLU B 68 25.16 -13.07 6.36
N LEU B 69 24.42 -12.22 5.64
CA LEU B 69 24.27 -12.40 4.19
C LEU B 69 25.63 -12.39 3.47
N LEU B 70 26.55 -11.52 3.90
CA LEU B 70 27.81 -11.33 3.19
C LEU B 70 28.96 -12.04 3.88
N SER B 71 28.66 -12.93 4.82
CA SER B 71 29.69 -13.56 5.65
C SER B 71 30.82 -14.13 4.80
N SER B 72 32.05 -13.85 5.23
CA SER B 72 33.21 -14.48 4.64
C SER B 72 33.20 -15.98 4.79
N SER B 73 32.30 -16.53 5.62
CA SER B 73 32.25 -17.95 5.87
C SER B 73 31.47 -18.73 4.80
N SER B 74 30.68 -18.02 3.98
CA SER B 74 29.95 -18.75 2.94
C SER B 74 30.76 -18.81 1.65
N PRO B 75 30.55 -19.87 0.86
CA PRO B 75 31.21 -19.96 -0.45
C PRO B 75 30.90 -18.75 -1.32
N SER B 76 31.91 -18.27 -2.03
CA SER B 76 31.70 -17.15 -2.95
C SER B 76 32.82 -17.16 -3.98
N VAL B 77 32.52 -16.54 -5.12
CA VAL B 77 33.51 -16.21 -6.15
C VAL B 77 33.38 -14.71 -6.42
N GLY B 78 34.35 -14.19 -7.18
CA GLY B 78 34.42 -12.76 -7.37
C GLY B 78 35.17 -12.08 -6.24
N PRO B 79 35.42 -10.77 -6.37
CA PRO B 79 36.26 -10.08 -5.39
C PRO B 79 35.64 -10.07 -4.00
N ASN B 80 36.47 -10.37 -2.98
CA ASN B 80 35.97 -10.37 -1.62
C ASN B 80 35.27 -9.07 -1.29
N GLU B 81 35.80 -7.96 -1.79
CA GLU B 81 35.29 -6.65 -1.46
C GLU B 81 34.79 -5.95 -2.71
N ALA B 82 34.11 -6.73 -3.54
CA ALA B 82 33.32 -6.24 -4.64
C ALA B 82 32.35 -5.16 -4.16
N LYS B 83 32.06 -4.23 -5.04
CA LYS B 83 31.10 -3.19 -4.69
C LYS B 83 29.72 -3.79 -4.48
N ALA B 84 29.36 -4.81 -5.26
CA ALA B 84 28.03 -5.40 -5.19
C ALA B 84 28.14 -6.91 -4.94
N ALA B 85 27.14 -7.45 -4.23
CA ALA B 85 27.09 -8.87 -3.95
C ALA B 85 25.75 -9.45 -4.39
N VAL B 86 25.78 -10.70 -4.86
CA VAL B 86 24.58 -11.46 -5.18
C VAL B 86 24.57 -12.70 -4.30
N VAL B 87 23.51 -12.84 -3.50
CA VAL B 87 23.36 -13.95 -2.57
C VAL B 87 22.23 -14.85 -3.06
N MET B 88 22.48 -16.16 -3.07
CA MET B 88 21.58 -17.14 -3.66
C MET B 88 21.34 -18.27 -2.68
N PHE B 89 20.08 -18.57 -2.46
CA PHE B 89 19.66 -19.71 -1.66
C PHE B 89 19.05 -20.75 -2.57
N PHE B 90 19.41 -22.02 -2.39
CA PHE B 90 19.05 -23.02 -3.38
C PHE B 90 19.10 -24.41 -2.76
N ASP B 91 18.28 -25.30 -3.31
CA ASP B 91 18.37 -26.74 -3.14
C ASP B 91 18.72 -27.34 -4.50
N TYR B 92 19.61 -28.33 -4.52
CA TYR B 92 20.08 -28.85 -5.80
C TYR B 92 18.99 -29.55 -6.60
N GLN B 93 17.91 -29.98 -5.95
CA GLN B 93 16.84 -30.68 -6.65
C GLN B 93 15.62 -29.80 -6.88
N CYS B 94 15.71 -28.53 -6.53
CA CYS B 94 14.70 -27.54 -6.90
C CYS B 94 14.78 -27.30 -8.41
N SER B 95 13.66 -27.53 -9.09
CA SER B 95 13.65 -27.46 -10.55
C SER B 95 13.97 -26.05 -11.06
N TRP B 96 13.41 -25.01 -10.41
CA TRP B 96 13.75 -23.64 -10.78
C TRP B 96 15.21 -23.32 -10.50
N CYS B 97 15.76 -23.80 -9.38
CA CYS B 97 17.17 -23.55 -9.12
C CYS B 97 18.02 -24.16 -10.22
N SER B 98 17.62 -25.34 -10.70
CA SER B 98 18.37 -25.99 -11.76
C SER B 98 18.34 -25.14 -13.03
N LYS B 99 17.15 -24.66 -13.42
CA LYS B 99 17.03 -23.84 -14.61
C LYS B 99 17.79 -22.53 -14.48
N MET B 100 17.84 -21.96 -13.26
CA MET B 100 18.64 -20.77 -13.00
C MET B 100 20.13 -21.00 -13.20
N ALA B 101 20.60 -22.24 -13.07
CA ALA B 101 22.04 -22.51 -12.97
C ALA B 101 22.81 -21.85 -14.11
N PRO B 102 22.49 -22.14 -15.38
CA PRO B 102 23.20 -21.47 -16.48
C PRO B 102 23.05 -19.96 -16.46
N VAL B 103 21.91 -19.44 -15.97
CA VAL B 103 21.75 -18.00 -15.88
C VAL B 103 22.76 -17.41 -14.92
N VAL B 104 23.00 -18.11 -13.80
CA VAL B 104 23.96 -17.64 -12.81
C VAL B 104 25.38 -17.78 -13.32
N GLU B 105 25.67 -18.83 -14.09
CA GLU B 105 26.95 -18.90 -14.78
C GLU B 105 27.17 -17.68 -15.68
N ASN B 106 26.20 -17.38 -16.56
CA ASN B 106 26.38 -16.23 -17.43
C ASN B 106 26.66 -14.97 -16.62
N LEU B 107 25.83 -14.73 -15.59
CA LEU B 107 25.98 -13.51 -14.80
C LEU B 107 27.38 -13.42 -14.17
N ILE B 108 27.93 -14.55 -13.74
CA ILE B 108 29.26 -14.53 -13.11
C ILE B 108 30.33 -14.19 -14.14
N LYS B 109 30.26 -14.81 -15.30
CA LYS B 109 31.17 -14.48 -16.40
C LYS B 109 31.00 -13.05 -16.85
N ALA B 110 29.78 -12.52 -16.80
CA ALA B 110 29.54 -11.17 -17.25
C ALA B 110 29.88 -10.14 -16.18
N ASN B 111 29.97 -10.53 -14.92
CA ASN B 111 30.23 -9.57 -13.83
C ASN B 111 31.41 -10.04 -12.98
N PRO B 112 32.64 -9.91 -13.51
CA PRO B 112 33.80 -10.46 -12.80
C PRO B 112 34.22 -9.70 -11.55
N ASP B 113 33.81 -8.44 -11.37
CA ASP B 113 34.13 -7.74 -10.13
C ASP B 113 32.97 -7.68 -9.15
N THR B 114 32.01 -8.59 -9.30
CA THR B 114 30.89 -8.72 -8.39
C THR B 114 31.06 -10.02 -7.61
N ARG B 115 30.66 -10.00 -6.34
CA ARG B 115 30.78 -11.14 -5.46
C ARG B 115 29.51 -11.96 -5.53
N PHE B 116 29.64 -13.25 -5.82
CA PHE B 116 28.49 -14.16 -5.83
C PHE B 116 28.60 -15.11 -4.64
N ILE B 117 27.59 -15.09 -3.78
CA ILE B 117 27.58 -15.83 -2.52
C ILE B 117 26.52 -16.92 -2.60
N PHE B 118 26.90 -18.14 -2.19
CA PHE B 118 26.08 -19.34 -2.33
C PHE B 118 25.64 -19.82 -0.95
N LYS B 119 24.34 -19.76 -0.68
CA LYS B 119 23.78 -20.19 0.60
C LYS B 119 23.11 -21.55 0.37
N GLU B 120 23.83 -22.63 0.64
CA GLU B 120 23.25 -23.96 0.54
C GLU B 120 22.04 -24.05 1.46
N PHE B 121 20.86 -24.25 0.89
CA PHE B 121 19.61 -24.21 1.64
C PHE B 121 18.75 -25.39 1.18
N PRO B 122 19.09 -26.60 1.61
CA PRO B 122 18.40 -27.81 1.10
C PRO B 122 17.02 -28.03 1.73
N ILE B 123 16.04 -27.21 1.33
CA ILE B 123 14.70 -27.30 1.93
C ILE B 123 14.03 -28.64 1.68
N PHE B 124 14.52 -29.43 0.72
CA PHE B 124 13.96 -30.75 0.40
C PHE B 124 14.57 -31.88 1.20
N SER B 125 15.53 -31.62 2.09
CA SER B 125 16.31 -32.72 2.66
C SER B 125 15.49 -33.70 3.48
N SER B 126 14.33 -33.29 4.01
CA SER B 126 13.44 -34.26 4.66
C SER B 126 12.75 -35.13 3.61
N ARG B 127 12.28 -34.52 2.53
CA ARG B 127 11.66 -35.27 1.45
C ARG B 127 12.68 -36.18 0.78
N TRP B 128 13.85 -35.64 0.43
CA TRP B 128 14.88 -36.36 -0.31
C TRP B 128 16.23 -36.13 0.35
N PRO B 129 16.70 -37.07 1.18
CA PRO B 129 17.97 -36.84 1.91
C PRO B 129 19.17 -36.58 1.00
N VAL B 130 19.15 -37.07 -0.25
CA VAL B 130 20.20 -36.73 -1.20
C VAL B 130 20.33 -35.21 -1.37
N SER B 131 19.22 -34.47 -1.24
CA SER B 131 19.35 -33.02 -1.22
C SER B 131 20.26 -32.54 -0.08
N GLY B 132 20.12 -33.15 1.10
CA GLY B 132 20.97 -32.78 2.23
C GLY B 132 22.42 -33.20 2.02
N LEU B 133 22.62 -34.42 1.56
CA LEU B 133 23.96 -34.89 1.22
C LEU B 133 24.66 -33.93 0.26
N ALA B 134 23.94 -33.51 -0.80
CA ALA B 134 24.55 -32.63 -1.79
C ALA B 134 24.92 -31.28 -1.19
N ALA B 135 24.12 -30.78 -0.24
CA ALA B 135 24.49 -29.53 0.40
C ALA B 135 25.74 -29.71 1.25
N ARG B 136 25.83 -30.85 1.94
CA ARG B 136 26.98 -31.10 2.81
C ARG B 136 28.25 -31.24 1.98
N VAL B 137 28.15 -31.89 0.82
CA VAL B 137 29.30 -32.03 -0.06
C VAL B 137 29.74 -30.67 -0.58
N GLY B 138 28.78 -29.83 -0.98
CA GLY B 138 29.10 -28.48 -1.39
C GLY B 138 29.85 -27.70 -0.32
N GLU B 139 29.33 -27.71 0.91
CA GLU B 139 30.06 -27.09 2.01
C GLU B 139 31.46 -27.68 2.13
N GLN B 140 31.58 -29.02 2.07
CA GLN B 140 32.89 -29.62 2.23
C GLN B 140 33.85 -29.21 1.11
N VAL B 141 33.34 -29.02 -0.10
CA VAL B 141 34.22 -28.58 -1.18
C VAL B 141 34.69 -27.16 -0.94
N TRP B 142 33.78 -26.27 -0.51
CA TRP B 142 34.16 -24.91 -0.15
C TRP B 142 35.21 -24.92 0.96
N LEU B 143 34.92 -25.62 2.06
CA LEU B 143 35.82 -25.55 3.21
C LEU B 143 37.21 -26.08 2.89
N THR B 144 37.30 -27.06 2.00
CA THR B 144 38.57 -27.72 1.75
C THR B 144 39.21 -27.36 0.41
N GLN B 145 38.50 -26.69 -0.48
CA GLN B 145 39.07 -26.40 -1.80
C GLN B 145 38.92 -24.95 -2.27
N GLY B 146 38.07 -24.13 -1.62
CA GLY B 146 37.92 -22.74 -2.03
C GLY B 146 36.81 -22.54 -3.05
N GLY B 147 36.64 -21.28 -3.46
CA GLY B 147 35.47 -20.86 -4.19
C GLY B 147 35.42 -21.34 -5.63
N ALA B 148 36.58 -21.31 -6.31
CA ALA B 148 36.58 -21.75 -7.71
C ALA B 148 36.19 -23.22 -7.80
N LYS B 149 36.74 -24.06 -6.93
CA LYS B 149 36.37 -25.48 -6.95
C LYS B 149 34.91 -25.66 -6.54
N TYR B 150 34.47 -24.91 -5.53
CA TYR B 150 33.07 -24.94 -5.16
C TYR B 150 32.17 -24.67 -6.36
N LEU B 151 32.50 -23.64 -7.15
CA LEU B 151 31.64 -23.30 -8.28
C LEU B 151 31.58 -24.42 -9.31
N ASP B 152 32.73 -25.02 -9.63
CA ASP B 152 32.76 -26.16 -10.55
C ASP B 152 31.83 -27.26 -10.06
N TRP B 153 32.03 -27.70 -8.82
CA TRP B 153 31.15 -28.67 -8.19
C TRP B 153 29.68 -28.30 -8.35
N HIS B 154 29.37 -27.05 -8.01
CA HIS B 154 28.00 -26.56 -7.99
C HIS B 154 27.41 -26.59 -9.39
N ASN B 155 28.17 -26.16 -10.39
CA ASN B 155 27.62 -26.22 -11.73
C ASN B 155 27.56 -27.65 -12.23
N ALA B 156 28.57 -28.46 -11.87
CA ALA B 156 28.58 -29.83 -12.35
C ALA B 156 27.37 -30.58 -11.81
N LEU B 157 27.03 -30.34 -10.54
CA LEU B 157 25.92 -31.09 -9.94
C LEU B 157 24.60 -30.71 -10.61
N TYR B 158 24.36 -29.41 -10.82
CA TYR B 158 23.18 -29.02 -11.56
C TYR B 158 23.19 -29.60 -12.97
N ALA B 159 24.38 -29.80 -13.56
CA ALA B 159 24.45 -30.35 -14.90
C ALA B 159 23.90 -31.76 -14.97
N THR B 160 23.77 -32.45 -13.83
CA THR B 160 23.17 -33.77 -13.89
C THR B 160 21.75 -33.72 -14.42
N GLY B 161 21.06 -32.58 -14.27
CA GLY B 161 19.66 -32.53 -14.66
C GLY B 161 18.74 -33.26 -13.74
N LYS B 162 19.24 -33.79 -12.63
CA LYS B 162 18.49 -34.65 -11.73
C LYS B 162 17.86 -33.79 -10.64
N VAL B 163 16.54 -33.62 -10.72
CA VAL B 163 15.79 -32.77 -9.80
C VAL B 163 14.58 -33.52 -9.30
N GLU B 164 13.87 -32.87 -8.36
CA GLU B 164 12.56 -33.32 -7.90
C GLU B 164 12.57 -34.79 -7.48
N GLY B 165 13.61 -35.17 -6.73
CA GLY B 165 13.73 -36.48 -6.15
C GLY B 165 14.65 -37.43 -6.88
N ALA B 166 15.00 -37.13 -8.12
CA ALA B 166 15.72 -38.09 -8.95
C ALA B 166 17.22 -38.16 -8.66
N LEU B 167 17.77 -37.25 -7.87
CA LEU B 167 19.21 -37.23 -7.61
C LEU B 167 19.58 -38.34 -6.62
N THR B 168 20.50 -39.23 -7.01
CA THR B 168 20.88 -40.36 -6.18
C THR B 168 22.23 -40.14 -5.48
N GLU B 169 22.49 -40.96 -4.47
CA GLU B 169 23.81 -40.95 -3.83
C GLU B 169 24.91 -41.18 -4.85
N HIS B 170 24.71 -42.14 -5.76
CA HIS B 170 25.73 -42.43 -6.76
C HIS B 170 26.00 -41.22 -7.63
N ASP B 171 24.95 -40.49 -8.05
CA ASP B 171 25.18 -39.24 -8.77
C ASP B 171 26.10 -38.32 -7.97
N VAL B 172 25.84 -38.17 -6.67
CA VAL B 172 26.59 -37.21 -5.86
C VAL B 172 28.01 -37.74 -5.63
N TYR B 173 28.14 -39.00 -5.23
CA TYR B 173 29.46 -39.56 -4.98
C TYR B 173 30.32 -39.57 -6.23
N THR B 174 29.74 -39.97 -7.37
CA THR B 174 30.51 -40.02 -8.60
C THR B 174 31.12 -38.66 -8.92
N LEU B 175 30.32 -37.62 -8.78
CA LEU B 175 30.82 -36.30 -9.10
C LEU B 175 31.71 -35.76 -7.97
N ALA B 176 31.41 -36.11 -6.71
CA ALA B 176 32.15 -35.53 -5.58
C ALA B 176 33.59 -36.01 -5.51
N GLN B 177 33.86 -37.23 -6.01
CA GLN B 177 35.23 -37.74 -6.04
C GLN B 177 36.19 -36.82 -6.77
N HIS B 178 35.70 -36.04 -7.73
CA HIS B 178 36.57 -35.15 -8.47
C HIS B 178 36.94 -33.90 -7.68
N TYR B 179 36.23 -33.64 -6.57
CA TYR B 179 36.52 -32.49 -5.75
C TYR B 179 37.05 -32.83 -4.36
N LEU B 180 36.77 -34.03 -3.85
CA LEU B 180 37.11 -34.39 -2.48
C LEU B 180 37.90 -35.68 -2.44
N THR B 181 38.82 -35.77 -1.49
CA THR B 181 39.42 -37.05 -1.18
C THR B 181 38.40 -37.99 -0.55
N PRO B 182 38.66 -39.30 -0.60
CA PRO B 182 37.74 -40.26 0.04
C PRO B 182 37.44 -39.88 1.49
N THR B 183 38.43 -39.43 2.26
CA THR B 183 38.20 -39.07 3.65
C THR B 183 37.32 -37.83 3.77
N GLN B 184 37.58 -36.78 2.96
CA GLN B 184 36.74 -35.58 3.03
C GLN B 184 35.31 -35.89 2.61
N LEU B 185 35.14 -36.79 1.64
CA LEU B 185 33.79 -37.20 1.24
C LEU B 185 33.15 -38.07 2.32
N ALA B 186 33.89 -39.05 2.84
CA ALA B 186 33.34 -39.89 3.89
C ALA B 186 32.86 -39.07 5.09
N ALA B 187 33.48 -37.92 5.33
CA ALA B 187 33.09 -37.13 6.49
C ALA B 187 31.73 -36.45 6.33
N VAL B 188 31.17 -36.36 5.13
CA VAL B 188 29.85 -35.74 4.99
C VAL B 188 28.80 -36.70 4.45
N LYS B 189 29.06 -38.00 4.46
CA LYS B 189 28.05 -38.93 3.98
C LYS B 189 26.80 -38.91 4.85
N GLU B 190 26.94 -38.64 6.15
CA GLU B 190 25.83 -38.42 7.06
C GLU B 190 26.00 -37.10 7.82
N ALA B 191 24.88 -36.45 8.14
CA ALA B 191 24.92 -35.23 8.94
C ALA B 191 25.35 -35.55 10.37
N GLN B 192 26.10 -34.63 10.97
CA GLN B 192 26.52 -34.68 12.37
C GLN B 192 25.79 -33.60 13.16
N SER B 193 25.89 -33.67 14.48
CA SER B 193 25.30 -32.65 15.35
C SER B 193 26.21 -31.47 15.63
N SER B 194 27.49 -31.54 15.24
CA SER B 194 28.35 -30.36 15.28
C SER B 194 29.38 -30.50 14.16
N GLY B 195 30.32 -29.57 14.12
CA GLY B 195 31.24 -29.47 13.02
C GLY B 195 30.90 -28.31 12.09
N ALA B 196 31.87 -27.99 11.23
CA ALA B 196 31.78 -26.79 10.42
C ALA B 196 30.66 -26.89 9.39
N VAL B 197 30.47 -28.07 8.79
CA VAL B 197 29.42 -28.23 7.80
C VAL B 197 28.05 -28.08 8.44
N HIS B 198 27.86 -28.73 9.59
CA HIS B 198 26.61 -28.57 10.33
C HIS B 198 26.35 -27.10 10.68
N ASP B 199 27.39 -26.39 11.15
CA ASP B 199 27.19 -25.00 11.58
C ASP B 199 26.82 -24.11 10.40
N ALA B 200 27.45 -24.35 9.25
CA ALA B 200 27.13 -23.54 8.06
C ALA B 200 25.70 -23.79 7.61
N LEU B 201 25.30 -25.06 7.47
CA LEU B 201 23.96 -25.32 7.01
C LEU B 201 22.93 -24.80 8.01
N LEU B 202 23.21 -24.93 9.31
CA LEU B 202 22.28 -24.40 10.32
C LEU B 202 22.17 -22.87 10.23
N THR B 203 23.30 -22.16 10.13
CA THR B 203 23.19 -20.70 10.06
C THR B 203 22.50 -20.25 8.78
N ASN B 204 22.77 -20.92 7.65
CA ASN B 204 22.03 -20.65 6.42
C ASN B 204 20.53 -20.80 6.66
N GLN B 205 20.13 -21.89 7.31
CA GLN B 205 18.71 -22.10 7.58
C GLN B 205 18.14 -20.96 8.40
N ALA B 206 18.86 -20.55 9.45
CA ALA B 206 18.32 -19.51 10.33
C ALA B 206 18.30 -18.17 9.61
N LEU B 207 19.28 -17.94 8.73
CA LEU B 207 19.27 -16.76 7.87
C LEU B 207 18.02 -16.75 6.99
N ALA B 208 17.76 -17.86 6.29
CA ALA B 208 16.58 -17.92 5.42
C ALA B 208 15.31 -17.65 6.23
N GLN B 209 15.20 -18.22 7.43
CA GLN B 209 14.02 -17.95 8.24
C GLN B 209 13.95 -16.47 8.61
N HIS B 210 15.10 -15.84 8.87
CA HIS B 210 15.08 -14.43 9.19
C HIS B 210 14.64 -13.58 8.02
N MET B 211 14.96 -14.02 6.80
CA MET B 211 14.57 -13.35 5.58
C MET B 211 13.18 -13.74 5.09
N ASP B 212 12.54 -14.74 5.71
CA ASP B 212 11.27 -15.28 5.22
C ASP B 212 11.42 -15.86 3.80
N PHE B 213 12.55 -16.53 3.55
CA PHE B 213 12.69 -17.35 2.35
C PHE B 213 12.19 -18.74 2.71
N SER B 214 10.90 -18.96 2.53
CA SER B 214 10.36 -20.27 2.84
C SER B 214 10.49 -21.24 1.66
N GLY B 215 10.79 -20.74 0.46
CA GLY B 215 11.07 -21.59 -0.68
C GLY B 215 12.38 -21.17 -1.33
N THR B 216 12.75 -21.91 -2.38
CA THR B 216 13.93 -21.70 -3.20
C THR B 216 13.50 -21.57 -4.65
N PRO B 217 14.26 -20.85 -5.49
CA PRO B 217 15.46 -20.09 -5.10
C PRO B 217 15.10 -18.76 -4.45
N ALA B 218 16.08 -18.03 -3.92
CA ALA B 218 15.86 -16.69 -3.42
C ALA B 218 17.16 -15.91 -3.65
N PHE B 219 17.04 -14.64 -3.99
CA PHE B 219 18.18 -13.82 -4.37
C PHE B 219 18.15 -12.52 -3.57
N VAL B 220 19.31 -12.13 -3.07
CA VAL B 220 19.51 -10.82 -2.49
C VAL B 220 20.65 -10.17 -3.25
N VAL B 221 20.41 -8.99 -3.81
CA VAL B 221 21.41 -8.19 -4.50
C VAL B 221 21.56 -6.86 -3.74
N MET B 222 22.79 -6.51 -3.39
CA MET B 222 22.97 -5.37 -2.49
C MET B 222 24.42 -4.91 -2.53
N PRO B 223 24.67 -3.63 -2.29
CA PRO B 223 26.06 -3.17 -2.10
C PRO B 223 26.65 -3.82 -0.87
N GLN B 224 27.95 -4.09 -0.91
CA GLN B 224 28.55 -4.63 0.30
C GLN B 224 28.78 -3.54 1.35
N THR B 225 28.96 -2.29 0.91
CA THR B 225 29.18 -1.18 1.82
C THR B 225 28.01 -0.98 2.77
N GLN B 226 28.32 -0.62 4.02
CA GLN B 226 27.29 -0.44 5.03
C GLN B 226 26.42 0.78 4.73
N ASP B 227 27.05 1.89 4.38
CA ASP B 227 26.35 3.04 3.82
C ASP B 227 25.52 2.57 2.64
N GLY B 228 24.20 2.46 2.82
CA GLY B 228 23.38 1.91 1.78
C GLY B 228 22.09 2.66 1.52
N ASP B 229 21.82 2.93 0.25
CA ASP B 229 20.51 3.41 -0.17
C ASP B 229 19.61 2.19 -0.38
N VAL B 230 18.40 2.25 0.16
CA VAL B 230 17.48 1.13 -0.01
C VAL B 230 17.16 0.89 -1.48
N LYS B 231 17.36 1.91 -2.34
CA LYS B 231 17.07 1.78 -3.77
C LYS B 231 18.10 0.95 -4.51
N ARG B 232 19.25 0.65 -3.88
CA ARG B 232 20.25 -0.22 -4.46
C ARG B 232 20.09 -1.69 -4.03
N VAL B 233 19.11 -1.99 -3.20
CA VAL B 233 18.93 -3.34 -2.64
C VAL B 233 17.73 -4.00 -3.34
N THR B 234 17.96 -5.15 -3.94
CA THR B 234 16.92 -5.91 -4.61
C THR B 234 16.83 -7.28 -3.96
N VAL B 235 15.61 -7.67 -3.58
CA VAL B 235 15.33 -8.97 -3.02
C VAL B 235 14.29 -9.66 -3.90
N ILE B 236 14.64 -10.80 -4.46
CA ILE B 236 13.77 -11.55 -5.35
C ILE B 236 13.56 -12.93 -4.77
N PRO B 237 12.41 -13.18 -4.16
CA PRO B 237 12.22 -14.45 -3.44
C PRO B 237 11.59 -15.54 -4.29
N GLY B 238 12.02 -15.68 -5.54
CA GLY B 238 11.70 -16.83 -6.37
C GLY B 238 12.61 -16.83 -7.58
N SER B 239 12.21 -17.56 -8.62
CA SER B 239 13.00 -17.54 -9.84
C SER B 239 12.80 -16.22 -10.60
N THR B 240 13.79 -15.89 -11.42
CA THR B 240 13.77 -14.62 -12.14
C THR B 240 14.59 -14.80 -13.42
N THR B 241 14.74 -13.71 -14.19
CA THR B 241 15.46 -13.75 -15.46
C THR B 241 16.85 -13.11 -15.31
N GLN B 242 17.72 -13.39 -16.29
CA GLN B 242 19.08 -12.82 -16.23
C GLN B 242 19.03 -11.30 -16.26
N ASP B 243 18.17 -10.74 -17.12
CA ASP B 243 18.07 -9.28 -17.25
C ASP B 243 17.67 -8.67 -15.93
N MET B 244 16.84 -9.38 -15.19
CA MET B 244 16.33 -8.83 -13.95
C MET B 244 17.44 -8.77 -12.89
N LEU B 245 18.24 -9.84 -12.80
CA LEU B 245 19.39 -9.84 -11.91
C LEU B 245 20.44 -8.83 -12.37
N GLN B 246 20.67 -8.73 -13.68
CA GLN B 246 21.70 -7.79 -14.16
C GLN B 246 21.36 -6.35 -13.79
N MET B 247 20.09 -5.97 -13.90
CA MET B 247 19.75 -4.61 -13.50
C MET B 247 19.91 -4.42 -12.01
N ALA B 248 19.54 -5.44 -11.23
CA ALA B 248 19.74 -5.37 -9.79
C ALA B 248 21.23 -5.15 -9.48
N ILE B 249 22.10 -5.81 -10.24
CA ILE B 249 23.54 -5.66 -10.03
C ILE B 249 23.99 -4.24 -10.37
N GLN B 250 23.49 -3.68 -11.47
CA GLN B 250 23.82 -2.29 -11.80
C GLN B 250 23.38 -1.34 -10.70
N LYS B 251 22.16 -1.50 -10.18
CA LYS B 251 21.72 -0.64 -9.08
C LYS B 251 22.62 -0.80 -7.86
N ALA B 252 23.04 -2.02 -7.55
CA ALA B 252 23.88 -2.25 -6.38
C ALA B 252 25.28 -1.71 -6.59
N LYS B 253 25.73 -1.63 -7.84
CA LYS B 253 27.05 -1.06 -8.13
C LYS B 253 27.08 0.43 -7.83
N GLY B 254 25.94 1.11 -7.89
CA GLY B 254 25.89 2.53 -7.64
C GLY B 254 25.96 3.35 -8.92
N SER C 7 -34.10 25.77 -6.03
CA SER C 7 -33.78 24.65 -6.92
C SER C 7 -34.30 23.31 -6.37
N GLN C 8 -34.02 22.21 -7.09
CA GLN C 8 -34.56 20.91 -6.75
C GLN C 8 -33.57 20.16 -5.85
N ILE C 9 -34.04 19.71 -4.69
CA ILE C 9 -33.15 19.16 -3.67
C ILE C 9 -32.39 17.94 -4.20
N GLY C 10 -33.11 16.98 -4.79
CA GLY C 10 -32.53 15.73 -5.21
C GLY C 10 -31.30 15.90 -6.09
N PRO C 11 -31.47 16.56 -7.24
CA PRO C 11 -30.33 16.67 -8.17
C PRO C 11 -29.18 17.52 -7.65
N THR C 12 -29.42 18.63 -6.96
CA THR C 12 -28.29 19.40 -6.46
C THR C 12 -27.64 18.75 -5.24
N ALA C 13 -28.44 18.06 -4.41
CA ALA C 13 -27.87 17.28 -3.33
C ALA C 13 -26.97 16.18 -3.87
N GLU C 14 -27.38 15.57 -4.98
CA GLU C 14 -26.59 14.51 -5.58
C GLU C 14 -25.30 15.07 -6.17
N ALA C 15 -25.41 16.17 -6.93
CA ALA C 15 -24.22 16.82 -7.47
C ALA C 15 -23.21 17.17 -6.39
N TYR C 16 -23.69 17.54 -5.19
CA TYR C 16 -22.80 17.97 -4.11
C TYR C 16 -22.05 16.80 -3.49
N ILE C 17 -22.71 15.65 -3.37
CA ILE C 17 -22.01 14.44 -2.90
C ILE C 17 -21.03 13.95 -3.95
N VAL C 18 -21.43 13.98 -5.22
CA VAL C 18 -20.51 13.55 -6.28
C VAL C 18 -19.21 14.34 -6.21
N SER C 19 -19.31 15.64 -5.92
CA SER C 19 -18.15 16.52 -5.80
C SER C 19 -17.38 16.30 -4.51
N HIS C 20 -18.07 15.87 -3.46
CA HIS C 20 -17.54 15.82 -2.09
C HIS C 20 -17.90 14.48 -1.52
N PRO C 21 -17.31 13.40 -2.05
CA PRO C 21 -17.79 12.05 -1.74
C PRO C 21 -17.30 11.48 -0.42
N ASP C 22 -16.32 12.12 0.24
CA ASP C 22 -15.53 11.42 1.25
C ASP C 22 -16.34 11.11 2.51
N LYS C 23 -17.14 12.07 3.00
CA LYS C 23 -17.84 11.83 4.25
C LYS C 23 -18.94 10.78 4.09
N VAL C 24 -19.63 10.78 2.95
CA VAL C 24 -20.59 9.72 2.69
C VAL C 24 -19.86 8.38 2.51
N GLY C 25 -18.71 8.41 1.83
CA GLY C 25 -17.93 7.20 1.66
C GLY C 25 -17.56 6.57 2.99
N GLU C 26 -17.20 7.39 3.97
CA GLU C 26 -16.81 6.87 5.27
C GLU C 26 -17.99 6.20 5.98
N VAL C 27 -19.16 6.83 6.00
CA VAL C 27 -20.25 6.18 6.71
C VAL C 27 -20.74 4.96 5.95
N VAL C 28 -20.69 4.98 4.60
CA VAL C 28 -21.02 3.79 3.82
C VAL C 28 -20.03 2.67 4.10
N ALA C 29 -18.73 3.00 4.13
CA ALA C 29 -17.73 1.97 4.49
C ALA C 29 -18.06 1.32 5.82
N THR C 30 -18.40 2.14 6.84
CA THR C 30 -18.86 1.57 8.11
C THR C 30 -20.12 0.71 7.92
N TYR C 31 -21.04 1.14 7.06
CA TYR C 31 -22.26 0.38 6.84
C TYR C 31 -21.97 -0.95 6.15
N LEU C 32 -21.12 -0.92 5.12
CA LEU C 32 -20.78 -2.14 4.40
C LEU C 32 -20.14 -3.19 5.32
N ALA C 33 -19.31 -2.75 6.28
CA ALA C 33 -18.68 -3.69 7.20
C ALA C 33 -19.71 -4.35 8.11
N GLU C 34 -20.84 -3.70 8.34
CA GLU C 34 -21.87 -4.24 9.20
C GLU C 34 -22.93 -5.03 8.45
N HIS C 35 -23.01 -4.87 7.13
CA HIS C 35 -23.99 -5.53 6.28
C HIS C 35 -23.24 -6.12 5.08
N PRO C 36 -22.59 -7.26 5.27
CA PRO C 36 -21.68 -7.78 4.24
C PRO C 36 -22.34 -8.66 3.18
N GLU C 37 -23.67 -8.75 3.17
N GLU C 37 -23.66 -8.78 3.15
CA GLU C 37 -24.36 -9.56 2.18
CA GLU C 37 -24.26 -9.66 2.16
C GLU C 37 -23.93 -9.23 0.76
C GLU C 37 -23.91 -9.24 0.73
N PHE C 38 -23.59 -7.97 0.50
CA PHE C 38 -23.24 -7.55 -0.85
C PHE C 38 -22.04 -8.31 -1.40
N LEU C 39 -21.15 -8.80 -0.53
CA LEU C 39 -20.01 -9.59 -1.00
C LEU C 39 -20.46 -10.88 -1.66
N VAL C 40 -21.44 -11.55 -1.07
CA VAL C 40 -21.94 -12.77 -1.67
C VAL C 40 -22.64 -12.47 -3.00
N ALA C 41 -23.49 -11.44 -3.02
CA ALA C 41 -24.18 -11.10 -4.26
C ALA C 41 -23.20 -10.68 -5.35
N ALA C 42 -22.09 -10.05 -4.97
CA ALA C 42 -21.13 -9.62 -5.98
C ALA C 42 -20.46 -10.82 -6.64
N SER C 43 -20.16 -11.86 -5.85
CA SER C 43 -19.53 -13.06 -6.39
C SER C 43 -20.47 -13.79 -7.36
N GLU C 44 -21.77 -13.79 -7.06
CA GLU C 44 -22.71 -14.39 -7.99
C GLU C 44 -22.68 -13.66 -9.32
N THR C 45 -22.70 -12.32 -9.28
CA THR C 45 -22.61 -11.52 -10.50
C THR C 45 -21.32 -11.78 -11.26
N LEU C 46 -20.20 -11.93 -10.55
CA LEU C 46 -18.96 -12.27 -11.22
C LEU C 46 -19.03 -13.66 -11.85
N HIS C 47 -19.66 -14.62 -11.16
CA HIS C 47 -19.84 -15.94 -11.73
C HIS C 47 -20.66 -15.89 -13.02
N GLN C 48 -21.72 -15.07 -13.05
CA GLN C 48 -22.56 -15.01 -14.23
C GLN C 48 -21.78 -14.46 -15.43
N ARG C 49 -21.06 -13.35 -15.23
CA ARG C 49 -20.27 -12.78 -16.30
C ARG C 49 -19.30 -13.80 -16.89
N GLN C 50 -18.73 -14.66 -16.04
CA GLN C 50 -17.77 -15.66 -16.49
C GLN C 50 -18.44 -16.80 -17.25
N GLN C 51 -19.70 -17.11 -16.93
CA GLN C 51 -20.44 -18.11 -17.70
C GLN C 51 -20.49 -17.73 -19.17
N ILE C 52 -20.66 -16.45 -19.46
CA ILE C 52 -20.71 -15.95 -20.83
C ILE C 52 -19.40 -15.28 -21.24
N ALA C 53 -18.37 -15.34 -20.41
CA ALA C 53 -17.08 -14.86 -20.84
C ALA C 53 -16.63 -15.65 -22.06
N GLN C 54 -15.73 -15.06 -22.83
CA GLN C 54 -15.36 -15.65 -24.10
C GLN C 54 -14.08 -16.48 -24.01
N GLN C 55 -14.18 -17.68 -24.56
CA GLN C 55 -13.23 -18.75 -24.33
C GLN C 55 -11.91 -18.46 -25.03
N GLN C 56 -11.98 -17.99 -26.27
CA GLN C 56 -10.77 -17.63 -27.00
C GLN C 56 -9.97 -16.57 -26.26
N ALA C 57 -10.62 -15.63 -25.56
CA ALA C 57 -9.89 -14.64 -24.78
C ALA C 57 -9.35 -15.21 -23.46
N TYR C 58 -9.98 -16.25 -22.92
CA TYR C 58 -9.37 -16.93 -21.78
C TYR C 58 -8.19 -17.80 -22.20
N VAL C 59 -8.30 -18.48 -23.33
CA VAL C 59 -7.18 -19.29 -23.81
C VAL C 59 -5.94 -18.41 -23.97
N GLN C 60 -6.10 -17.25 -24.62
CA GLN C 60 -4.97 -16.36 -24.82
C GLN C 60 -4.37 -15.93 -23.49
N LEU C 61 -5.21 -15.66 -22.48
CA LEU C 61 -4.66 -15.39 -21.16
C LEU C 61 -3.85 -16.58 -20.66
N ALA C 62 -4.44 -17.77 -20.72
CA ALA C 62 -3.76 -18.96 -20.22
C ALA C 62 -2.43 -19.15 -20.91
N LEU C 63 -2.39 -19.00 -22.23
CA LEU C 63 -1.12 -19.10 -22.92
C LEU C 63 -0.15 -18.04 -22.46
N GLN C 64 -0.63 -16.81 -22.24
CA GLN C 64 0.29 -15.76 -21.83
C GLN C 64 0.94 -16.08 -20.49
N TYR C 65 0.22 -16.76 -19.61
CA TYR C 65 0.72 -17.03 -18.27
C TYR C 65 1.11 -18.49 -18.08
N ARG C 66 1.47 -19.18 -19.16
CA ARG C 66 1.69 -20.62 -19.08
C ARG C 66 2.86 -20.97 -18.16
N ALA C 67 3.90 -20.14 -18.15
CA ALA C 67 5.06 -20.44 -17.31
C ALA C 67 4.68 -20.41 -15.84
N GLU C 68 3.84 -19.44 -15.46
CA GLU C 68 3.39 -19.34 -14.07
C GLU C 68 2.39 -20.44 -13.75
N LEU C 69 1.45 -20.71 -14.67
CA LEU C 69 0.47 -21.77 -14.43
C LEU C 69 1.13 -23.13 -14.19
N LEU C 70 2.20 -23.43 -14.93
CA LEU C 70 2.83 -24.75 -14.90
C LEU C 70 4.05 -24.82 -13.99
N SER C 71 4.34 -23.75 -13.25
CA SER C 71 5.53 -23.67 -12.41
C SER C 71 5.70 -24.89 -11.51
N SER C 72 6.93 -25.41 -11.47
CA SER C 72 7.27 -26.49 -10.57
C SER C 72 7.18 -26.11 -9.10
N SER C 73 7.11 -24.82 -8.76
CA SER C 73 7.15 -24.44 -7.35
C SER C 73 5.81 -24.63 -6.64
N SER C 74 4.65 -24.81 -7.42
CA SER C 74 3.32 -25.05 -6.86
C SER C 74 3.08 -26.54 -6.62
N PRO C 75 2.30 -26.90 -5.61
CA PRO C 75 2.06 -28.33 -5.35
C PRO C 75 1.37 -29.00 -6.54
N SER C 76 1.71 -30.26 -6.76
CA SER C 76 1.08 -31.00 -7.84
C SER C 76 1.19 -32.49 -7.54
N VAL C 77 0.38 -33.28 -8.24
CA VAL C 77 0.51 -34.72 -8.31
C VAL C 77 0.48 -35.12 -9.78
N GLY C 78 0.82 -36.37 -10.06
CA GLY C 78 1.00 -36.83 -11.41
C GLY C 78 2.38 -36.46 -11.94
N PRO C 79 2.77 -37.02 -13.09
CA PRO C 79 4.14 -36.81 -13.58
C PRO C 79 4.47 -35.34 -13.83
N ASN C 80 5.66 -34.94 -13.36
CA ASN C 80 6.15 -33.59 -13.65
C ASN C 80 6.14 -33.30 -15.15
N GLU C 81 6.52 -34.29 -15.96
CA GLU C 81 6.57 -34.15 -17.41
C GLU C 81 5.32 -34.68 -18.11
N ALA C 82 4.16 -34.58 -17.46
CA ALA C 82 2.93 -35.07 -18.07
C ALA C 82 2.66 -34.38 -19.39
N LYS C 83 1.97 -35.09 -20.29
CA LYS C 83 1.49 -34.49 -21.52
C LYS C 83 0.56 -33.32 -21.22
N ALA C 84 -0.32 -33.47 -20.22
CA ALA C 84 -1.37 -32.51 -19.96
C ALA C 84 -1.39 -32.14 -18.48
N ALA C 85 -1.76 -30.90 -18.21
CA ALA C 85 -1.85 -30.37 -16.86
C ALA C 85 -3.25 -29.82 -16.61
N VAL C 86 -3.73 -30.00 -15.38
CA VAL C 86 -4.97 -29.40 -14.90
C VAL C 86 -4.57 -28.46 -13.77
N VAL C 87 -4.84 -27.18 -13.94
CA VAL C 87 -4.45 -26.18 -12.95
C VAL C 87 -5.73 -25.80 -12.22
N MET C 88 -5.80 -26.06 -10.91
N MET C 88 -5.74 -25.95 -10.91
CA MET C 88 -6.98 -25.76 -10.09
CA MET C 88 -6.95 -25.75 -10.11
C MET C 88 -6.66 -24.59 -9.18
C MET C 88 -6.71 -24.60 -9.14
N PHE C 89 -7.40 -23.48 -9.38
CA PHE C 89 -7.37 -22.33 -8.49
C PHE C 89 -8.52 -22.45 -7.49
N PHE C 90 -8.25 -22.14 -6.22
CA PHE C 90 -9.27 -22.33 -5.20
C PHE C 90 -8.94 -21.50 -3.97
N ASP C 91 -9.98 -21.17 -3.24
CA ASP C 91 -9.90 -20.44 -1.98
C ASP C 91 -10.55 -21.33 -0.92
N TYR C 92 -9.78 -21.65 0.13
CA TYR C 92 -10.30 -22.55 1.15
C TYR C 92 -11.55 -22.01 1.84
N GLN C 93 -11.81 -20.71 1.78
CA GLN C 93 -12.83 -20.16 2.66
C GLN C 93 -14.21 -20.03 2.00
N CYS C 94 -14.53 -20.88 1.04
CA CYS C 94 -15.89 -20.96 0.51
C CYS C 94 -16.52 -22.24 1.05
N SER C 95 -17.17 -22.14 2.21
CA SER C 95 -17.85 -23.30 2.77
C SER C 95 -19.11 -23.66 1.99
N TRP C 96 -19.65 -22.71 1.21
CA TRP C 96 -20.89 -22.90 0.46
C TRP C 96 -20.65 -23.27 -1.01
N CYS C 97 -19.40 -23.26 -1.47
CA CYS C 97 -19.12 -23.68 -2.83
C CYS C 97 -19.32 -25.19 -2.96
N SER C 98 -19.31 -25.66 -4.20
CA SER C 98 -19.54 -27.07 -4.49
C SER C 98 -18.29 -27.90 -4.15
N LYS C 99 -18.55 -29.12 -3.66
CA LYS C 99 -17.48 -30.04 -3.26
C LYS C 99 -16.74 -30.56 -4.49
N MET C 100 -15.53 -30.08 -4.71
CA MET C 100 -14.74 -30.55 -5.83
C MET C 100 -13.86 -31.75 -5.48
N ALA C 101 -13.60 -32.00 -4.19
CA ALA C 101 -12.68 -33.08 -3.81
C ALA C 101 -13.04 -34.42 -4.44
N PRO C 102 -14.30 -34.86 -4.42
CA PRO C 102 -14.62 -36.17 -5.02
C PRO C 102 -14.35 -36.23 -6.51
N VAL C 103 -14.64 -35.15 -7.24
CA VAL C 103 -14.35 -35.11 -8.66
C VAL C 103 -12.84 -35.19 -8.90
N VAL C 104 -12.05 -34.44 -8.12
CA VAL C 104 -10.62 -34.37 -8.38
C VAL C 104 -9.95 -35.68 -7.98
N GLU C 105 -10.39 -36.28 -6.87
CA GLU C 105 -9.97 -37.63 -6.53
C GLU C 105 -10.23 -38.60 -7.68
N ASN C 106 -11.43 -38.54 -8.27
CA ASN C 106 -11.72 -39.41 -9.39
C ASN C 106 -10.83 -39.11 -10.59
N LEU C 107 -10.61 -37.83 -10.88
CA LEU C 107 -9.83 -37.46 -12.05
C LEU C 107 -8.38 -37.91 -11.91
N ILE C 108 -7.84 -37.80 -10.71
CA ILE C 108 -6.45 -38.22 -10.51
C ILE C 108 -6.34 -39.73 -10.71
N LYS C 109 -7.28 -40.50 -10.14
CA LYS C 109 -7.32 -41.93 -10.38
C LYS C 109 -7.40 -42.25 -11.86
N ALA C 110 -8.35 -41.65 -12.56
CA ALA C 110 -8.60 -41.96 -13.96
C ALA C 110 -7.49 -41.48 -14.89
N ASN C 111 -6.62 -40.58 -14.43
CA ASN C 111 -5.61 -39.97 -15.29
C ASN C 111 -4.26 -40.02 -14.59
N PRO C 112 -3.73 -41.21 -14.33
CA PRO C 112 -2.49 -41.32 -13.56
C PRO C 112 -1.30 -40.68 -14.25
N ASP C 113 -1.40 -40.39 -15.54
CA ASP C 113 -0.30 -39.81 -16.29
C ASP C 113 -0.55 -38.35 -16.64
N THR C 114 -1.46 -37.70 -15.92
CA THR C 114 -1.71 -36.28 -16.04
C THR C 114 -1.30 -35.59 -14.75
N ARG C 115 -0.92 -34.33 -14.88
CA ARG C 115 -0.41 -33.52 -13.78
C ARG C 115 -1.52 -32.60 -13.28
N PHE C 116 -1.74 -32.60 -11.98
CA PHE C 116 -2.75 -31.76 -11.36
C PHE C 116 -2.05 -30.80 -10.43
N ILE C 117 -2.32 -29.50 -10.61
CA ILE C 117 -1.59 -28.44 -9.93
C ILE C 117 -2.55 -27.64 -9.06
N PHE C 118 -2.06 -27.19 -7.92
CA PHE C 118 -2.90 -26.58 -6.89
C PHE C 118 -2.48 -25.12 -6.69
N LYS C 119 -3.39 -24.19 -6.98
CA LYS C 119 -3.16 -22.76 -6.81
C LYS C 119 -4.15 -22.24 -5.77
N GLU C 120 -3.73 -22.19 -4.50
CA GLU C 120 -4.56 -21.58 -3.46
C GLU C 120 -4.36 -20.06 -3.47
N PHE C 121 -5.44 -19.32 -3.26
CA PHE C 121 -5.36 -17.87 -3.26
C PHE C 121 -6.56 -17.31 -2.50
N PRO C 122 -6.53 -16.02 -2.16
CA PRO C 122 -7.68 -15.39 -1.51
C PRO C 122 -8.53 -14.57 -2.47
N ILE C 123 -9.82 -14.89 -2.55
CA ILE C 123 -10.78 -14.03 -3.21
C ILE C 123 -11.05 -12.80 -2.34
N PHE C 124 -11.73 -11.80 -2.90
CA PHE C 124 -11.84 -10.50 -2.26
C PHE C 124 -12.62 -10.55 -0.96
N SER C 125 -13.37 -11.64 -0.71
CA SER C 125 -14.26 -11.70 0.45
C SER C 125 -13.71 -12.59 1.57
N SER C 126 -12.47 -13.09 1.47
CA SER C 126 -11.91 -13.99 2.46
C SER C 126 -11.09 -13.25 3.51
N ARG C 127 -10.85 -13.93 4.63
CA ARG C 127 -9.94 -13.46 5.66
C ARG C 127 -8.50 -13.67 5.18
N TRP C 128 -7.81 -12.59 4.81
CA TRP C 128 -6.54 -12.80 4.14
C TRP C 128 -5.47 -13.38 5.08
N PRO C 129 -5.42 -12.99 6.36
CA PRO C 129 -4.44 -13.65 7.24
C PRO C 129 -4.62 -15.16 7.33
N VAL C 130 -5.87 -15.64 7.31
CA VAL C 130 -6.12 -17.08 7.34
C VAL C 130 -5.64 -17.74 6.04
N SER C 131 -5.95 -17.13 4.90
CA SER C 131 -5.39 -17.59 3.63
C SER C 131 -3.87 -17.71 3.70
N GLY C 132 -3.22 -16.71 4.31
CA GLY C 132 -1.77 -16.74 4.44
C GLY C 132 -1.30 -17.90 5.29
N LEU C 133 -1.98 -18.14 6.41
CA LEU C 133 -1.56 -19.24 7.27
C LEU C 133 -1.77 -20.57 6.59
N ALA C 134 -2.91 -20.71 5.89
CA ALA C 134 -3.16 -21.95 5.16
C ALA C 134 -2.10 -22.19 4.08
N ALA C 135 -1.66 -21.12 3.41
CA ALA C 135 -0.63 -21.26 2.40
C ALA C 135 0.72 -21.64 3.02
N ARG C 136 1.08 -21.04 4.15
CA ARG C 136 2.37 -21.33 4.78
C ARG C 136 2.44 -22.80 5.22
N VAL C 137 1.34 -23.32 5.78
CA VAL C 137 1.29 -24.73 6.17
C VAL C 137 1.36 -25.63 4.94
N GLY C 138 0.50 -25.38 3.94
CA GLY C 138 0.53 -26.20 2.74
C GLY C 138 1.89 -26.19 2.08
N GLU C 139 2.53 -25.03 2.03
CA GLU C 139 3.88 -24.95 1.48
C GLU C 139 4.84 -25.88 2.22
N GLN C 140 4.82 -25.87 3.55
CA GLN C 140 5.71 -26.78 4.28
C GLN C 140 5.37 -28.22 3.97
N VAL C 141 4.09 -28.59 3.96
CA VAL C 141 3.70 -29.97 3.68
C VAL C 141 4.17 -30.37 2.28
N TRP C 142 3.82 -29.56 1.28
CA TRP C 142 4.31 -29.76 -0.08
C TRP C 142 5.84 -29.95 -0.11
N LEU C 143 6.58 -29.07 0.54
CA LEU C 143 8.03 -29.13 0.41
C LEU C 143 8.62 -30.32 1.16
N THR C 144 8.10 -30.65 2.32
CA THR C 144 8.76 -31.67 3.12
C THR C 144 8.19 -33.07 2.89
N GLN C 145 7.03 -33.19 2.25
CA GLN C 145 6.37 -34.49 2.11
C GLN C 145 5.75 -34.75 0.74
N GLY C 146 5.61 -33.76 -0.13
CA GLY C 146 5.21 -34.02 -1.50
C GLY C 146 3.73 -33.84 -1.75
N GLY C 147 3.37 -34.12 -3.00
CA GLY C 147 2.07 -33.71 -3.50
C GLY C 147 0.91 -34.48 -2.90
N ALA C 148 1.05 -35.79 -2.76
CA ALA C 148 -0.05 -36.58 -2.21
C ALA C 148 -0.38 -36.11 -0.79
N LYS C 149 0.65 -35.94 0.04
CA LYS C 149 0.44 -35.43 1.39
C LYS C 149 -0.15 -34.03 1.35
N TYR C 150 0.27 -33.19 0.39
CA TYR C 150 -0.36 -31.88 0.26
C TYR C 150 -1.87 -32.01 -0.01
N LEU C 151 -2.27 -32.99 -0.83
CA LEU C 151 -3.69 -33.25 -1.04
C LEU C 151 -4.38 -33.69 0.24
N ASP C 152 -3.78 -34.61 1.00
N ASP C 152 -3.78 -34.63 0.97
CA ASP C 152 -4.34 -35.00 2.29
CA ASP C 152 -4.27 -35.02 2.29
C ASP C 152 -4.63 -33.76 3.13
C ASP C 152 -4.63 -33.76 3.09
N TRP C 153 -3.63 -32.89 3.27
CA TRP C 153 -3.80 -31.66 4.05
C TRP C 153 -4.89 -30.77 3.47
N HIS C 154 -4.83 -30.56 2.15
CA HIS C 154 -5.78 -29.73 1.44
C HIS C 154 -7.22 -30.18 1.67
N ASN C 155 -7.50 -31.47 1.52
CA ASN C 155 -8.85 -31.98 1.75
C ASN C 155 -9.23 -31.88 3.23
N ALA C 156 -8.29 -32.13 4.14
CA ALA C 156 -8.58 -32.01 5.56
C ALA C 156 -9.03 -30.61 5.90
N LEU C 157 -8.41 -29.59 5.30
CA LEU C 157 -8.75 -28.21 5.62
C LEU C 157 -10.12 -27.84 5.07
N TYR C 158 -10.43 -28.30 3.84
CA TYR C 158 -11.77 -28.10 3.31
C TYR C 158 -12.83 -28.76 4.19
N ALA C 159 -12.56 -29.99 4.65
CA ALA C 159 -13.51 -30.70 5.49
C ALA C 159 -13.70 -29.99 6.82
N THR C 160 -12.62 -29.45 7.37
CA THR C 160 -12.71 -28.71 8.61
C THR C 160 -13.53 -27.45 8.42
N GLY C 161 -13.21 -26.67 7.38
CA GLY C 161 -13.93 -25.44 7.13
C GLY C 161 -15.40 -25.66 6.85
N LYS C 162 -15.74 -26.81 6.27
CA LYS C 162 -17.13 -27.12 5.95
C LYS C 162 -17.95 -27.28 7.22
N VAL C 163 -17.46 -28.10 8.15
CA VAL C 163 -18.20 -28.32 9.38
C VAL C 163 -18.16 -27.08 10.26
N GLU C 164 -17.03 -26.38 10.28
CA GLU C 164 -16.94 -25.16 11.07
C GLU C 164 -17.82 -24.04 10.50
N GLY C 165 -17.94 -23.96 9.17
CA GLY C 165 -18.67 -22.89 8.52
C GLY C 165 -17.83 -21.67 8.20
N ALA C 166 -16.56 -21.66 8.60
CA ALA C 166 -15.59 -20.60 8.35
C ALA C 166 -14.26 -21.13 8.88
N LEU C 167 -13.19 -20.36 8.65
CA LEU C 167 -11.88 -20.72 9.14
C LEU C 167 -11.23 -19.51 9.82
N THR C 168 -10.69 -19.72 11.01
CA THR C 168 -9.81 -18.77 11.67
C THR C 168 -8.39 -19.35 11.71
N GLU C 169 -7.44 -18.52 12.11
CA GLU C 169 -6.06 -19.00 12.26
C GLU C 169 -5.98 -20.14 13.26
N HIS C 170 -6.73 -20.06 14.35
CA HIS C 170 -6.75 -21.15 15.34
C HIS C 170 -7.21 -22.46 14.70
N ASP C 171 -8.21 -22.41 13.82
CA ASP C 171 -8.65 -23.62 13.14
C ASP C 171 -7.53 -24.19 12.30
N VAL C 172 -6.77 -23.33 11.61
CA VAL C 172 -5.70 -23.83 10.75
C VAL C 172 -4.58 -24.44 11.59
N TYR C 173 -4.18 -23.73 12.66
CA TYR C 173 -3.15 -24.23 13.54
C TYR C 173 -3.55 -25.57 14.15
N THR C 174 -4.81 -25.69 14.58
CA THR C 174 -5.25 -26.91 15.22
C THR C 174 -5.18 -28.10 14.26
N LEU C 175 -5.46 -27.88 12.98
CA LEU C 175 -5.33 -28.95 12.00
C LEU C 175 -3.87 -29.20 11.64
N ALA C 176 -3.10 -28.12 11.48
CA ALA C 176 -1.71 -28.20 11.06
C ALA C 176 -0.84 -29.04 11.99
N GLN C 177 -1.12 -29.07 13.29
CA GLN C 177 -0.28 -29.88 14.19
C GLN C 177 -0.26 -31.34 13.76
N HIS C 178 -1.26 -31.81 13.02
CA HIS C 178 -1.27 -33.19 12.56
C HIS C 178 -0.46 -33.39 11.28
N TYR C 179 0.04 -32.31 10.67
CA TYR C 179 0.72 -32.41 9.39
C TYR C 179 2.15 -31.90 9.40
N LEU C 180 2.54 -31.12 10.40
CA LEU C 180 3.88 -30.58 10.52
C LEU C 180 4.48 -31.03 11.84
N THR C 181 5.79 -31.19 11.89
CA THR C 181 6.42 -31.44 13.16
C THR C 181 6.27 -30.18 14.02
N PRO C 182 6.36 -30.32 15.34
CA PRO C 182 6.33 -29.11 16.19
C PRO C 182 7.37 -28.08 15.75
N THR C 183 8.55 -28.52 15.33
CA THR C 183 9.58 -27.57 14.90
C THR C 183 9.12 -26.81 13.66
N GLN C 184 8.57 -27.52 12.68
CA GLN C 184 8.06 -26.85 11.49
C GLN C 184 6.91 -25.92 11.85
N LEU C 185 5.99 -26.37 12.70
CA LEU C 185 4.84 -25.55 13.02
C LEU C 185 5.24 -24.31 13.79
N ALA C 186 6.24 -24.43 14.68
CA ALA C 186 6.73 -23.26 15.40
C ALA C 186 7.28 -22.22 14.45
N ALA C 187 8.01 -22.66 13.43
CA ALA C 187 8.58 -21.74 12.46
C ALA C 187 7.50 -21.11 11.59
N VAL C 188 6.46 -21.87 11.23
CA VAL C 188 5.34 -21.26 10.53
C VAL C 188 4.66 -20.21 11.43
N LYS C 189 4.35 -20.59 12.67
CA LYS C 189 3.69 -19.66 13.59
C LYS C 189 4.53 -18.41 13.80
N GLU C 190 5.87 -18.57 13.85
CA GLU C 190 6.74 -17.41 13.96
C GLU C 190 6.56 -16.46 12.78
N ALA C 191 6.60 -17.02 11.55
CA ALA C 191 6.51 -16.16 10.38
C ALA C 191 5.13 -15.52 10.27
N GLN C 192 4.07 -16.33 10.47
CA GLN C 192 2.72 -15.81 10.37
C GLN C 192 2.50 -14.66 11.34
N SER C 193 2.85 -14.85 12.62
CA SER C 193 2.49 -13.84 13.61
C SER C 193 3.41 -12.63 13.55
N SER C 194 4.56 -12.74 12.89
CA SER C 194 5.38 -11.55 12.68
C SER C 194 4.76 -10.62 11.65
N GLY C 195 3.84 -11.11 10.84
CA GLY C 195 3.22 -10.29 9.82
C GLY C 195 3.88 -10.34 8.46
N ALA C 196 4.94 -11.12 8.30
CA ALA C 196 5.53 -11.30 6.98
C ALA C 196 4.48 -11.75 5.95
N VAL C 197 4.55 -11.16 4.77
CA VAL C 197 3.64 -11.47 3.67
C VAL C 197 4.15 -12.70 2.94
N HIS C 198 3.34 -13.75 2.87
CA HIS C 198 3.79 -15.01 2.29
C HIS C 198 3.91 -14.89 0.77
N ASP C 199 5.12 -15.05 0.25
CA ASP C 199 5.35 -14.83 -1.17
C ASP C 199 4.52 -15.78 -2.05
N ALA C 200 4.45 -17.06 -1.68
CA ALA C 200 3.71 -18.01 -2.50
C ALA C 200 2.25 -17.59 -2.63
N LEU C 201 1.63 -17.16 -1.54
CA LEU C 201 0.24 -16.72 -1.62
C LEU C 201 0.12 -15.46 -2.49
N LEU C 202 1.01 -14.49 -2.28
CA LEU C 202 0.98 -13.27 -3.08
C LEU C 202 1.21 -13.56 -4.57
N THR C 203 2.08 -14.54 -4.86
CA THR C 203 2.28 -14.93 -6.24
C THR C 203 1.05 -15.60 -6.82
N ASN C 204 0.44 -16.53 -6.06
CA ASN C 204 -0.79 -17.16 -6.51
C ASN C 204 -1.89 -16.14 -6.78
N GLN C 205 -2.08 -15.19 -5.85
CA GLN C 205 -3.11 -14.16 -6.03
C GLN C 205 -2.84 -13.30 -7.26
N ALA C 206 -1.58 -12.98 -7.53
CA ALA C 206 -1.27 -12.18 -8.70
C ALA C 206 -1.61 -12.93 -9.97
N LEU C 207 -1.40 -14.25 -9.98
CA LEU C 207 -1.73 -15.05 -11.16
C LEU C 207 -3.24 -15.13 -11.35
N ALA C 208 -3.96 -15.45 -10.26
CA ALA C 208 -5.42 -15.48 -10.29
C ALA C 208 -5.99 -14.19 -10.85
N GLN C 209 -5.50 -13.05 -10.35
CA GLN C 209 -5.97 -11.74 -10.84
C GLN C 209 -5.64 -11.56 -12.32
N HIS C 210 -4.45 -11.98 -12.75
CA HIS C 210 -4.10 -11.88 -14.16
C HIS C 210 -4.97 -12.78 -15.03
N MET C 211 -5.47 -13.88 -14.48
CA MET C 211 -6.34 -14.80 -15.19
C MET C 211 -7.80 -14.39 -15.11
N ASP C 212 -8.11 -13.25 -14.49
CA ASP C 212 -9.48 -12.82 -14.22
C ASP C 212 -10.26 -13.87 -13.43
N PHE C 213 -9.57 -14.67 -12.62
CA PHE C 213 -10.23 -15.62 -11.72
C PHE C 213 -10.52 -14.90 -10.42
N SER C 214 -11.65 -14.21 -10.35
CA SER C 214 -12.00 -13.51 -9.14
C SER C 214 -12.86 -14.34 -8.20
N GLY C 215 -13.23 -15.57 -8.59
CA GLY C 215 -13.95 -16.47 -7.71
C GLY C 215 -13.23 -17.80 -7.61
N THR C 216 -13.71 -18.66 -6.70
CA THR C 216 -13.26 -20.03 -6.51
C THR C 216 -14.39 -21.01 -6.85
N PRO C 217 -14.12 -22.15 -7.50
CA PRO C 217 -12.81 -22.56 -8.02
C PRO C 217 -12.70 -22.11 -9.47
N ALA C 218 -11.60 -22.46 -10.13
CA ALA C 218 -11.40 -22.16 -11.54
C ALA C 218 -10.37 -23.13 -12.06
N PHE C 219 -10.41 -23.41 -13.36
CA PHE C 219 -9.62 -24.48 -13.94
C PHE C 219 -9.00 -24.07 -15.27
N VAL C 220 -7.72 -24.41 -15.44
CA VAL C 220 -7.08 -24.30 -16.75
C VAL C 220 -6.56 -25.69 -17.12
N VAL C 221 -6.97 -26.17 -18.30
CA VAL C 221 -6.49 -27.44 -18.83
C VAL C 221 -5.70 -27.15 -20.11
N MET C 222 -4.49 -27.69 -20.17
CA MET C 222 -3.56 -27.41 -21.25
C MET C 222 -2.46 -28.47 -21.33
N PRO C 223 -1.95 -28.73 -22.53
CA PRO C 223 -0.72 -29.52 -22.65
C PRO C 223 0.45 -28.75 -22.06
N GLN C 224 1.45 -29.50 -21.60
CA GLN C 224 2.60 -28.88 -20.96
C GLN C 224 3.65 -28.43 -21.98
N THR C 225 3.71 -29.09 -23.13
CA THR C 225 4.62 -28.66 -24.18
C THR C 225 4.05 -27.42 -24.88
N GLN C 226 4.88 -26.39 -25.04
CA GLN C 226 4.46 -25.18 -25.74
C GLN C 226 4.10 -25.49 -27.18
N ASP C 227 2.81 -25.48 -27.50
CA ASP C 227 2.32 -25.88 -28.80
C ASP C 227 1.55 -24.72 -29.43
N GLY C 228 1.45 -24.78 -30.77
CA GLY C 228 0.73 -23.77 -31.51
C GLY C 228 -0.78 -23.87 -31.40
N ASP C 229 -1.30 -25.00 -30.91
CA ASP C 229 -2.73 -25.24 -30.94
C ASP C 229 -3.40 -24.61 -29.72
N VAL C 230 -4.21 -23.57 -29.97
CA VAL C 230 -5.02 -23.01 -28.90
C VAL C 230 -6.19 -23.90 -28.57
N LYS C 231 -6.56 -24.79 -29.48
CA LYS C 231 -7.72 -25.64 -29.28
C LYS C 231 -7.41 -26.86 -28.42
N ARG C 232 -6.18 -26.99 -27.91
CA ARG C 232 -5.88 -27.98 -26.89
C ARG C 232 -5.93 -27.39 -25.48
N VAL C 233 -6.35 -26.13 -25.34
CA VAL C 233 -6.44 -25.44 -24.06
C VAL C 233 -7.91 -25.21 -23.71
N THR C 234 -8.26 -25.43 -22.45
CA THR C 234 -9.61 -25.20 -21.96
C THR C 234 -9.53 -24.43 -20.64
N VAL C 235 -10.32 -23.36 -20.54
CA VAL C 235 -10.44 -22.57 -19.32
C VAL C 235 -11.86 -22.70 -18.82
N ILE C 236 -12.03 -23.19 -17.59
CA ILE C 236 -13.36 -23.35 -17.00
C ILE C 236 -13.42 -22.51 -15.73
N PRO C 237 -13.88 -21.23 -15.84
CA PRO C 237 -13.80 -20.28 -14.71
C PRO C 237 -14.91 -20.47 -13.68
N GLY C 238 -15.05 -21.69 -13.18
CA GLY C 238 -16.02 -21.95 -12.14
C GLY C 238 -16.04 -23.42 -11.81
N SER C 239 -16.87 -23.76 -10.83
CA SER C 239 -17.11 -25.14 -10.47
C SER C 239 -17.68 -25.90 -11.66
N THR C 240 -17.37 -27.20 -11.75
CA THR C 240 -17.72 -27.96 -12.94
C THR C 240 -17.73 -29.44 -12.57
N THR C 241 -18.03 -30.28 -13.56
CA THR C 241 -18.19 -31.72 -13.36
C THR C 241 -16.98 -32.49 -13.88
N GLN C 242 -16.97 -33.78 -13.57
CA GLN C 242 -15.86 -34.64 -13.97
C GLN C 242 -15.82 -34.85 -15.48
N ASP C 243 -16.98 -34.99 -16.14
CA ASP C 243 -16.97 -35.18 -17.59
C ASP C 243 -16.43 -33.96 -18.31
N MET C 244 -16.80 -32.75 -17.86
CA MET C 244 -16.27 -31.54 -18.47
C MET C 244 -14.75 -31.51 -18.40
N LEU C 245 -14.20 -31.79 -17.21
CA LEU C 245 -12.75 -31.77 -17.06
C LEU C 245 -12.10 -32.95 -17.76
N GLN C 246 -12.75 -34.13 -17.75
CA GLN C 246 -12.22 -35.26 -18.49
C GLN C 246 -12.08 -34.92 -19.97
N MET C 247 -13.06 -34.19 -20.51
CA MET C 247 -13.07 -33.78 -21.90
C MET C 247 -11.93 -32.80 -22.18
N ALA C 248 -11.69 -31.85 -21.28
CA ALA C 248 -10.58 -30.93 -21.47
C ALA C 248 -9.25 -31.68 -21.41
N ILE C 249 -9.14 -32.69 -20.55
CA ILE C 249 -7.91 -33.46 -20.47
C ILE C 249 -7.66 -34.17 -21.79
N GLN C 250 -8.72 -34.75 -22.36
CA GLN C 250 -8.58 -35.49 -23.62
C GLN C 250 -8.05 -34.56 -24.72
N LYS C 251 -8.63 -33.36 -24.81
CA LYS C 251 -8.12 -32.41 -25.80
C LYS C 251 -6.66 -32.02 -25.51
N ALA C 252 -6.30 -31.86 -24.26
CA ALA C 252 -4.93 -31.47 -23.97
C ALA C 252 -3.97 -32.60 -24.30
N LYS C 253 -4.41 -33.87 -24.22
CA LYS C 253 -3.53 -35.01 -24.42
C LYS C 253 -3.32 -35.39 -25.88
N GLY C 254 -4.12 -34.85 -26.80
CA GLY C 254 -4.02 -35.25 -28.20
C GLY C 254 -2.99 -34.46 -28.98
N PRO D 11 -4.86 -7.78 34.72
CA PRO D 11 -4.75 -6.51 35.44
C PRO D 11 -3.40 -6.35 36.16
N THR D 12 -2.91 -7.45 36.74
CA THR D 12 -1.66 -7.42 37.49
C THR D 12 -0.49 -7.05 36.59
N ALA D 13 -0.33 -7.77 35.48
CA ALA D 13 0.76 -7.47 34.54
C ALA D 13 0.64 -6.05 33.99
N GLU D 14 -0.60 -5.62 33.69
CA GLU D 14 -0.82 -4.25 33.24
C GLU D 14 -0.20 -3.24 34.19
N ALA D 15 -0.43 -3.42 35.50
CA ALA D 15 0.09 -2.51 36.49
C ALA D 15 1.62 -2.59 36.56
N TYR D 16 2.19 -3.77 36.34
CA TYR D 16 3.65 -3.90 36.34
C TYR D 16 4.26 -3.14 35.17
N ILE D 17 3.73 -3.33 33.95
CA ILE D 17 4.26 -2.62 32.79
C ILE D 17 4.20 -1.11 33.03
N VAL D 18 3.05 -0.62 33.49
CA VAL D 18 2.95 0.80 33.84
C VAL D 18 4.12 1.20 34.73
N SER D 19 4.38 0.41 35.77
CA SER D 19 5.47 0.72 36.69
C SER D 19 6.84 0.55 36.01
N HIS D 20 6.97 -0.45 35.13
CA HIS D 20 8.23 -0.77 34.46
C HIS D 20 7.94 -0.87 32.97
N PRO D 21 8.05 0.25 32.23
CA PRO D 21 7.46 0.29 30.89
C PRO D 21 8.45 0.09 29.75
N ASP D 22 9.77 0.19 30.02
CA ASP D 22 10.72 0.34 28.93
C ASP D 22 10.72 -0.84 27.97
N LYS D 23 10.49 -2.06 28.46
CA LYS D 23 10.59 -3.21 27.56
C LYS D 23 9.31 -3.42 26.74
N VAL D 24 8.13 -3.21 27.32
CA VAL D 24 6.91 -3.08 26.50
C VAL D 24 7.03 -1.88 25.57
N GLY D 25 7.25 -0.69 26.14
CA GLY D 25 7.43 0.50 25.33
C GLY D 25 8.32 0.25 24.14
N GLU D 26 9.53 -0.29 24.36
CA GLU D 26 10.49 -0.41 23.27
C GLU D 26 10.06 -1.45 22.23
N VAL D 27 9.47 -2.56 22.67
CA VAL D 27 9.12 -3.57 21.69
C VAL D 27 7.93 -3.11 20.85
N VAL D 28 6.96 -2.43 21.47
CA VAL D 28 5.81 -1.92 20.71
C VAL D 28 6.24 -0.78 19.80
N ALA D 29 7.15 0.08 20.28
CA ALA D 29 7.70 1.13 19.42
C ALA D 29 8.42 0.52 18.24
N THR D 30 9.14 -0.59 18.45
CA THR D 30 9.77 -1.31 17.35
C THR D 30 8.73 -1.90 16.41
N TYR D 31 7.61 -2.39 16.95
CA TYR D 31 6.52 -2.88 16.12
C TYR D 31 5.94 -1.75 15.26
N LEU D 32 5.56 -0.65 15.89
CA LEU D 32 4.93 0.44 15.16
C LEU D 32 5.85 1.02 14.09
N ALA D 33 7.16 1.03 14.34
CA ALA D 33 8.08 1.54 13.33
C ALA D 33 8.07 0.71 12.05
N GLU D 34 7.80 -0.60 12.16
CA GLU D 34 7.65 -1.44 10.97
C GLU D 34 6.22 -1.55 10.49
N HIS D 35 5.25 -1.02 11.26
CA HIS D 35 3.82 -1.06 10.91
C HIS D 35 3.24 0.34 11.09
N PRO D 36 3.62 1.28 10.22
CA PRO D 36 3.39 2.69 10.50
C PRO D 36 2.00 3.21 10.15
N GLU D 37 1.02 2.35 9.85
CA GLU D 37 -0.31 2.84 9.50
C GLU D 37 -0.90 3.73 10.59
N PHE D 38 -0.66 3.39 11.86
CA PHE D 38 -1.10 4.22 12.97
C PHE D 38 -0.70 5.68 12.78
N LEU D 39 0.46 5.91 12.15
CA LEU D 39 0.97 7.27 11.96
C LEU D 39 0.06 8.09 11.03
N VAL D 40 -0.41 7.48 9.95
CA VAL D 40 -1.33 8.17 9.05
C VAL D 40 -2.65 8.49 9.77
N ALA D 41 -3.19 7.53 10.52
CA ALA D 41 -4.46 7.77 11.18
C ALA D 41 -4.32 8.79 12.31
N ALA D 42 -3.23 8.74 13.06
CA ALA D 42 -3.01 9.71 14.14
C ALA D 42 -2.82 11.11 13.58
N SER D 43 -2.04 11.27 12.50
CA SER D 43 -1.85 12.60 11.93
C SER D 43 -3.17 13.21 11.49
N GLU D 44 -4.05 12.40 10.89
CA GLU D 44 -5.34 12.94 10.46
C GLU D 44 -6.16 13.43 11.65
N THR D 45 -6.27 12.60 12.70
CA THR D 45 -6.98 13.00 13.90
C THR D 45 -6.38 14.26 14.51
N LEU D 46 -5.06 14.29 14.62
CA LEU D 46 -4.36 15.47 15.15
C LEU D 46 -4.80 16.75 14.44
N HIS D 47 -4.75 16.76 13.10
CA HIS D 47 -5.03 17.99 12.37
C HIS D 47 -6.53 18.28 12.29
N GLN D 48 -7.38 17.26 12.21
CA GLN D 48 -8.82 17.50 12.38
C GLN D 48 -9.11 18.24 13.68
N ARG D 49 -8.50 17.81 14.77
CA ARG D 49 -8.83 18.40 16.06
C ARG D 49 -8.23 19.79 16.18
N GLN D 50 -7.03 19.99 15.62
CA GLN D 50 -6.42 21.30 15.68
C GLN D 50 -7.18 22.33 14.86
N GLN D 51 -7.88 21.91 13.79
CA GLN D 51 -8.73 22.85 13.07
C GLN D 51 -9.87 23.35 13.96
N ILE D 52 -10.65 22.42 14.54
CA ILE D 52 -11.73 22.78 15.45
C ILE D 52 -11.21 23.67 16.57
N ALA D 53 -10.12 23.25 17.20
CA ALA D 53 -9.65 23.97 18.38
C ALA D 53 -9.18 25.38 18.02
N GLN D 54 -8.59 25.54 16.82
CA GLN D 54 -8.12 26.87 16.42
C GLN D 54 -9.30 27.81 16.13
N GLN D 55 -10.31 27.32 15.40
CA GLN D 55 -11.49 28.13 15.14
C GLN D 55 -12.18 28.54 16.45
N GLN D 56 -12.29 27.61 17.41
CA GLN D 56 -12.89 27.96 18.69
C GLN D 56 -12.04 29.00 19.42
N ALA D 57 -10.71 28.89 19.32
CA ALA D 57 -9.87 29.89 19.97
C ALA D 57 -10.00 31.25 19.30
N TYR D 58 -10.00 31.27 17.95
CA TYR D 58 -10.21 32.54 17.23
C TYR D 58 -11.55 33.17 17.59
N VAL D 59 -12.59 32.36 17.70
CA VAL D 59 -13.91 32.90 18.04
C VAL D 59 -13.87 33.53 19.43
N GLN D 60 -13.19 32.89 20.39
CA GLN D 60 -13.07 33.47 21.72
C GLN D 60 -12.31 34.80 21.68
N LEU D 61 -11.23 34.86 20.87
CA LEU D 61 -10.52 36.14 20.74
C LEU D 61 -11.42 37.22 20.14
N ALA D 62 -12.27 36.85 19.16
CA ALA D 62 -13.15 37.81 18.53
C ALA D 62 -14.14 38.40 19.53
N LEU D 63 -14.72 37.55 20.38
CA LEU D 63 -15.62 38.05 21.41
C LEU D 63 -14.86 38.88 22.44
N GLN D 64 -13.62 38.48 22.77
CA GLN D 64 -12.85 39.23 23.74
C GLN D 64 -12.52 40.64 23.24
N TYR D 65 -12.17 40.78 21.95
CA TYR D 65 -11.76 42.07 21.39
C TYR D 65 -12.86 42.73 20.56
N ARG D 66 -14.12 42.39 20.86
CA ARG D 66 -15.26 42.90 20.13
CA ARG D 66 -15.26 42.90 20.13
C ARG D 66 -15.24 44.43 20.01
N ALA D 67 -15.00 45.12 21.12
CA ALA D 67 -15.05 46.58 21.09
C ALA D 67 -14.03 47.14 20.09
N GLU D 68 -12.82 46.61 20.10
CA GLU D 68 -11.78 47.10 19.18
C GLU D 68 -12.10 46.70 17.74
N LEU D 69 -12.64 45.49 17.54
CA LEU D 69 -13.00 45.03 16.20
C LEU D 69 -14.07 45.90 15.57
N LEU D 70 -15.08 46.30 16.36
CA LEU D 70 -16.22 47.05 15.85
C LEU D 70 -16.05 48.55 16.01
N SER D 71 -14.83 49.01 16.36
CA SER D 71 -14.61 50.41 16.68
C SER D 71 -15.11 51.34 15.58
N SER D 72 -15.73 52.44 15.99
CA SER D 72 -16.21 53.43 15.03
C SER D 72 -15.10 54.32 14.50
N SER D 73 -13.86 54.16 14.99
CA SER D 73 -12.70 54.85 14.43
C SER D 73 -12.18 54.19 13.16
N SER D 74 -12.63 52.98 12.84
CA SER D 74 -12.14 52.32 11.65
C SER D 74 -13.06 52.62 10.47
N PRO D 75 -12.53 52.78 9.26
CA PRO D 75 -13.42 53.01 8.11
C PRO D 75 -14.36 51.83 7.90
N SER D 76 -15.61 52.15 7.52
CA SER D 76 -16.59 51.11 7.24
C SER D 76 -17.64 51.64 6.28
N VAL D 77 -18.35 50.70 5.65
CA VAL D 77 -19.56 50.98 4.89
C VAL D 77 -20.67 50.09 5.43
N GLY D 78 -21.91 50.46 5.10
CA GLY D 78 -23.06 49.83 5.70
C GLY D 78 -23.44 50.49 7.01
N PRO D 79 -24.60 50.13 7.55
CA PRO D 79 -25.13 50.86 8.72
C PRO D 79 -24.26 50.66 9.95
N ASN D 80 -24.03 51.77 10.67
CA ASN D 80 -23.23 51.73 11.89
C ASN D 80 -23.78 50.72 12.88
N GLU D 81 -25.12 50.65 12.98
CA GLU D 81 -25.81 49.75 13.89
C GLU D 81 -26.27 48.47 13.18
N ALA D 82 -25.55 48.03 12.16
CA ALA D 82 -25.93 46.83 11.45
C ALA D 82 -26.02 45.66 12.42
N LYS D 83 -26.94 44.74 12.13
CA LYS D 83 -27.03 43.51 12.91
C LYS D 83 -25.69 42.75 12.90
N ALA D 84 -25.09 42.58 11.73
CA ALA D 84 -23.88 41.79 11.58
C ALA D 84 -22.74 42.65 11.01
N ALA D 85 -21.52 42.25 11.30
CA ALA D 85 -20.35 42.96 10.83
C ALA D 85 -19.34 42.00 10.24
N VAL D 86 -18.63 42.48 9.22
CA VAL D 86 -17.53 41.76 8.58
C VAL D 86 -16.28 42.62 8.74
N VAL D 87 -15.33 42.14 9.53
CA VAL D 87 -14.10 42.88 9.81
C VAL D 87 -12.98 42.28 8.96
N MET D 88 -12.36 43.13 8.13
CA MET D 88 -11.38 42.69 7.16
C MET D 88 -9.99 43.20 7.52
N PHE D 89 -9.09 42.28 7.85
CA PHE D 89 -7.67 42.59 7.99
C PHE D 89 -6.97 42.36 6.66
N PHE D 90 -6.34 43.40 6.12
CA PHE D 90 -5.74 43.28 4.81
C PHE D 90 -4.55 44.24 4.70
N ASP D 91 -3.67 43.91 3.76
CA ASP D 91 -2.53 44.71 3.36
C ASP D 91 -2.72 45.02 1.88
N TYR D 92 -2.52 46.29 1.50
CA TYR D 92 -2.72 46.65 0.10
C TYR D 92 -1.75 45.94 -0.84
N GLN D 93 -0.60 45.48 -0.36
CA GLN D 93 0.36 44.80 -1.21
C GLN D 93 0.25 43.29 -1.12
N CYS D 94 -0.78 42.79 -0.45
CA CYS D 94 -1.01 41.36 -0.41
C CYS D 94 -1.71 40.95 -1.71
N SER D 95 -1.02 40.16 -2.54
CA SER D 95 -1.54 39.81 -3.86
C SER D 95 -2.87 39.07 -3.76
N TRP D 96 -3.01 38.15 -2.81
CA TRP D 96 -4.26 37.39 -2.81
C TRP D 96 -5.38 38.17 -2.14
N CYS D 97 -5.04 39.11 -1.24
CA CYS D 97 -6.03 40.11 -0.81
C CYS D 97 -6.55 40.90 -1.99
N SER D 98 -5.64 41.40 -2.81
CA SER D 98 -6.04 42.14 -4.00
C SER D 98 -6.93 41.29 -4.89
N LYS D 99 -6.58 40.01 -5.07
CA LYS D 99 -7.40 39.18 -5.95
C LYS D 99 -8.76 38.86 -5.33
N MET D 100 -8.90 38.96 -4.00
CA MET D 100 -10.20 38.81 -3.34
C MET D 100 -11.08 40.06 -3.42
N ALA D 101 -10.56 41.22 -3.79
CA ALA D 101 -11.34 42.45 -3.74
C ALA D 101 -12.68 42.35 -4.47
N PRO D 102 -12.78 41.75 -5.66
CA PRO D 102 -14.09 41.69 -6.33
C PRO D 102 -15.12 40.86 -5.57
N VAL D 103 -14.69 39.79 -4.91
CA VAL D 103 -15.58 39.03 -4.03
C VAL D 103 -16.14 39.91 -2.92
N VAL D 104 -15.27 40.66 -2.26
CA VAL D 104 -15.70 41.55 -1.18
C VAL D 104 -16.63 42.62 -1.72
N GLU D 105 -16.30 43.19 -2.88
CA GLU D 105 -17.19 44.17 -3.48
C GLU D 105 -18.56 43.56 -3.77
N ASN D 106 -18.60 42.32 -4.27
CA ASN D 106 -19.89 41.65 -4.43
C ASN D 106 -20.63 41.51 -3.12
N LEU D 107 -19.93 41.11 -2.05
CA LEU D 107 -20.60 40.94 -0.76
C LEU D 107 -21.18 42.26 -0.27
N ILE D 108 -20.43 43.34 -0.37
CA ILE D 108 -20.93 44.63 0.07
C ILE D 108 -22.23 44.96 -0.66
N LYS D 109 -22.25 44.75 -1.98
CA LYS D 109 -23.46 45.06 -2.73
C LYS D 109 -24.60 44.13 -2.37
N ALA D 110 -24.30 42.86 -2.10
CA ALA D 110 -25.36 41.90 -1.77
C ALA D 110 -25.86 42.06 -0.34
N ASN D 111 -25.11 42.68 0.56
CA ASN D 111 -25.49 42.84 1.96
C ASN D 111 -25.46 44.30 2.35
N PRO D 112 -26.32 45.12 1.74
CA PRO D 112 -26.35 46.55 2.08
C PRO D 112 -26.69 46.81 3.54
N ASP D 113 -27.30 45.84 4.20
CA ASP D 113 -27.69 45.94 5.60
C ASP D 113 -26.55 45.59 6.57
N THR D 114 -25.39 45.16 6.07
CA THR D 114 -24.32 44.63 6.89
C THR D 114 -23.14 45.58 6.90
N ARG D 115 -22.44 45.62 8.03
CA ARG D 115 -21.34 46.56 8.24
C ARG D 115 -20.02 45.90 7.84
N PHE D 116 -19.28 46.55 6.95
CA PHE D 116 -17.99 46.05 6.49
C PHE D 116 -16.91 47.01 6.97
N ILE D 117 -15.98 46.50 7.76
CA ILE D 117 -15.01 47.31 8.50
C ILE D 117 -13.62 47.00 7.97
N PHE D 118 -12.85 48.05 7.68
CA PHE D 118 -11.54 47.88 7.06
C PHE D 118 -10.44 48.08 8.11
N LYS D 119 -9.61 47.05 8.31
CA LYS D 119 -8.48 47.07 9.23
C LYS D 119 -7.19 46.93 8.40
N GLU D 120 -6.59 48.04 8.02
CA GLU D 120 -5.36 48.02 7.25
C GLU D 120 -4.18 47.73 8.17
N PHE D 121 -3.24 46.92 7.69
CA PHE D 121 -2.06 46.64 8.51
C PHE D 121 -0.94 46.21 7.56
N PRO D 122 0.28 46.22 8.01
CA PRO D 122 1.37 45.78 7.13
C PRO D 122 1.78 44.34 7.39
N ILE D 123 1.91 43.53 6.33
CA ILE D 123 2.23 42.12 6.50
C ILE D 123 3.66 41.96 6.95
N PHE D 124 4.56 42.77 6.38
CA PHE D 124 5.98 42.72 6.67
C PHE D 124 6.48 44.08 7.13
N SER D 125 7.55 44.01 7.94
CA SER D 125 8.24 45.18 8.43
C SER D 125 8.48 46.23 7.34
N SER D 126 8.99 45.82 6.18
CA SER D 126 9.36 46.82 5.17
C SER D 126 8.16 47.58 4.61
N ARG D 127 6.94 47.13 4.86
CA ARG D 127 5.75 47.77 4.32
C ARG D 127 5.18 48.88 5.20
N TRP D 128 5.72 49.09 6.40
CA TRP D 128 5.12 50.09 7.27
C TRP D 128 5.06 51.47 6.62
N PRO D 129 6.06 51.95 5.89
CA PRO D 129 5.94 53.29 5.32
C PRO D 129 4.76 53.40 4.37
N VAL D 130 4.68 52.49 3.40
CA VAL D 130 3.61 52.55 2.39
C VAL D 130 2.25 52.26 3.02
N SER D 131 2.17 51.24 3.86
CA SER D 131 0.91 50.94 4.53
C SER D 131 0.47 52.13 5.39
N GLY D 132 1.41 52.78 6.07
CA GLY D 132 1.05 53.89 6.93
C GLY D 132 0.54 55.08 6.14
N LEU D 133 1.22 55.41 5.04
CA LEU D 133 0.73 56.47 4.17
C LEU D 133 -0.64 56.14 3.60
N ALA D 134 -0.79 54.93 3.04
CA ALA D 134 -2.10 54.56 2.49
C ALA D 134 -3.17 54.64 3.58
N ALA D 135 -2.85 54.25 4.81
CA ALA D 135 -3.82 54.37 5.90
C ALA D 135 -4.12 55.83 6.22
N ARG D 136 -3.10 56.69 6.21
CA ARG D 136 -3.30 58.11 6.44
C ARG D 136 -4.26 58.72 5.41
N VAL D 137 -3.99 58.47 4.13
CA VAL D 137 -4.84 58.99 3.06
C VAL D 137 -6.26 58.47 3.22
N GLY D 138 -6.39 57.14 3.39
CA GLY D 138 -7.71 56.54 3.50
C GLY D 138 -8.51 57.08 4.67
N GLU D 139 -7.86 57.30 5.81
CA GLU D 139 -8.59 57.85 6.94
C GLU D 139 -9.11 59.25 6.63
N GLN D 140 -8.29 60.06 5.94
CA GLN D 140 -8.75 61.39 5.57
C GLN D 140 -9.88 61.33 4.57
N VAL D 141 -9.78 60.46 3.56
CA VAL D 141 -10.91 60.32 2.63
C VAL D 141 -12.17 59.93 3.41
N TRP D 142 -12.04 58.97 4.32
CA TRP D 142 -13.19 58.52 5.09
C TRP D 142 -13.76 59.63 5.98
N LEU D 143 -12.89 60.39 6.67
CA LEU D 143 -13.41 61.45 7.54
C LEU D 143 -14.02 62.61 6.75
N THR D 144 -13.39 63.02 5.64
CA THR D 144 -13.90 64.21 4.94
C THR D 144 -15.04 63.88 3.97
N GLN D 145 -15.04 62.69 3.38
CA GLN D 145 -15.96 62.42 2.28
C GLN D 145 -16.80 61.16 2.42
N GLY D 146 -16.54 60.32 3.41
CA GLY D 146 -17.46 59.27 3.81
C GLY D 146 -17.00 57.87 3.39
N GLY D 147 -17.78 56.89 3.82
CA GLY D 147 -17.39 55.51 3.60
C GLY D 147 -17.40 55.12 2.14
N ALA D 148 -18.39 55.59 1.38
CA ALA D 148 -18.45 55.28 -0.04
C ALA D 148 -17.21 55.81 -0.75
N LYS D 149 -16.82 57.05 -0.46
CA LYS D 149 -15.61 57.61 -1.04
C LYS D 149 -14.38 56.82 -0.60
N TYR D 150 -14.34 56.39 0.68
CA TYR D 150 -13.25 55.54 1.13
C TYR D 150 -13.16 54.27 0.29
N LEU D 151 -14.31 53.66 -0.02
CA LEU D 151 -14.33 52.43 -0.80
C LEU D 151 -13.78 52.65 -2.20
N ASP D 152 -14.12 53.78 -2.84
CA ASP D 152 -13.52 54.10 -4.14
C ASP D 152 -12.01 54.19 -4.05
N TRP D 153 -11.51 54.97 -3.08
CA TRP D 153 -10.07 55.06 -2.86
C TRP D 153 -9.47 53.68 -2.69
N HIS D 154 -10.06 52.88 -1.82
CA HIS D 154 -9.59 51.54 -1.52
C HIS D 154 -9.53 50.68 -2.78
N ASN D 155 -10.64 50.60 -3.53
CA ASN D 155 -10.62 49.83 -4.77
C ASN D 155 -9.57 50.36 -5.73
N ALA D 156 -9.36 51.67 -5.75
CA ALA D 156 -8.42 52.25 -6.69
C ALA D 156 -6.98 51.91 -6.32
N LEU D 157 -6.67 51.85 -5.03
CA LEU D 157 -5.30 51.51 -4.66
C LEU D 157 -4.96 50.08 -5.11
N TYR D 158 -5.84 49.11 -4.78
CA TYR D 158 -5.78 47.80 -5.43
C TYR D 158 -5.70 47.85 -6.94
N ALA D 159 -6.49 48.71 -7.58
CA ALA D 159 -6.55 48.66 -9.04
C ALA D 159 -5.19 48.92 -9.68
N THR D 160 -4.29 49.62 -8.97
CA THR D 160 -2.95 49.80 -9.51
C THR D 160 -2.29 48.46 -9.81
N GLY D 161 -2.76 47.37 -9.19
CA GLY D 161 -2.18 46.07 -9.41
C GLY D 161 -0.77 45.95 -8.88
N LYS D 162 -0.41 46.78 -7.92
CA LYS D 162 0.94 46.82 -7.37
C LYS D 162 0.95 46.11 -6.02
N VAL D 163 1.59 44.94 -5.98
CA VAL D 163 1.63 44.10 -4.78
C VAL D 163 3.04 43.57 -4.57
N GLU D 164 3.22 42.93 -3.42
CA GLU D 164 4.43 42.20 -3.04
C GLU D 164 5.70 43.02 -3.26
N GLY D 165 5.66 44.28 -2.80
CA GLY D 165 6.78 45.18 -2.85
C GLY D 165 6.63 46.32 -3.85
N ALA D 166 5.69 46.21 -4.80
CA ALA D 166 5.64 47.08 -5.97
C ALA D 166 4.99 48.44 -5.69
N LEU D 167 4.22 48.56 -4.61
CA LEU D 167 3.55 49.82 -4.29
C LEU D 167 4.50 50.72 -3.51
N THR D 168 4.72 51.93 -4.01
CA THR D 168 5.59 52.89 -3.35
C THR D 168 4.79 54.04 -2.77
N GLU D 169 5.44 54.79 -1.88
CA GLU D 169 4.85 56.00 -1.34
C GLU D 169 4.52 56.96 -2.47
N HIS D 170 5.36 57.01 -3.50
CA HIS D 170 5.07 57.88 -4.63
C HIS D 170 3.80 57.44 -5.35
N ASP D 171 3.57 56.12 -5.47
CA ASP D 171 2.32 55.65 -6.06
C ASP D 171 1.13 56.12 -5.25
N VAL D 172 1.21 56.02 -3.93
CA VAL D 172 0.08 56.38 -3.09
C VAL D 172 -0.21 57.88 -3.19
N TYR D 173 0.83 58.72 -3.13
CA TYR D 173 0.63 60.16 -3.25
C TYR D 173 -0.01 60.51 -4.58
N THR D 174 0.43 59.86 -5.66
CA THR D 174 -0.03 60.20 -7.01
C THR D 174 -1.51 59.87 -7.19
N LEU D 175 -1.96 58.75 -6.62
CA LEU D 175 -3.38 58.46 -6.64
C LEU D 175 -4.14 59.33 -5.65
N ALA D 176 -3.52 59.65 -4.51
CA ALA D 176 -4.20 60.43 -3.47
C ALA D 176 -4.56 61.82 -3.97
N GLN D 177 -3.85 62.34 -4.97
CA GLN D 177 -4.19 63.66 -5.50
C GLN D 177 -5.58 63.68 -6.12
N HIS D 178 -6.13 62.53 -6.47
CA HIS D 178 -7.47 62.49 -7.03
C HIS D 178 -8.55 62.33 -5.97
N TYR D 179 -8.18 62.29 -4.69
CA TYR D 179 -9.13 62.06 -3.63
C TYR D 179 -9.08 63.09 -2.51
N LEU D 180 -8.05 63.93 -2.47
CA LEU D 180 -7.89 64.92 -1.43
C LEU D 180 -7.40 66.20 -2.08
N THR D 181 -7.83 67.34 -1.54
CA THR D 181 -7.32 68.60 -2.01
C THR D 181 -5.82 68.70 -1.77
N PRO D 182 -5.14 69.61 -2.48
CA PRO D 182 -3.73 69.90 -2.13
C PRO D 182 -3.51 70.22 -0.66
N THR D 183 -4.43 70.98 -0.05
CA THR D 183 -4.32 71.28 1.37
C THR D 183 -4.44 70.01 2.21
N GLN D 184 -5.49 69.22 1.97
CA GLN D 184 -5.70 68.01 2.77
C GLN D 184 -4.54 67.05 2.60
N LEU D 185 -4.04 66.91 1.38
CA LEU D 185 -2.92 66.00 1.14
C LEU D 185 -1.63 66.54 1.76
N ALA D 186 -1.44 67.86 1.81
CA ALA D 186 -0.23 68.41 2.42
C ALA D 186 -0.13 68.10 3.91
N ALA D 187 -1.27 68.12 4.61
CA ALA D 187 -1.22 67.79 6.03
C ALA D 187 -0.86 66.31 6.23
N VAL D 188 -1.35 65.44 5.36
CA VAL D 188 -0.97 64.02 5.41
C VAL D 188 0.54 63.88 5.19
N LYS D 189 1.07 64.57 4.18
CA LYS D 189 2.48 64.45 3.81
C LYS D 189 3.38 65.01 4.91
N GLU D 190 2.95 66.11 5.53
CA GLU D 190 3.64 66.69 6.68
C GLU D 190 3.69 65.68 7.84
N ALA D 191 2.54 65.05 8.15
CA ALA D 191 2.50 64.08 9.23
C ALA D 191 3.37 62.86 8.94
N GLN D 192 3.34 62.36 7.71
CA GLN D 192 4.17 61.20 7.37
C GLN D 192 5.66 61.56 7.45
N SER D 193 6.05 62.76 7.00
CA SER D 193 7.46 63.14 6.99
C SER D 193 8.03 63.31 8.40
N SER D 194 7.18 63.67 9.37
CA SER D 194 7.60 63.81 10.76
C SER D 194 8.17 62.52 11.35
N GLY D 195 7.94 61.36 10.72
CA GLY D 195 8.40 60.11 11.27
C GLY D 195 7.38 59.41 12.14
N ALA D 196 6.31 60.08 12.55
CA ALA D 196 5.33 59.44 13.38
C ALA D 196 4.55 58.43 12.56
N VAL D 197 4.18 57.32 13.19
CA VAL D 197 3.45 56.25 12.52
C VAL D 197 1.98 56.45 12.77
N HIS D 198 1.20 56.44 11.70
CA HIS D 198 -0.22 56.71 11.80
C HIS D 198 -0.86 55.90 12.92
N ASP D 199 -1.63 56.58 13.76
CA ASP D 199 -2.16 55.91 14.94
C ASP D 199 -3.04 54.70 14.59
N ALA D 200 -3.86 54.81 13.54
CA ALA D 200 -4.68 53.68 13.12
C ALA D 200 -3.85 52.47 12.76
N LEU D 201 -2.65 52.67 12.19
CA LEU D 201 -1.79 51.53 11.88
C LEU D 201 -1.26 50.89 13.16
N LEU D 202 -0.80 51.71 14.10
CA LEU D 202 -0.41 51.17 15.41
C LEU D 202 -1.55 50.38 16.04
N THR D 203 -2.78 50.92 15.99
CA THR D 203 -3.91 50.28 16.65
C THR D 203 -4.29 49.00 15.93
N ASN D 204 -4.30 49.03 14.60
CA ASN D 204 -4.64 47.84 13.84
C ASN D 204 -3.61 46.74 14.04
N GLN D 205 -2.31 47.08 14.04
CA GLN D 205 -1.30 46.04 14.22
C GLN D 205 -1.38 45.45 15.62
N ALA D 206 -1.70 46.26 16.63
CA ALA D 206 -1.85 45.73 17.98
C ALA D 206 -3.06 44.80 18.07
N LEU D 207 -4.17 45.20 17.46
CA LEU D 207 -5.36 44.37 17.42
C LEU D 207 -5.08 43.08 16.65
N ALA D 208 -4.44 43.19 15.49
CA ALA D 208 -4.13 41.99 14.72
C ALA D 208 -3.31 41.02 15.55
N GLN D 209 -2.33 41.54 16.32
CA GLN D 209 -1.53 40.66 17.16
C GLN D 209 -2.36 40.08 18.30
N HIS D 210 -3.26 40.87 18.89
CA HIS D 210 -4.12 40.32 19.93
C HIS D 210 -5.04 39.25 19.36
N MET D 211 -5.43 39.38 18.09
CA MET D 211 -6.27 38.41 17.42
C MET D 211 -5.48 37.23 16.90
N ASP D 212 -4.17 37.16 17.16
CA ASP D 212 -3.29 36.18 16.53
C ASP D 212 -3.44 36.16 15.00
N PHE D 213 -3.44 37.37 14.40
CA PHE D 213 -3.43 37.57 12.96
C PHE D 213 -2.16 38.25 12.47
N SER D 214 -1.09 38.32 13.28
CA SER D 214 0.06 39.09 12.83
C SER D 214 0.55 38.59 11.49
N GLY D 215 0.73 39.50 10.54
CA GLY D 215 1.15 39.16 9.19
C GLY D 215 0.17 38.31 8.39
N THR D 216 -1.10 38.26 8.79
CA THR D 216 -2.04 37.25 8.32
C THR D 216 -3.41 37.84 8.01
N PRO D 217 -3.73 38.06 6.74
CA PRO D 217 -5.06 38.59 6.39
C PRO D 217 -6.17 37.65 6.86
N ALA D 218 -7.30 38.22 7.25
CA ALA D 218 -8.36 37.44 7.87
C ALA D 218 -9.65 38.24 7.86
N PHE D 219 -10.76 37.50 7.97
CA PHE D 219 -12.10 38.04 8.11
C PHE D 219 -12.65 37.61 9.46
N VAL D 220 -13.24 38.54 10.21
CA VAL D 220 -14.03 38.20 11.38
C VAL D 220 -15.46 38.61 11.10
N VAL D 221 -16.38 37.67 11.25
CA VAL D 221 -17.80 37.88 10.99
C VAL D 221 -18.54 37.59 12.28
N MET D 222 -19.28 38.58 12.78
CA MET D 222 -19.86 38.50 14.11
C MET D 222 -21.08 39.41 14.20
N PRO D 223 -22.02 39.12 15.09
CA PRO D 223 -23.05 40.10 15.40
C PRO D 223 -22.44 41.28 16.14
N GLN D 224 -23.05 42.45 15.96
CA GLN D 224 -22.53 43.62 16.65
C GLN D 224 -22.97 43.69 18.11
N THR D 225 -24.07 43.02 18.47
CA THR D 225 -24.56 42.98 19.84
C THR D 225 -24.11 41.70 20.52
N GLN D 226 -23.43 41.84 21.65
CA GLN D 226 -22.94 40.66 22.36
C GLN D 226 -24.09 39.88 22.99
N ASP D 227 -24.09 38.56 22.78
CA ASP D 227 -24.99 37.66 23.49
C ASP D 227 -24.32 36.39 24.00
N GLY D 228 -23.05 36.13 23.64
CA GLY D 228 -22.34 34.95 24.10
C GLY D 228 -22.55 33.70 23.28
N ASP D 229 -23.14 33.82 22.09
CA ASP D 229 -23.30 32.66 21.21
C ASP D 229 -22.07 32.62 20.33
N VAL D 230 -21.17 31.67 20.62
CA VAL D 230 -20.01 31.43 19.78
C VAL D 230 -20.45 30.93 18.42
N LYS D 231 -21.69 30.48 18.31
CA LYS D 231 -22.18 29.91 17.08
C LYS D 231 -22.50 30.96 16.03
N ARG D 232 -22.56 32.23 16.39
CA ARG D 232 -22.81 33.30 15.43
C ARG D 232 -21.53 33.95 14.90
N VAL D 233 -20.36 33.49 15.35
CA VAL D 233 -19.08 34.09 14.99
C VAL D 233 -18.29 33.11 14.12
N THR D 234 -17.63 33.64 13.09
CA THR D 234 -16.81 32.86 12.18
C THR D 234 -15.56 33.66 11.86
N VAL D 235 -14.40 33.01 11.94
CA VAL D 235 -13.14 33.63 11.59
C VAL D 235 -12.57 32.89 10.39
N ILE D 236 -12.32 33.64 9.32
CA ILE D 236 -12.05 33.05 8.00
C ILE D 236 -10.73 33.56 7.47
N PRO D 237 -9.96 32.74 6.73
CA PRO D 237 -8.72 33.23 6.12
C PRO D 237 -8.99 34.28 5.06
N GLY D 238 -7.99 35.14 4.85
CA GLY D 238 -8.06 36.11 3.75
C GLY D 238 -8.38 35.46 2.43
N SER D 239 -7.85 34.27 2.18
CA SER D 239 -8.24 33.49 1.01
C SER D 239 -9.49 32.67 1.33
N THR D 240 -10.62 33.06 0.75
CA THR D 240 -11.84 32.27 0.95
C THR D 240 -12.69 32.39 -0.30
N THR D 241 -14.00 32.17 -0.16
CA THR D 241 -14.93 32.28 -1.27
C THR D 241 -16.11 33.16 -0.88
N GLN D 242 -16.81 33.67 -1.88
CA GLN D 242 -17.99 34.49 -1.58
C GLN D 242 -19.03 33.70 -0.81
N ASP D 243 -19.19 32.42 -1.13
CA ASP D 243 -20.17 31.57 -0.44
C ASP D 243 -19.84 31.40 1.03
N MET D 244 -18.57 31.12 1.34
CA MET D 244 -18.16 30.96 2.72
C MET D 244 -18.47 32.23 3.53
N LEU D 245 -18.12 33.40 2.98
CA LEU D 245 -18.37 34.64 3.69
C LEU D 245 -19.86 34.92 3.79
N GLN D 246 -20.64 34.55 2.77
CA GLN D 246 -22.08 34.79 2.84
C GLN D 246 -22.74 33.90 3.90
N MET D 247 -22.36 32.62 3.99
CA MET D 247 -22.87 31.79 5.07
C MET D 247 -22.51 32.37 6.43
N ALA D 248 -21.30 32.92 6.57
CA ALA D 248 -20.92 33.51 7.86
C ALA D 248 -21.82 34.71 8.19
N ILE D 249 -22.14 35.53 7.20
CA ILE D 249 -23.00 36.68 7.40
C ILE D 249 -24.37 36.24 7.89
N GLN D 250 -24.93 35.22 7.26
CA GLN D 250 -26.22 34.70 7.70
C GLN D 250 -26.14 34.19 9.15
N LYS D 251 -25.12 33.39 9.47
CA LYS D 251 -24.92 32.98 10.86
C LYS D 251 -24.91 34.20 11.79
N ALA D 252 -24.19 35.26 11.40
CA ALA D 252 -24.06 36.41 12.27
C ALA D 252 -25.36 37.22 12.36
N LYS D 253 -26.18 37.21 11.32
CA LYS D 253 -27.47 37.90 11.41
C LYS D 253 -28.42 37.18 12.34
N GLY D 254 -28.38 35.85 12.35
CA GLY D 254 -29.15 35.08 13.31
C GLY D 254 -30.58 34.86 12.88
N ILE E 9 4.03 -13.05 37.63
CA ILE E 9 3.20 -12.78 36.47
C ILE E 9 3.69 -11.56 35.70
N GLY E 10 3.96 -10.47 36.42
CA GLY E 10 4.42 -9.24 35.82
C GLY E 10 5.57 -9.44 34.85
N PRO E 11 6.68 -10.00 35.35
CA PRO E 11 7.82 -10.29 34.46
C PRO E 11 7.49 -11.25 33.34
N THR E 12 6.67 -12.28 33.62
CA THR E 12 6.39 -13.32 32.62
C THR E 12 5.52 -12.79 31.48
N ALA E 13 4.54 -11.95 31.80
CA ALA E 13 3.78 -11.27 30.75
C ALA E 13 4.66 -10.33 29.96
N GLU E 14 5.54 -9.58 30.65
CA GLU E 14 6.45 -8.66 29.97
C GLU E 14 7.29 -9.38 28.92
N ALA E 15 7.95 -10.49 29.30
CA ALA E 15 8.80 -11.21 28.37
C ALA E 15 8.01 -11.89 27.26
N TYR E 16 6.78 -12.33 27.55
CA TYR E 16 5.92 -12.89 26.50
C TYR E 16 5.48 -11.82 25.51
N ILE E 17 5.11 -10.65 26.01
CA ILE E 17 4.77 -9.55 25.11
C ILE E 17 5.98 -9.18 24.26
N VAL E 18 7.18 -9.19 24.87
CA VAL E 18 8.39 -8.87 24.15
C VAL E 18 8.65 -9.88 23.03
N SER E 19 8.39 -11.17 23.30
CA SER E 19 8.58 -12.19 22.28
C SER E 19 7.47 -12.17 21.23
N HIS E 20 6.26 -11.82 21.64
CA HIS E 20 5.08 -11.83 20.78
C HIS E 20 4.35 -10.52 20.98
N PRO E 21 4.87 -9.45 20.39
CA PRO E 21 4.35 -8.11 20.67
C PRO E 21 3.22 -7.66 19.76
N ASP E 22 2.76 -8.51 18.85
CA ASP E 22 2.02 -8.00 17.69
C ASP E 22 0.58 -7.65 18.05
N LYS E 23 -0.10 -8.53 18.79
CA LYS E 23 -1.50 -8.26 19.11
C LYS E 23 -1.63 -7.12 20.11
N VAL E 24 -0.65 -6.93 21.01
CA VAL E 24 -0.60 -5.71 21.81
C VAL E 24 -0.37 -4.50 20.90
N GLY E 25 0.54 -4.62 19.94
CA GLY E 25 0.85 -3.50 19.06
C GLY E 25 -0.35 -3.04 18.25
N GLU E 26 -1.16 -4.00 17.77
CA GLU E 26 -2.31 -3.62 16.96
C GLU E 26 -3.33 -2.81 17.76
N VAL E 27 -3.53 -3.14 19.04
CA VAL E 27 -4.49 -2.36 19.82
C VAL E 27 -3.90 -1.02 20.25
N VAL E 28 -2.58 -0.95 20.44
CA VAL E 28 -1.94 0.33 20.76
C VAL E 28 -2.03 1.27 19.56
N ALA E 29 -1.81 0.75 18.35
CA ALA E 29 -1.96 1.56 17.15
C ALA E 29 -3.34 2.20 17.09
N THR E 30 -4.40 1.42 17.33
CA THR E 30 -5.74 1.99 17.32
C THR E 30 -5.89 3.06 18.38
N TYR E 31 -5.26 2.87 19.54
CA TYR E 31 -5.37 3.88 20.60
C TYR E 31 -4.65 5.15 20.22
N LEU E 32 -3.40 5.02 19.75
CA LEU E 32 -2.62 6.19 19.39
C LEU E 32 -3.32 7.03 18.33
N ALA E 33 -4.06 6.39 17.43
CA ALA E 33 -4.76 7.12 16.38
C ALA E 33 -5.84 8.01 16.97
N GLU E 34 -6.32 7.70 18.16
CA GLU E 34 -7.37 8.43 18.82
C GLU E 34 -6.87 9.45 19.83
N HIS E 35 -5.57 9.44 20.16
CA HIS E 35 -4.99 10.31 21.18
C HIS E 35 -3.62 10.76 20.72
N PRO E 36 -3.59 11.65 19.75
CA PRO E 36 -2.32 11.90 19.05
C PRO E 36 -1.45 13.01 19.62
N GLU E 37 -1.67 13.43 20.87
CA GLU E 37 -0.81 14.47 21.41
C GLU E 37 0.64 14.02 21.52
N PHE E 38 0.89 12.72 21.60
CA PHE E 38 2.27 12.24 21.62
C PHE E 38 3.04 12.71 20.39
N LEU E 39 2.34 12.97 19.28
CA LEU E 39 3.02 13.45 18.08
C LEU E 39 3.65 14.81 18.32
N VAL E 40 2.97 15.66 19.08
CA VAL E 40 3.50 16.99 19.40
C VAL E 40 4.62 16.88 20.42
N ALA E 41 4.39 16.10 21.48
CA ALA E 41 5.44 15.90 22.47
C ALA E 41 6.68 15.31 21.81
N ALA E 42 6.49 14.38 20.87
CA ALA E 42 7.61 13.72 20.22
C ALA E 42 8.44 14.71 19.41
N SER E 43 7.79 15.64 18.73
CA SER E 43 8.60 16.55 17.94
C SER E 43 9.24 17.60 18.84
N GLU E 44 8.60 17.96 19.95
CA GLU E 44 9.27 18.78 20.95
C GLU E 44 10.53 18.10 21.46
N THR E 45 10.46 16.78 21.69
CA THR E 45 11.65 16.05 22.14
C THR E 45 12.75 16.07 21.08
N LEU E 46 12.42 15.94 19.78
CA LEU E 46 13.51 15.91 18.81
C LEU E 46 14.17 17.28 18.69
N HIS E 47 13.38 18.35 18.76
CA HIS E 47 13.96 19.69 18.68
C HIS E 47 15.00 19.89 19.78
N GLN E 48 14.65 19.52 21.02
CA GLN E 48 15.61 19.57 22.11
C GLN E 48 16.88 18.79 21.78
N ARG E 49 16.75 17.65 21.10
CA ARG E 49 17.93 16.89 20.72
C ARG E 49 18.72 17.60 19.62
N GLN E 50 18.03 18.04 18.56
CA GLN E 50 18.72 18.67 17.44
C GLN E 50 19.53 19.88 17.89
N GLN E 51 19.14 20.55 18.98
CA GLN E 51 19.87 21.73 19.44
C GLN E 51 21.26 21.36 19.95
N ILE E 52 21.33 20.31 20.79
CA ILE E 52 22.61 19.87 21.32
C ILE E 52 23.33 18.93 20.36
N ALA E 53 22.76 18.69 19.17
CA ALA E 53 23.35 17.84 18.15
C ALA E 53 24.77 18.29 17.81
N GLN E 54 25.49 17.45 17.09
CA GLN E 54 26.90 17.70 16.81
C GLN E 54 27.05 18.39 15.46
N GLN E 55 27.58 19.62 15.47
CA GLN E 55 27.60 20.44 14.27
C GLN E 55 28.35 19.76 13.13
N GLN E 56 29.65 19.51 13.29
CA GLN E 56 30.41 19.02 12.14
C GLN E 56 29.88 17.70 11.61
N ALA E 57 29.09 16.96 12.41
CA ALA E 57 28.33 15.84 11.86
C ALA E 57 27.22 16.33 10.92
N TYR E 58 26.60 17.48 11.23
CA TYR E 58 25.70 18.08 10.26
C TYR E 58 26.46 18.60 9.05
N VAL E 59 27.65 19.16 9.27
CA VAL E 59 28.40 19.75 8.16
C VAL E 59 28.82 18.68 7.16
N GLN E 60 29.29 17.52 7.64
CA GLN E 60 29.62 16.45 6.70
C GLN E 60 28.38 16.03 5.90
N LEU E 61 27.22 15.99 6.56
CA LEU E 61 26.01 15.61 5.86
C LEU E 61 25.71 16.59 4.73
N ALA E 62 25.78 17.90 5.02
CA ALA E 62 25.50 18.89 3.99
C ALA E 62 26.48 18.78 2.83
N LEU E 63 27.76 18.58 3.14
CA LEU E 63 28.76 18.42 2.09
C LEU E 63 28.46 17.20 1.22
N GLN E 64 28.06 16.10 1.86
CA GLN E 64 27.74 14.88 1.12
C GLN E 64 26.54 15.08 0.19
N TYR E 65 25.54 15.85 0.63
CA TYR E 65 24.31 16.02 -0.13
C TYR E 65 24.26 17.35 -0.86
N ARG E 66 25.43 17.94 -1.07
CA ARG E 66 25.53 19.29 -1.63
C ARG E 66 24.78 19.41 -2.97
N ALA E 67 24.93 18.43 -3.86
CA ALA E 67 24.32 18.54 -5.18
C ALA E 67 22.79 18.55 -5.11
N GLU E 68 22.22 17.75 -4.20
CA GLU E 68 20.77 17.79 -4.01
C GLU E 68 20.34 19.08 -3.32
N LEU E 69 21.16 19.59 -2.38
CA LEU E 69 20.81 20.82 -1.69
C LEU E 69 20.82 22.02 -2.64
N LEU E 70 21.77 22.07 -3.58
CA LEU E 70 21.90 23.20 -4.48
C LEU E 70 21.20 23.01 -5.82
N SER E 71 20.49 21.89 -6.00
CA SER E 71 19.83 21.59 -7.25
C SER E 71 19.04 22.77 -7.82
N SER E 72 19.20 22.99 -9.13
CA SER E 72 18.46 24.03 -9.82
C SER E 72 16.97 23.72 -9.97
N SER E 73 16.53 22.48 -9.71
CA SER E 73 15.13 22.13 -9.87
C SER E 73 14.25 22.59 -8.70
N SER E 74 14.82 22.83 -7.49
CA SER E 74 14.08 23.36 -6.36
C SER E 74 13.90 24.87 -6.48
N PRO E 75 12.76 25.41 -6.07
CA PRO E 75 12.53 26.86 -6.22
C PRO E 75 13.54 27.68 -5.43
N SER E 76 13.96 28.79 -6.02
CA SER E 76 14.91 29.67 -5.36
C SER E 76 14.70 31.09 -5.82
N VAL E 77 15.18 32.03 -5.01
CA VAL E 77 15.36 33.40 -5.43
C VAL E 77 16.83 33.78 -5.21
N GLY E 78 17.23 34.88 -5.84
CA GLY E 78 18.61 35.29 -5.82
C GLY E 78 19.37 34.68 -6.98
N PRO E 79 20.58 35.18 -7.22
CA PRO E 79 21.35 34.74 -8.39
C PRO E 79 21.58 33.23 -8.39
N ASN E 80 21.31 32.61 -9.55
CA ASN E 80 21.61 31.19 -9.69
C ASN E 80 23.06 30.89 -9.34
N GLU E 81 23.96 31.84 -9.60
CA GLU E 81 25.39 31.66 -9.37
C GLU E 81 25.91 32.46 -8.17
N ALA E 82 25.03 32.85 -7.25
CA ALA E 82 25.46 33.56 -6.04
C ALA E 82 26.60 32.80 -5.37
N LYS E 83 27.45 33.54 -4.64
CA LYS E 83 28.55 32.90 -3.92
C LYS E 83 28.03 31.95 -2.85
N ALA E 84 27.02 32.37 -2.08
CA ALA E 84 26.51 31.61 -0.95
C ALA E 84 25.03 31.26 -1.14
N ALA E 85 24.65 30.10 -0.60
CA ALA E 85 23.28 29.61 -0.70
C ALA E 85 22.69 29.39 0.69
N VAL E 86 21.41 29.73 0.84
CA VAL E 86 20.65 29.37 2.03
C VAL E 86 19.54 28.42 1.60
N VAL E 87 19.58 27.20 2.13
CA VAL E 87 18.58 26.18 1.85
C VAL E 87 17.66 26.07 3.06
N MET E 88 16.37 26.32 2.86
CA MET E 88 15.35 26.23 3.91
C MET E 88 14.46 25.00 3.72
N PHE E 89 14.38 24.17 4.76
CA PHE E 89 13.47 23.03 4.80
C PHE E 89 12.29 23.39 5.68
N PHE E 90 11.08 23.10 5.21
CA PHE E 90 9.92 23.53 5.96
C PHE E 90 8.74 22.66 5.58
N ASP E 91 7.80 22.53 6.52
CA ASP E 91 6.55 21.82 6.34
C ASP E 91 5.41 22.79 6.62
N TYR E 92 4.62 23.08 5.57
CA TYR E 92 3.47 23.99 5.68
C TYR E 92 2.52 23.66 6.84
N GLN E 93 2.46 22.40 7.26
CA GLN E 93 1.38 21.95 8.13
C GLN E 93 1.71 21.98 9.61
N CYS E 94 2.94 22.29 10.00
CA CYS E 94 3.25 22.29 11.42
C CYS E 94 2.74 23.59 12.03
N SER E 95 1.56 23.51 12.66
CA SER E 95 0.89 24.69 13.16
C SER E 95 1.54 25.24 14.42
N TRP E 96 2.16 24.37 15.21
CA TRP E 96 2.82 24.76 16.43
C TRP E 96 4.30 25.12 16.23
N CYS E 97 4.78 25.11 14.99
CA CYS E 97 6.20 25.28 14.73
C CYS E 97 6.58 26.76 14.62
N SER E 98 7.89 26.99 14.50
CA SER E 98 8.42 28.34 14.51
C SER E 98 8.12 29.06 13.20
N LYS E 99 7.54 30.25 13.33
CA LYS E 99 7.25 31.15 12.22
C LYS E 99 8.53 31.88 11.82
N MET E 100 9.19 31.44 10.74
CA MET E 100 10.42 32.08 10.30
C MET E 100 10.25 33.00 9.07
N ALA E 101 9.08 33.06 8.45
CA ALA E 101 8.97 33.77 7.17
C ALA E 101 9.36 35.25 7.24
N PRO E 102 9.06 35.99 8.31
CA PRO E 102 9.57 37.36 8.41
C PRO E 102 11.09 37.45 8.42
N VAL E 103 11.79 36.48 9.02
CA VAL E 103 13.24 36.51 9.03
C VAL E 103 13.79 36.25 7.64
N VAL E 104 13.23 35.26 6.95
CA VAL E 104 13.67 34.92 5.60
C VAL E 104 13.40 36.08 4.65
N GLU E 105 12.21 36.68 4.73
CA GLU E 105 11.92 37.83 3.90
C GLU E 105 12.93 38.95 4.14
N ASN E 106 13.27 39.21 5.42
CA ASN E 106 14.28 40.24 5.71
C ASN E 106 15.65 39.85 5.15
N LEU E 107 16.01 38.58 5.25
CA LEU E 107 17.32 38.14 4.79
C LEU E 107 17.44 38.27 3.28
N ILE E 108 16.36 37.94 2.55
CA ILE E 108 16.40 38.05 1.10
C ILE E 108 16.59 39.50 0.70
N LYS E 109 15.85 40.40 1.32
CA LYS E 109 16.04 41.83 1.04
C LYS E 109 17.44 42.28 1.38
N ALA E 110 17.98 41.84 2.53
CA ALA E 110 19.29 42.32 2.93
C ALA E 110 20.43 41.70 2.12
N ASN E 111 20.19 40.58 1.44
CA ASN E 111 21.24 39.86 0.72
C ASN E 111 20.84 39.60 -0.72
N PRO E 112 20.71 40.64 -1.54
CA PRO E 112 20.24 40.44 -2.92
C PRO E 112 21.16 39.57 -3.75
N ASP E 113 22.43 39.45 -3.36
CA ASP E 113 23.40 38.65 -4.10
C ASP E 113 23.55 37.24 -3.53
N THR E 114 22.56 36.76 -2.77
CA THR E 114 22.61 35.43 -2.18
C THR E 114 21.43 34.61 -2.69
N ARG E 115 21.63 33.30 -2.83
CA ARG E 115 20.58 32.41 -3.33
C ARG E 115 19.85 31.77 -2.16
N PHE E 116 18.52 31.82 -2.18
CA PHE E 116 17.70 31.21 -1.14
C PHE E 116 16.86 30.12 -1.78
N ILE E 117 16.95 28.91 -1.24
CA ILE E 117 16.36 27.72 -1.83
C ILE E 117 15.35 27.14 -0.86
N PHE E 118 14.21 26.72 -1.40
CA PHE E 118 13.09 26.25 -0.59
C PHE E 118 12.86 24.76 -0.84
N LYS E 119 12.89 23.98 0.24
CA LYS E 119 12.67 22.53 0.21
C LYS E 119 11.46 22.23 1.08
N GLU E 120 10.27 22.23 0.49
CA GLU E 120 9.10 21.84 1.24
C GLU E 120 9.06 20.30 1.35
N PHE E 121 8.69 19.82 2.53
CA PHE E 121 8.61 18.38 2.78
C PHE E 121 7.61 18.12 3.90
N PRO E 122 7.23 16.87 4.13
CA PRO E 122 6.34 16.56 5.25
C PRO E 122 7.06 15.90 6.41
N ILE E 123 6.83 16.39 7.62
CA ILE E 123 7.35 15.73 8.82
C ILE E 123 6.39 14.60 9.16
N PHE E 124 6.76 13.78 10.15
CA PHE E 124 6.02 12.54 10.39
C PHE E 124 4.57 12.78 10.83
N SER E 125 4.24 13.97 11.31
CA SER E 125 2.90 14.23 11.81
C SER E 125 1.98 14.91 10.80
N SER E 126 2.41 15.10 9.56
CA SER E 126 1.61 15.82 8.57
C SER E 126 0.74 14.89 7.74
N ARG E 127 -0.39 15.43 7.24
CA ARG E 127 -1.17 14.74 6.22
C ARG E 127 -0.40 14.75 4.90
N TRP E 128 0.12 13.59 4.50
CA TRP E 128 0.94 13.56 3.29
C TRP E 128 0.15 13.93 2.03
N PRO E 129 -1.11 13.51 1.83
CA PRO E 129 -1.82 13.97 0.62
C PRO E 129 -1.89 15.48 0.53
N VAL E 130 -2.02 16.19 1.65
CA VAL E 130 -2.05 17.66 1.59
C VAL E 130 -0.66 18.19 1.29
N SER E 131 0.39 17.57 1.84
CA SER E 131 1.74 18.00 1.46
C SER E 131 1.95 17.84 -0.04
N GLY E 132 1.45 16.74 -0.61
CA GLY E 132 1.62 16.50 -2.03
C GLY E 132 0.94 17.54 -2.88
N LEU E 133 -0.31 17.88 -2.54
CA LEU E 133 -1.04 18.88 -3.33
C LEU E 133 -0.38 20.24 -3.23
N ALA E 134 0.10 20.61 -2.04
CA ALA E 134 0.76 21.91 -1.93
C ALA E 134 2.05 21.91 -2.73
N ALA E 135 2.75 20.78 -2.81
CA ALA E 135 3.97 20.75 -3.58
C ALA E 135 3.68 20.75 -5.07
N ARG E 136 2.60 20.08 -5.48
CA ARG E 136 2.18 20.10 -6.88
C ARG E 136 1.81 21.51 -7.35
N VAL E 137 1.07 22.26 -6.55
CA VAL E 137 0.72 23.63 -6.95
C VAL E 137 1.97 24.50 -7.00
N GLY E 138 2.79 24.46 -5.93
CA GLY E 138 3.99 25.25 -5.89
C GLY E 138 4.98 24.89 -6.99
N GLU E 139 5.05 23.63 -7.35
CA GLU E 139 5.89 23.24 -8.47
C GLU E 139 5.45 23.96 -9.74
N GLN E 140 4.13 24.02 -9.97
CA GLN E 140 3.63 24.66 -11.18
C GLN E 140 3.85 26.18 -11.16
N VAL E 141 3.64 26.82 -10.01
CA VAL E 141 3.95 28.24 -9.85
C VAL E 141 5.43 28.49 -10.13
N TRP E 142 6.30 27.71 -9.52
CA TRP E 142 7.74 27.86 -9.75
C TRP E 142 8.09 27.69 -11.22
N LEU E 143 7.48 26.74 -11.90
CA LEU E 143 7.84 26.45 -13.27
C LEU E 143 7.28 27.50 -14.23
N THR E 144 6.05 27.94 -14.01
CA THR E 144 5.44 28.87 -14.96
C THR E 144 5.68 30.33 -14.62
N GLN E 145 6.00 30.67 -13.36
CA GLN E 145 6.08 32.07 -12.94
C GLN E 145 7.33 32.46 -12.15
N GLY E 146 8.12 31.51 -11.64
CA GLY E 146 9.43 31.84 -11.10
C GLY E 146 9.46 31.89 -9.58
N GLY E 147 10.64 32.28 -9.08
CA GLY E 147 10.92 32.12 -7.66
C GLY E 147 10.14 33.09 -6.80
N ALA E 148 10.13 34.36 -7.18
CA ALA E 148 9.41 35.35 -6.39
C ALA E 148 7.94 35.00 -6.30
N LYS E 149 7.34 34.53 -7.39
CA LYS E 149 5.93 34.18 -7.32
C LYS E 149 5.72 32.93 -6.48
N TYR E 150 6.65 31.97 -6.54
CA TYR E 150 6.58 30.83 -5.65
C TYR E 150 6.59 31.27 -4.20
N LEU E 151 7.44 32.25 -3.85
CA LEU E 151 7.48 32.72 -2.47
C LEU E 151 6.16 33.36 -2.07
N ASP E 152 5.54 34.11 -2.98
CA ASP E 152 4.26 34.72 -2.69
C ASP E 152 3.20 33.65 -2.39
N TRP E 153 3.12 32.63 -3.24
CA TRP E 153 2.26 31.48 -2.98
C TRP E 153 2.62 30.84 -1.63
N HIS E 154 3.90 30.72 -1.36
CA HIS E 154 4.43 30.14 -0.13
C HIS E 154 3.91 30.88 1.11
N ASN E 155 4.12 32.20 1.16
CA ASN E 155 3.64 32.99 2.29
C ASN E 155 2.12 32.95 2.37
N ALA E 156 1.45 33.00 1.22
CA ALA E 156 -0.02 32.95 1.19
C ALA E 156 -0.53 31.63 1.78
N LEU E 157 0.18 30.52 1.52
CA LEU E 157 -0.27 29.23 2.03
C LEU E 157 -0.08 29.13 3.55
N TYR E 158 1.05 29.61 4.07
CA TYR E 158 1.23 29.65 5.51
C TYR E 158 0.16 30.51 6.16
N ALA E 159 -0.18 31.63 5.53
CA ALA E 159 -1.13 32.56 6.11
C ALA E 159 -2.53 31.96 6.16
N THR E 160 -2.91 31.24 5.11
CA THR E 160 -4.17 30.52 5.10
C THR E 160 -4.20 29.40 6.14
N GLY E 161 -3.14 28.60 6.21
CA GLY E 161 -3.07 27.54 7.20
C GLY E 161 -3.09 28.06 8.63
N LYS E 162 -2.50 29.23 8.85
CA LYS E 162 -2.52 29.79 10.19
C LYS E 162 -3.94 30.10 10.64
N VAL E 163 -4.71 30.80 9.81
CA VAL E 163 -6.06 31.17 10.25
C VAL E 163 -6.93 29.93 10.31
N GLU E 164 -6.76 29.02 9.36
CA GLU E 164 -7.58 27.82 9.32
C GLU E 164 -7.24 26.88 10.46
N GLY E 165 -6.00 26.89 10.95
CA GLY E 165 -5.58 25.98 12.00
C GLY E 165 -5.03 24.66 11.50
N ALA E 166 -5.17 24.37 10.20
CA ALA E 166 -4.68 23.16 9.54
C ALA E 166 -5.01 23.37 8.07
N LEU E 167 -4.41 22.56 7.20
CA LEU E 167 -4.66 22.63 5.78
C LEU E 167 -5.36 21.38 5.29
N THR E 168 -6.44 21.56 4.55
CA THR E 168 -7.02 20.49 3.76
C THR E 168 -6.76 20.76 2.29
N GLU E 169 -7.05 19.76 1.47
CA GLU E 169 -6.94 19.92 0.03
C GLU E 169 -7.83 21.08 -0.45
N HIS E 170 -9.04 21.20 0.10
CA HIS E 170 -9.94 22.26 -0.34
C HIS E 170 -9.35 23.64 -0.10
N ASP E 171 -8.71 23.84 1.05
CA ASP E 171 -8.02 25.11 1.31
C ASP E 171 -6.97 25.38 0.24
N VAL E 172 -6.16 24.37 -0.07
CA VAL E 172 -5.08 24.56 -1.03
C VAL E 172 -5.63 24.86 -2.41
N TYR E 173 -6.69 24.15 -2.82
CA TYR E 173 -7.28 24.43 -4.14
C TYR E 173 -7.84 25.84 -4.20
N THR E 174 -8.56 26.24 -3.15
CA THR E 174 -9.18 27.57 -3.14
C THR E 174 -8.13 28.67 -3.25
N LEU E 175 -6.99 28.52 -2.57
CA LEU E 175 -5.93 29.51 -2.70
C LEU E 175 -5.28 29.43 -4.07
N ALA E 176 -5.08 28.21 -4.57
CA ALA E 176 -4.33 28.02 -5.80
C ALA E 176 -5.02 28.68 -6.99
N GLN E 177 -6.35 28.85 -6.94
CA GLN E 177 -7.03 29.57 -8.00
C GLN E 177 -6.46 30.97 -8.25
N HIS E 178 -5.82 31.59 -7.27
CA HIS E 178 -5.20 32.89 -7.41
C HIS E 178 -3.78 32.83 -7.94
N TYR E 179 -3.27 31.64 -8.29
CA TYR E 179 -1.91 31.51 -8.77
C TYR E 179 -1.76 30.67 -10.01
N LEU E 180 -2.72 29.81 -10.34
CA LEU E 180 -2.71 29.01 -11.55
C LEU E 180 -3.96 29.31 -12.36
N THR E 181 -3.83 29.18 -13.68
CA THR E 181 -5.00 29.23 -14.54
C THR E 181 -5.90 28.04 -14.22
N PRO E 182 -7.19 28.14 -14.56
CA PRO E 182 -8.08 26.97 -14.40
C PRO E 182 -7.58 25.73 -15.12
N THR E 183 -6.89 25.88 -16.26
CA THR E 183 -6.37 24.71 -16.96
C THR E 183 -5.24 24.06 -16.18
N GLN E 184 -4.29 24.85 -15.71
CA GLN E 184 -3.25 24.32 -14.84
C GLN E 184 -3.85 23.62 -13.63
N LEU E 185 -4.75 24.29 -12.92
CA LEU E 185 -5.25 23.77 -11.66
C LEU E 185 -5.98 22.45 -11.89
N ALA E 186 -6.71 22.33 -13.01
CA ALA E 186 -7.42 21.10 -13.30
C ALA E 186 -6.48 19.93 -13.59
N ALA E 187 -5.33 20.20 -14.23
CA ALA E 187 -4.35 19.12 -14.39
C ALA E 187 -3.75 18.73 -13.05
N VAL E 188 -3.46 19.72 -12.20
CA VAL E 188 -2.98 19.41 -10.86
C VAL E 188 -4.01 18.55 -10.13
N LYS E 189 -5.29 18.94 -10.19
CA LYS E 189 -6.32 18.20 -9.48
C LYS E 189 -6.39 16.75 -9.95
N GLU E 190 -6.25 16.53 -11.26
CA GLU E 190 -6.31 15.16 -11.79
C GLU E 190 -5.20 14.29 -11.22
N ALA E 191 -3.95 14.80 -11.23
CA ALA E 191 -2.83 14.04 -10.68
C ALA E 191 -3.05 13.79 -9.19
N GLN E 192 -3.44 14.81 -8.45
CA GLN E 192 -3.71 14.65 -7.03
C GLN E 192 -4.72 13.52 -6.79
N SER E 193 -5.85 13.55 -7.50
CA SER E 193 -6.91 12.58 -7.25
C SER E 193 -6.54 11.18 -7.70
N SER E 194 -5.65 11.07 -8.70
CA SER E 194 -5.12 9.77 -9.09
C SER E 194 -4.34 9.12 -7.96
N GLY E 195 -3.88 9.91 -6.99
CA GLY E 195 -3.13 9.41 -5.86
C GLY E 195 -1.68 9.08 -6.12
N ALA E 196 -1.15 9.38 -7.31
CA ALA E 196 0.25 9.06 -7.63
C ALA E 196 1.18 9.90 -6.74
N VAL E 197 2.40 9.40 -6.56
CA VAL E 197 3.34 9.93 -5.57
C VAL E 197 4.17 11.04 -6.20
N HIS E 198 3.96 12.27 -5.75
CA HIS E 198 4.64 13.42 -6.33
C HIS E 198 6.17 13.31 -6.17
N ASP E 199 6.89 13.36 -7.29
CA ASP E 199 8.31 13.06 -7.26
C ASP E 199 9.11 14.11 -6.50
N ALA E 200 8.83 15.39 -6.70
CA ALA E 200 9.62 16.43 -6.03
C ALA E 200 9.41 16.36 -4.52
N LEU E 201 8.18 16.12 -4.08
CA LEU E 201 7.94 16.04 -2.64
C LEU E 201 8.65 14.83 -2.05
N LEU E 202 8.45 13.67 -2.66
CA LEU E 202 9.20 12.47 -2.27
C LEU E 202 10.69 12.77 -2.21
N THR E 203 11.21 13.45 -3.23
CA THR E 203 12.64 13.74 -3.27
C THR E 203 13.06 14.68 -2.13
N ASN E 204 12.24 15.69 -1.83
CA ASN E 204 12.58 16.59 -0.73
C ASN E 204 12.56 15.85 0.61
N GLN E 205 11.56 14.98 0.80
CA GLN E 205 11.51 14.21 2.05
C GLN E 205 12.72 13.31 2.17
N ALA E 206 13.19 12.74 1.06
CA ALA E 206 14.40 11.93 1.09
C ALA E 206 15.60 12.77 1.54
N LEU E 207 15.72 13.98 1.02
CA LEU E 207 16.84 14.84 1.40
C LEU E 207 16.76 15.23 2.87
N ALA E 208 15.58 15.71 3.30
CA ALA E 208 15.37 16.01 4.71
C ALA E 208 15.79 14.85 5.59
N GLN E 209 15.38 13.63 5.20
CA GLN E 209 15.65 12.44 6.01
C GLN E 209 17.15 12.15 6.06
N HIS E 210 17.83 12.31 4.92
CA HIS E 210 19.28 12.13 4.87
C HIS E 210 19.99 13.19 5.70
N MET E 211 19.40 14.38 5.81
CA MET E 211 19.99 15.48 6.57
C MET E 211 19.65 15.41 8.05
N ASP E 212 18.90 14.39 8.48
CA ASP E 212 18.42 14.24 9.86
C ASP E 212 17.63 15.46 10.33
N PHE E 213 16.87 16.07 9.41
CA PHE E 213 15.91 17.12 9.73
C PHE E 213 14.54 16.45 9.87
N SER E 214 14.21 16.01 11.07
CA SER E 214 12.87 15.45 11.31
C SER E 214 11.89 16.50 11.80
N GLY E 215 12.36 17.73 12.03
CA GLY E 215 11.52 18.85 12.36
C GLY E 215 11.59 19.93 11.31
N THR E 216 10.80 20.97 11.53
CA THR E 216 10.69 22.15 10.71
C THR E 216 10.75 23.38 11.60
N PRO E 217 11.39 24.46 11.14
CA PRO E 217 12.17 24.57 9.91
C PRO E 217 13.61 24.02 10.09
N ALA E 218 14.41 24.08 9.04
CA ALA E 218 15.83 23.73 9.13
C ALA E 218 16.55 24.48 8.04
N PHE E 219 17.81 24.83 8.31
CA PHE E 219 18.59 25.65 7.39
C PHE E 219 19.98 25.07 7.20
N VAL E 220 20.42 25.04 5.96
CA VAL E 220 21.80 24.77 5.61
C VAL E 220 22.32 25.98 4.86
N VAL E 221 23.44 26.53 5.31
CA VAL E 221 24.03 27.71 4.68
C VAL E 221 25.45 27.34 4.29
N MET E 222 25.80 27.61 3.03
CA MET E 222 27.02 27.04 2.50
C MET E 222 27.42 27.75 1.23
N PRO E 223 28.70 27.77 0.90
CA PRO E 223 29.12 28.32 -0.39
C PRO E 223 28.68 27.43 -1.55
N GLN E 224 28.34 28.07 -2.66
CA GLN E 224 27.95 27.35 -3.87
C GLN E 224 29.09 26.46 -4.38
N THR E 225 30.28 27.04 -4.52
CA THR E 225 31.44 26.27 -4.96
C THR E 225 32.03 25.45 -3.80
N GLN E 226 32.45 24.22 -4.12
CA GLN E 226 33.02 23.27 -3.18
C GLN E 226 34.37 23.68 -2.63
N ASP E 227 34.86 24.87 -2.98
CA ASP E 227 36.28 25.17 -2.80
C ASP E 227 36.63 25.66 -1.40
N GLY E 228 35.65 26.09 -0.62
CA GLY E 228 35.92 26.67 0.66
C GLY E 228 36.11 25.65 1.76
N ASP E 229 36.34 26.17 2.96
CA ASP E 229 36.53 25.35 4.15
C ASP E 229 35.20 24.79 4.63
N VAL E 230 35.26 23.64 5.30
CA VAL E 230 34.10 23.19 6.06
C VAL E 230 33.75 24.22 7.11
N LYS E 231 34.72 25.04 7.52
CA LYS E 231 34.45 26.17 8.40
C LYS E 231 33.39 27.09 7.80
N ARG E 232 33.26 27.10 6.48
CA ARG E 232 32.35 28.01 5.78
C ARG E 232 30.92 27.49 5.70
N VAL E 233 30.64 26.30 6.21
CA VAL E 233 29.32 25.71 6.15
C VAL E 233 28.67 25.76 7.53
N THR E 234 27.37 26.09 7.56
CA THR E 234 26.60 26.14 8.79
C THR E 234 25.30 25.38 8.59
N VAL E 235 24.97 24.52 9.54
CA VAL E 235 23.69 23.85 9.58
C VAL E 235 22.97 24.30 10.84
N ILE E 236 21.75 24.81 10.67
CA ILE E 236 20.90 25.27 11.75
C ILE E 236 19.63 24.43 11.76
N PRO E 237 19.59 23.36 12.59
CA PRO E 237 18.47 22.39 12.56
C PRO E 237 17.29 22.82 13.44
N GLY E 238 16.76 23.99 13.17
CA GLY E 238 15.63 24.50 13.92
C GLY E 238 15.42 25.94 13.57
N SER E 239 14.46 26.56 14.25
CA SER E 239 14.32 28.00 14.11
C SER E 239 15.55 28.70 14.68
N THR E 240 15.67 29.98 14.38
CA THR E 240 16.82 30.76 14.80
C THR E 240 16.47 32.23 14.57
N THR E 241 17.41 33.11 14.93
CA THR E 241 17.19 34.54 14.78
C THR E 241 17.84 35.04 13.48
N GLN E 242 17.37 36.20 13.02
CA GLN E 242 17.89 36.76 11.78
C GLN E 242 19.42 36.92 11.85
N ASP E 243 19.96 37.34 13.00
CA ASP E 243 21.39 37.62 13.03
C ASP E 243 22.24 36.35 12.99
N MET E 244 21.73 35.21 13.50
CA MET E 244 22.49 33.97 13.35
C MET E 244 22.52 33.49 11.91
N LEU E 245 21.43 33.70 11.16
CA LEU E 245 21.47 33.36 9.74
C LEU E 245 22.35 34.32 8.97
N GLN E 246 22.26 35.62 9.27
CA GLN E 246 23.17 36.59 8.65
C GLN E 246 24.63 36.21 8.87
N MET E 247 24.98 35.82 10.08
CA MET E 247 26.37 35.45 10.36
C MET E 247 26.80 34.28 9.48
N ALA E 248 25.90 33.33 9.24
CA ALA E 248 26.24 32.18 8.40
C ALA E 248 26.33 32.56 6.93
N ILE E 249 25.50 33.49 6.47
CA ILE E 249 25.62 34.00 5.10
C ILE E 249 27.00 34.62 4.89
N GLN E 250 27.40 35.52 5.79
CA GLN E 250 28.70 36.17 5.64
C GLN E 250 29.83 35.13 5.68
N LYS E 251 29.75 34.19 6.61
CA LYS E 251 30.78 33.14 6.67
C LYS E 251 30.86 32.39 5.34
N ALA E 252 29.70 32.14 4.72
CA ALA E 252 29.66 31.39 3.47
C ALA E 252 30.12 32.21 2.26
N LYS E 253 30.14 33.54 2.35
CA LYS E 253 30.57 34.38 1.22
C LYS E 253 32.10 34.47 1.09
N ILE F 9 -0.72 -17.22 31.08
CA ILE F 9 -0.12 -16.09 31.78
C ILE F 9 0.26 -14.99 30.78
N GLY F 10 1.03 -15.37 29.76
CA GLY F 10 1.35 -14.46 28.69
C GLY F 10 0.14 -14.16 27.83
N PRO F 11 -0.54 -15.22 27.36
CA PRO F 11 -1.71 -14.99 26.48
C PRO F 11 -2.90 -14.39 27.21
N THR F 12 -3.19 -14.87 28.42
CA THR F 12 -4.28 -14.31 29.24
C THR F 12 -4.02 -12.86 29.63
N ALA F 13 -2.75 -12.45 29.78
CA ALA F 13 -2.45 -11.03 29.97
C ALA F 13 -2.47 -10.27 28.65
N GLU F 14 -2.12 -10.93 27.54
CA GLU F 14 -2.26 -10.32 26.22
C GLU F 14 -3.72 -10.11 25.84
N ALA F 15 -4.61 -11.02 26.28
CA ALA F 15 -6.03 -10.87 25.99
C ALA F 15 -6.63 -9.69 26.76
N TYR F 16 -6.17 -9.47 28.00
CA TYR F 16 -6.69 -8.34 28.77
C TYR F 16 -6.28 -7.00 28.16
N ILE F 17 -5.06 -6.92 27.63
CA ILE F 17 -4.57 -5.67 27.04
C ILE F 17 -5.20 -5.43 25.67
N VAL F 18 -5.55 -6.50 24.94
CA VAL F 18 -6.26 -6.35 23.67
C VAL F 18 -7.67 -5.85 23.91
N SER F 19 -8.28 -6.25 25.03
CA SER F 19 -9.63 -5.86 25.40
C SER F 19 -9.69 -4.53 26.13
N HIS F 20 -8.59 -4.12 26.77
CA HIS F 20 -8.53 -2.89 27.56
C HIS F 20 -7.18 -2.21 27.32
N PRO F 21 -7.03 -1.52 26.18
CA PRO F 21 -5.70 -1.07 25.75
C PRO F 21 -5.24 0.28 26.30
N ASP F 22 -6.19 1.13 26.70
CA ASP F 22 -5.90 2.50 27.13
C ASP F 22 -4.59 2.64 27.90
N LYS F 23 -4.43 1.86 28.97
CA LYS F 23 -3.35 2.08 29.92
C LYS F 23 -1.99 1.83 29.28
N VAL F 24 -1.86 0.78 28.48
CA VAL F 24 -0.58 0.49 27.80
C VAL F 24 -0.37 1.43 26.63
N GLY F 25 -1.45 1.88 26.00
CA GLY F 25 -1.30 2.91 24.97
C GLY F 25 -0.68 4.18 25.51
N GLU F 26 -1.12 4.60 26.70
CA GLU F 26 -0.55 5.79 27.33
C GLU F 26 0.95 5.59 27.60
N VAL F 27 1.32 4.43 28.18
CA VAL F 27 2.72 4.08 28.33
C VAL F 27 3.47 4.23 27.00
N VAL F 28 2.99 3.54 25.96
CA VAL F 28 3.66 3.61 24.67
C VAL F 28 3.63 5.04 24.14
N ALA F 29 2.47 5.71 24.25
CA ALA F 29 2.38 7.10 23.85
C ALA F 29 3.50 7.90 24.49
N THR F 30 3.59 7.84 25.82
CA THR F 30 4.67 8.51 26.56
C THR F 30 6.04 8.06 26.07
N TYR F 31 6.24 6.75 25.89
CA TYR F 31 7.53 6.24 25.44
C TYR F 31 7.89 6.77 24.05
N LEU F 32 6.90 6.82 23.15
CA LEU F 32 7.12 7.36 21.82
C LEU F 32 7.48 8.84 21.86
N ALA F 33 6.85 9.59 22.77
CA ALA F 33 7.19 11.01 22.91
C ALA F 33 8.61 11.18 23.45
N GLU F 34 9.07 10.24 24.27
CA GLU F 34 10.40 10.32 24.86
C GLU F 34 11.48 9.61 24.06
N HIS F 35 11.13 8.65 23.20
CA HIS F 35 12.05 8.05 22.25
C HIS F 35 11.45 8.20 20.86
N PRO F 36 11.44 9.44 20.33
CA PRO F 36 10.77 9.70 19.05
C PRO F 36 11.52 9.18 17.83
N GLU F 37 12.76 8.67 18.00
CA GLU F 37 13.46 8.03 16.89
C GLU F 37 12.65 6.89 16.29
N PHE F 38 11.72 6.31 17.06
CA PHE F 38 10.81 5.32 16.51
C PHE F 38 9.80 5.95 15.57
N LEU F 39 9.24 7.12 15.93
CA LEU F 39 8.38 7.81 14.98
C LEU F 39 9.15 8.20 13.73
N VAL F 40 10.41 8.63 13.90
CA VAL F 40 11.26 8.90 12.74
C VAL F 40 11.42 7.64 11.89
N ALA F 41 11.54 6.49 12.56
CA ALA F 41 11.71 5.24 11.82
C ALA F 41 10.40 4.82 11.13
N ALA F 42 9.28 4.94 11.85
CA ALA F 42 7.98 4.68 11.23
C ALA F 42 7.77 5.56 10.00
N SER F 43 8.20 6.83 10.08
CA SER F 43 8.01 7.73 8.96
C SER F 43 8.94 7.37 7.80
N GLU F 44 10.16 6.92 8.11
CA GLU F 44 11.04 6.41 7.05
C GLU F 44 10.46 5.15 6.41
N THR F 45 9.82 4.29 7.20
CA THR F 45 9.13 3.14 6.62
C THR F 45 8.09 3.59 5.61
N LEU F 46 7.23 4.53 6.00
CA LEU F 46 6.23 5.04 5.06
C LEU F 46 6.90 5.63 3.83
N HIS F 47 7.95 6.43 4.01
CA HIS F 47 8.62 7.04 2.88
C HIS F 47 9.14 5.96 1.92
N GLN F 48 9.74 4.91 2.46
CA GLN F 48 10.30 3.87 1.60
C GLN F 48 9.22 3.10 0.89
N ARG F 49 8.10 2.84 1.56
CA ARG F 49 6.96 2.25 0.86
C ARG F 49 6.51 3.14 -0.29
N GLN F 50 6.49 4.46 -0.07
CA GLN F 50 6.08 5.38 -1.13
C GLN F 50 7.05 5.35 -2.30
N GLN F 51 8.35 5.18 -2.03
CA GLN F 51 9.31 5.07 -3.13
C GLN F 51 8.96 3.88 -4.01
N ILE F 52 8.68 2.74 -3.38
CA ILE F 52 8.30 1.56 -4.14
C ILE F 52 6.96 1.79 -4.82
N ALA F 53 6.01 2.41 -4.13
CA ALA F 53 4.71 2.63 -4.76
C ALA F 53 4.82 3.55 -5.97
N GLN F 54 5.73 4.52 -5.92
CA GLN F 54 5.91 5.44 -7.03
C GLN F 54 6.35 4.71 -8.30
N GLN F 55 7.37 3.85 -8.18
CA GLN F 55 7.80 3.10 -9.36
C GLN F 55 6.73 2.13 -9.85
N GLN F 56 6.08 1.43 -8.91
CA GLN F 56 5.03 0.48 -9.32
C GLN F 56 3.88 1.19 -10.03
N ALA F 57 3.56 2.41 -9.61
CA ALA F 57 2.49 3.17 -10.28
C ALA F 57 2.94 3.66 -11.66
N TYR F 58 4.17 4.16 -11.78
CA TYR F 58 4.68 4.56 -13.09
C TYR F 58 4.52 3.41 -14.09
N VAL F 59 4.94 2.20 -13.70
CA VAL F 59 4.90 1.09 -14.64
C VAL F 59 3.45 0.78 -15.04
N GLN F 60 2.54 0.84 -14.08
CA GLN F 60 1.14 0.56 -14.42
C GLN F 60 0.59 1.64 -15.33
N LEU F 61 0.96 2.90 -15.09
CA LEU F 61 0.51 3.98 -15.96
C LEU F 61 1.08 3.80 -17.37
N ALA F 62 2.34 3.36 -17.48
CA ALA F 62 2.91 3.11 -18.79
C ALA F 62 2.13 2.04 -19.54
N LEU F 63 1.75 0.96 -18.85
CA LEU F 63 0.93 -0.05 -19.52
C LEU F 63 -0.46 0.49 -19.83
N GLN F 64 -1.05 1.29 -18.94
CA GLN F 64 -2.38 1.85 -19.20
C GLN F 64 -2.34 2.78 -20.41
N TYR F 65 -1.26 3.56 -20.56
CA TYR F 65 -1.14 4.56 -21.61
C TYR F 65 -0.24 4.09 -22.74
N ARG F 66 -0.18 2.77 -22.96
CA ARG F 66 0.74 2.17 -23.92
C ARG F 66 0.51 2.71 -25.33
N ALA F 67 -0.75 2.75 -25.78
CA ALA F 67 -1.01 3.15 -27.15
C ALA F 67 -0.58 4.58 -27.39
N GLU F 68 -0.78 5.46 -26.41
CA GLU F 68 -0.39 6.84 -26.64
C GLU F 68 1.12 7.02 -26.50
N LEU F 69 1.75 6.36 -25.51
CA LEU F 69 3.20 6.37 -25.44
C LEU F 69 3.85 5.90 -26.75
N LEU F 70 3.24 4.93 -27.41
CA LEU F 70 3.85 4.31 -28.57
C LEU F 70 3.21 4.77 -29.88
N SER F 71 2.35 5.78 -29.83
CA SER F 71 1.68 6.31 -31.02
C SER F 71 2.64 6.41 -32.21
N SER F 72 2.18 5.93 -33.36
CA SER F 72 2.88 6.19 -34.61
C SER F 72 2.83 7.65 -35.02
N SER F 73 2.00 8.46 -34.35
CA SER F 73 1.92 9.88 -34.63
C SER F 73 3.06 10.68 -34.05
N SER F 74 3.85 10.11 -33.15
CA SER F 74 4.92 10.89 -32.53
C SER F 74 6.23 10.68 -33.26
N PRO F 75 7.16 11.64 -33.20
CA PRO F 75 8.47 11.45 -33.83
C PRO F 75 9.18 10.23 -33.27
N SER F 76 9.78 9.44 -34.15
CA SER F 76 10.57 8.30 -33.72
C SER F 76 11.53 7.89 -34.82
N VAL F 77 12.57 7.15 -34.42
CA VAL F 77 13.47 6.44 -35.32
C VAL F 77 13.56 4.99 -34.83
N GLY F 78 14.16 4.14 -35.68
CA GLY F 78 14.22 2.73 -35.42
C GLY F 78 13.01 2.03 -36.01
N PRO F 79 13.02 0.69 -36.03
CA PRO F 79 11.93 -0.05 -36.66
C PRO F 79 10.58 0.27 -36.02
N ASN F 80 9.57 0.55 -36.87
CA ASN F 80 8.24 0.81 -36.33
C ASN F 80 7.77 -0.35 -35.48
N GLU F 81 8.35 -1.53 -35.72
CA GLU F 81 7.80 -2.80 -35.32
C GLU F 81 8.78 -3.49 -34.37
N ALA F 82 9.58 -2.66 -33.69
CA ALA F 82 10.66 -3.10 -32.81
C ALA F 82 10.10 -3.75 -31.55
N LYS F 83 10.90 -4.67 -30.97
CA LYS F 83 10.47 -5.35 -29.76
C LYS F 83 10.39 -4.37 -28.60
N ALA F 84 11.38 -3.50 -28.46
CA ALA F 84 11.40 -2.54 -27.37
C ALA F 84 11.34 -1.11 -27.93
N ALA F 85 10.77 -0.21 -27.13
CA ALA F 85 10.75 1.21 -27.44
C ALA F 85 11.30 1.99 -26.26
N VAL F 86 11.99 3.09 -26.55
CA VAL F 86 12.45 4.09 -25.57
C VAL F 86 11.70 5.39 -25.84
N VAL F 87 10.99 5.90 -24.83
CA VAL F 87 10.15 7.09 -24.99
C VAL F 87 10.73 8.20 -24.13
N MET F 88 10.93 9.39 -24.72
CA MET F 88 11.63 10.48 -24.05
C MET F 88 10.78 11.75 -24.01
N PHE F 89 10.61 12.32 -22.81
CA PHE F 89 10.00 13.62 -22.61
C PHE F 89 11.10 14.61 -22.24
N PHE F 90 11.13 15.76 -22.93
CA PHE F 90 12.25 16.66 -22.77
C PHE F 90 11.83 18.09 -23.09
N ASP F 91 12.57 19.03 -22.50
CA ASP F 91 12.64 20.43 -22.91
C ASP F 91 14.04 20.70 -23.44
N TYR F 92 14.12 21.41 -24.56
CA TYR F 92 15.45 21.67 -25.12
C TYR F 92 16.33 22.49 -24.18
N GLN F 93 15.76 23.21 -23.21
CA GLN F 93 16.58 24.03 -22.33
C GLN F 93 16.77 23.41 -20.95
N CYS F 94 16.27 22.20 -20.75
CA CYS F 94 16.57 21.43 -19.56
C CYS F 94 18.03 20.95 -19.60
N SER F 95 18.77 21.25 -18.53
CA SER F 95 20.21 20.99 -18.57
C SER F 95 20.52 19.50 -18.61
N TRP F 96 19.76 18.69 -17.88
CA TRP F 96 20.01 17.26 -17.88
C TRP F 96 19.61 16.61 -19.20
N CYS F 97 18.55 17.12 -19.84
CA CYS F 97 18.24 16.69 -21.19
C CYS F 97 19.42 16.95 -22.12
N SER F 98 19.99 18.16 -22.05
CA SER F 98 21.13 18.50 -22.90
C SER F 98 22.30 17.57 -22.63
N LYS F 99 22.67 17.39 -21.37
CA LYS F 99 23.79 16.51 -21.07
C LYS F 99 23.54 15.12 -21.60
N MET F 100 22.28 14.70 -21.67
CA MET F 100 21.95 13.34 -22.06
C MET F 100 21.78 13.15 -23.55
N ALA F 101 21.74 14.23 -24.34
CA ALA F 101 21.62 14.10 -25.78
C ALA F 101 22.69 13.19 -26.37
N PRO F 102 23.98 13.34 -26.04
CA PRO F 102 24.97 12.39 -26.57
C PRO F 102 24.72 10.96 -26.14
N VAL F 103 24.26 10.75 -24.91
CA VAL F 103 23.94 9.41 -24.47
C VAL F 103 22.82 8.84 -25.33
N VAL F 104 21.80 9.64 -25.61
CA VAL F 104 20.69 9.16 -26.43
C VAL F 104 21.17 8.85 -27.83
N GLU F 105 22.06 9.68 -28.38
CA GLU F 105 22.65 9.36 -29.68
C GLU F 105 23.38 8.02 -29.62
N ASN F 106 24.22 7.82 -28.61
CA ASN F 106 24.91 6.55 -28.46
C ASN F 106 23.93 5.38 -28.45
N LEU F 107 22.83 5.52 -27.72
CA LEU F 107 21.90 4.39 -27.57
C LEU F 107 21.23 4.06 -28.89
N ILE F 108 20.89 5.08 -29.68
CA ILE F 108 20.29 4.83 -30.99
C ILE F 108 21.26 4.08 -31.88
N LYS F 109 22.55 4.45 -31.84
CA LYS F 109 23.55 3.75 -32.63
C LYS F 109 23.78 2.34 -32.11
N ALA F 110 23.85 2.16 -30.79
CA ALA F 110 24.08 0.84 -30.22
C ALA F 110 22.87 -0.08 -30.31
N ASN F 111 21.68 0.45 -30.62
CA ASN F 111 20.46 -0.35 -30.66
C ASN F 111 19.67 0.04 -31.89
N PRO F 112 20.15 -0.34 -33.07
CA PRO F 112 19.38 -0.04 -34.29
C PRO F 112 18.11 -0.85 -34.38
N ASP F 113 17.97 -1.90 -33.58
CA ASP F 113 16.80 -2.75 -33.56
C ASP F 113 15.68 -2.22 -32.67
N THR F 114 15.81 -1.00 -32.15
CA THR F 114 14.95 -0.49 -31.11
C THR F 114 14.34 0.85 -31.52
N ARG F 115 13.10 1.07 -31.13
CA ARG F 115 12.40 2.31 -31.47
C ARG F 115 12.61 3.35 -30.37
N PHE F 116 13.02 4.55 -30.77
CA PHE F 116 13.23 5.68 -29.87
C PHE F 116 12.22 6.75 -30.24
N ILE F 117 11.36 7.13 -29.27
CA ILE F 117 10.21 8.00 -29.50
C ILE F 117 10.43 9.31 -28.75
N PHE F 118 10.12 10.43 -29.39
CA PHE F 118 10.41 11.75 -28.84
C PHE F 118 9.11 12.51 -28.59
N LYS F 119 8.82 12.74 -27.30
CA LYS F 119 7.67 13.51 -26.86
C LYS F 119 8.17 14.89 -26.50
N GLU F 120 8.00 15.87 -27.41
CA GLU F 120 8.27 17.25 -27.06
C GLU F 120 7.39 17.71 -25.89
N PHE F 121 8.04 18.11 -24.79
CA PHE F 121 7.32 18.44 -23.56
C PHE F 121 7.92 19.70 -22.97
N PRO F 122 7.66 20.88 -23.56
CA PRO F 122 8.37 22.10 -23.12
C PRO F 122 7.86 22.67 -21.79
N ILE F 123 8.19 21.99 -20.69
CA ILE F 123 7.77 22.44 -19.36
C ILE F 123 8.26 23.84 -19.06
N PHE F 124 9.38 24.27 -19.66
CA PHE F 124 9.93 25.58 -19.36
C PHE F 124 9.40 26.67 -20.27
N SER F 125 8.33 26.42 -21.03
CA SER F 125 7.89 27.35 -22.05
C SER F 125 7.07 28.52 -21.52
N SER F 126 6.74 28.54 -20.22
CA SER F 126 6.25 29.77 -19.60
C SER F 126 7.38 30.66 -19.12
N ARG F 127 8.43 30.03 -18.57
CA ARG F 127 9.62 30.75 -18.11
C ARG F 127 10.49 31.22 -19.28
N TRP F 128 10.53 30.44 -20.34
CA TRP F 128 11.41 30.68 -21.50
C TRP F 128 10.62 30.33 -22.74
N PRO F 129 9.85 31.30 -23.28
CA PRO F 129 9.00 31.00 -24.45
C PRO F 129 9.75 30.35 -25.60
N VAL F 130 11.06 30.58 -25.70
CA VAL F 130 11.81 29.95 -26.77
C VAL F 130 11.77 28.43 -26.63
N SER F 131 11.67 27.90 -25.41
CA SER F 131 11.44 26.47 -25.26
C SER F 131 10.18 26.02 -25.97
N GLY F 132 9.13 26.85 -25.93
CA GLY F 132 7.92 26.50 -26.66
C GLY F 132 8.14 26.55 -28.16
N LEU F 133 8.76 27.63 -28.63
CA LEU F 133 9.10 27.74 -30.05
C LEU F 133 9.90 26.54 -30.51
N ALA F 134 10.96 26.18 -29.79
CA ALA F 134 11.76 25.03 -30.18
C ALA F 134 10.89 23.76 -30.28
N ALA F 135 9.98 23.57 -29.33
CA ALA F 135 9.12 22.38 -29.38
C ALA F 135 8.17 22.43 -30.58
N ARG F 136 7.70 23.61 -30.95
CA ARG F 136 6.82 23.71 -32.12
C ARG F 136 7.61 23.43 -33.41
N VAL F 137 8.83 23.98 -33.53
CA VAL F 137 9.65 23.68 -34.69
C VAL F 137 9.95 22.19 -34.79
N GLY F 138 10.37 21.57 -33.68
CA GLY F 138 10.64 20.15 -33.70
C GLY F 138 9.46 19.33 -34.20
N GLU F 139 8.27 19.59 -33.64
CA GLU F 139 7.10 18.85 -34.09
C GLU F 139 6.81 19.12 -35.57
N GLN F 140 7.02 20.35 -36.04
CA GLN F 140 6.85 20.70 -37.45
C GLN F 140 7.84 19.96 -38.35
N VAL F 141 9.10 19.84 -37.92
CA VAL F 141 10.05 19.08 -38.73
C VAL F 141 9.59 17.63 -38.86
N TRP F 142 9.11 17.04 -37.77
CA TRP F 142 8.59 15.68 -37.82
C TRP F 142 7.42 15.58 -38.78
N LEU F 143 6.43 16.46 -38.62
CA LEU F 143 5.18 16.31 -39.33
C LEU F 143 5.32 16.60 -40.82
N THR F 144 6.32 17.40 -41.22
CA THR F 144 6.50 17.74 -42.61
C THR F 144 7.74 17.11 -43.23
N GLN F 145 8.67 16.63 -42.43
CA GLN F 145 9.92 16.12 -42.97
C GLN F 145 10.27 14.70 -42.56
N GLY F 146 9.64 14.13 -41.54
CA GLY F 146 9.89 12.75 -41.18
C GLY F 146 10.94 12.59 -40.11
N GLY F 147 11.24 11.33 -39.80
CA GLY F 147 11.95 10.98 -38.59
C GLY F 147 13.45 11.25 -38.62
N ALA F 148 14.11 10.89 -39.72
CA ALA F 148 15.55 11.16 -39.78
C ALA F 148 15.84 12.64 -39.70
N LYS F 149 15.06 13.47 -40.41
CA LYS F 149 15.23 14.91 -40.31
C LYS F 149 14.87 15.40 -38.93
N TYR F 150 13.80 14.85 -38.33
CA TYR F 150 13.48 15.25 -36.97
C TYR F 150 14.68 15.04 -36.05
N LEU F 151 15.28 13.84 -36.10
CA LEU F 151 16.40 13.55 -35.20
C LEU F 151 17.57 14.48 -35.47
N ASP F 152 17.85 14.79 -36.74
CA ASP F 152 18.92 15.75 -37.03
C ASP F 152 18.65 17.08 -36.36
N TRP F 153 17.48 17.66 -36.60
CA TRP F 153 17.07 18.86 -35.90
C TRP F 153 17.25 18.69 -34.39
N HIS F 154 16.65 17.65 -33.84
CA HIS F 154 16.71 17.41 -32.41
C HIS F 154 18.15 17.49 -31.90
N ASN F 155 19.05 16.69 -32.47
CA ASN F 155 20.44 16.68 -32.04
C ASN F 155 21.11 18.02 -32.27
N ALA F 156 20.81 18.66 -33.40
CA ALA F 156 21.50 19.90 -33.74
C ALA F 156 21.13 21.00 -32.76
N LEU F 157 19.87 21.07 -32.34
CA LEU F 157 19.50 22.09 -31.37
C LEU F 157 20.25 21.89 -30.05
N TYR F 158 20.27 20.65 -29.55
CA TYR F 158 21.01 20.37 -28.33
C TYR F 158 22.51 20.58 -28.52
N ALA F 159 22.99 20.44 -29.76
CA ALA F 159 24.41 20.68 -29.97
C ALA F 159 24.77 22.15 -29.83
N THR F 160 23.78 23.05 -29.88
CA THR F 160 24.07 24.45 -29.60
C THR F 160 24.53 24.64 -28.16
N GLY F 161 24.27 23.67 -27.29
CA GLY F 161 24.67 23.81 -25.91
C GLY F 161 23.96 24.91 -25.15
N LYS F 162 22.92 25.51 -25.70
CA LYS F 162 22.26 26.60 -25.00
C LYS F 162 21.06 26.13 -24.20
N VAL F 163 21.15 26.31 -22.90
CA VAL F 163 20.19 25.75 -21.96
C VAL F 163 19.85 26.78 -20.91
N GLU F 164 18.80 26.46 -20.13
CA GLU F 164 18.42 27.22 -18.94
C GLU F 164 18.26 28.71 -19.23
N GLY F 165 17.68 29.04 -20.37
CA GLY F 165 17.28 30.38 -20.70
C GLY F 165 18.09 31.02 -21.80
N ALA F 166 19.25 30.44 -22.14
CA ALA F 166 20.19 31.03 -23.08
C ALA F 166 19.78 30.86 -24.55
N LEU F 167 18.92 29.89 -24.85
CA LEU F 167 18.44 29.71 -26.22
C LEU F 167 17.65 30.94 -26.67
N THR F 168 17.94 31.42 -27.87
CA THR F 168 17.29 32.62 -28.41
C THR F 168 16.42 32.25 -29.61
N GLU F 169 15.37 33.05 -29.82
CA GLU F 169 14.57 32.93 -31.04
C GLU F 169 15.48 32.77 -32.25
N HIS F 170 16.46 33.66 -32.36
CA HIS F 170 17.38 33.65 -33.49
C HIS F 170 18.12 32.31 -33.59
N ASP F 171 18.55 31.74 -32.45
CA ASP F 171 19.12 30.40 -32.46
C ASP F 171 18.19 29.42 -33.13
N VAL F 172 16.90 29.47 -32.79
CA VAL F 172 15.94 28.51 -33.33
C VAL F 172 15.63 28.81 -34.79
N TYR F 173 15.29 30.06 -35.12
CA TYR F 173 14.97 30.39 -36.52
C TYR F 173 16.14 30.09 -37.42
N THR F 174 17.35 30.44 -37.00
CA THR F 174 18.50 30.21 -37.88
C THR F 174 18.67 28.74 -38.17
N LEU F 175 18.53 27.89 -37.15
CA LEU F 175 18.63 26.44 -37.38
C LEU F 175 17.43 25.92 -38.17
N ALA F 176 16.22 26.39 -37.85
CA ALA F 176 15.01 25.89 -38.51
C ALA F 176 15.05 26.07 -40.02
N GLN F 177 15.77 27.09 -40.51
CA GLN F 177 15.79 27.36 -41.96
C GLN F 177 16.44 26.22 -42.74
N HIS F 178 17.27 25.41 -42.08
CA HIS F 178 17.84 24.27 -42.79
C HIS F 178 16.90 23.08 -42.86
N TYR F 179 15.73 23.13 -42.22
CA TYR F 179 14.83 21.98 -42.18
C TYR F 179 13.43 22.22 -42.71
N LEU F 180 12.94 23.46 -42.69
CA LEU F 180 11.57 23.76 -43.01
C LEU F 180 11.53 24.73 -44.18
N THR F 181 10.44 24.73 -44.93
CA THR F 181 10.19 25.81 -45.87
C THR F 181 9.76 27.07 -45.12
N PRO F 182 9.79 28.22 -45.80
CA PRO F 182 9.28 29.46 -45.15
C PRO F 182 7.86 29.31 -44.63
N THR F 183 6.97 28.69 -45.41
CA THR F 183 5.60 28.54 -44.98
C THR F 183 5.49 27.64 -43.75
N GLN F 184 6.26 26.55 -43.73
CA GLN F 184 6.24 25.65 -42.59
C GLN F 184 6.77 26.36 -41.33
N LEU F 185 7.84 27.15 -41.49
CA LEU F 185 8.44 27.85 -40.37
C LEU F 185 7.53 28.97 -39.88
N ALA F 186 6.94 29.73 -40.81
CA ALA F 186 6.00 30.78 -40.41
C ALA F 186 4.81 30.20 -39.65
N ALA F 187 4.41 28.97 -39.96
CA ALA F 187 3.23 28.42 -39.31
C ALA F 187 3.46 28.17 -37.83
N VAL F 188 4.71 28.04 -37.38
CA VAL F 188 4.98 27.73 -35.97
C VAL F 188 5.71 28.86 -35.24
N LYS F 189 5.97 30.00 -35.88
CA LYS F 189 6.70 31.05 -35.19
C LYS F 189 5.98 31.48 -33.91
N GLU F 190 4.65 31.44 -33.88
CA GLU F 190 4.02 31.61 -32.59
C GLU F 190 2.86 30.64 -32.39
N ALA F 191 2.57 30.38 -31.12
CA ALA F 191 1.64 29.35 -30.71
C ALA F 191 0.22 29.64 -31.20
N GLN F 192 -0.51 28.59 -31.55
CA GLN F 192 -1.88 28.75 -32.00
C GLN F 192 -2.78 27.80 -31.22
N SER F 193 -4.05 28.17 -31.15
CA SER F 193 -5.07 27.36 -30.48
C SER F 193 -5.54 26.17 -31.32
N SER F 194 -5.06 26.03 -32.56
CA SER F 194 -5.46 24.90 -33.39
C SER F 194 -4.33 24.54 -34.35
N GLY F 195 -4.53 23.46 -35.09
CA GLY F 195 -3.54 22.99 -36.03
C GLY F 195 -2.81 21.76 -35.52
N ALA F 196 -2.10 21.13 -36.46
CA ALA F 196 -1.47 19.85 -36.19
C ALA F 196 -0.42 19.96 -35.08
N VAL F 197 0.44 21.00 -35.12
CA VAL F 197 1.47 21.13 -34.09
C VAL F 197 0.84 21.33 -32.71
N HIS F 198 -0.16 22.21 -32.65
CA HIS F 198 -0.83 22.47 -31.38
C HIS F 198 -1.44 21.20 -30.80
N ASP F 199 -2.15 20.43 -31.64
CA ASP F 199 -2.76 19.18 -31.17
C ASP F 199 -1.72 18.18 -30.71
N ALA F 200 -0.61 18.06 -31.46
CA ALA F 200 0.46 17.15 -31.04
C ALA F 200 1.03 17.56 -29.68
N LEU F 201 1.41 18.84 -29.53
CA LEU F 201 2.01 19.27 -28.27
C LEU F 201 1.02 19.12 -27.13
N LEU F 202 -0.26 19.39 -27.38
CA LEU F 202 -1.28 19.24 -26.35
C LEU F 202 -1.44 17.77 -25.95
N THR F 203 -1.46 16.88 -26.94
CA THR F 203 -1.49 15.46 -26.65
C THR F 203 -0.29 15.04 -25.80
N ASN F 204 0.91 15.51 -26.15
CA ASN F 204 2.09 15.18 -25.34
C ASN F 204 1.94 15.67 -23.91
N GLN F 205 1.37 16.86 -23.76
CA GLN F 205 1.14 17.42 -22.43
C GLN F 205 0.16 16.54 -21.65
N ALA F 206 -0.96 16.19 -22.26
CA ALA F 206 -1.94 15.33 -21.59
C ALA F 206 -1.32 14.01 -21.20
N LEU F 207 -0.56 13.38 -22.12
CA LEU F 207 0.13 12.14 -21.79
C LEU F 207 1.07 12.31 -20.60
N ALA F 208 1.88 13.37 -20.61
CA ALA F 208 2.80 13.59 -19.50
C ALA F 208 2.05 13.75 -18.18
N GLN F 209 0.97 14.52 -18.19
CA GLN F 209 0.18 14.69 -16.98
C GLN F 209 -0.40 13.35 -16.51
N HIS F 210 -0.89 12.55 -17.45
CA HIS F 210 -1.39 11.21 -17.11
C HIS F 210 -0.29 10.32 -16.51
N MET F 211 0.95 10.47 -16.98
CA MET F 211 2.07 9.71 -16.43
C MET F 211 2.57 10.29 -15.12
N ASP F 212 2.02 11.42 -14.68
CA ASP F 212 2.53 12.23 -13.57
C ASP F 212 3.99 12.64 -13.77
N PHE F 213 4.41 12.84 -15.01
CA PHE F 213 5.68 13.49 -15.31
C PHE F 213 5.49 15.00 -15.22
N SER F 214 5.84 15.58 -14.10
CA SER F 214 5.86 17.04 -13.98
C SER F 214 7.26 17.64 -14.16
N GLY F 215 8.29 16.81 -14.41
CA GLY F 215 9.62 17.30 -14.72
C GLY F 215 10.22 16.57 -15.92
N THR F 216 11.33 17.12 -16.41
CA THR F 216 12.11 16.51 -17.47
C THR F 216 13.55 16.34 -17.00
N PRO F 217 14.30 15.38 -17.60
CA PRO F 217 13.72 14.46 -18.59
C PRO F 217 12.80 13.43 -17.93
N ALA F 218 12.11 12.63 -18.72
CA ALA F 218 11.56 11.39 -18.20
C ALA F 218 11.67 10.33 -19.28
N PHE F 219 11.94 9.11 -18.87
CA PHE F 219 12.16 8.00 -19.78
C PHE F 219 11.18 6.88 -19.45
N VAL F 220 10.58 6.32 -20.48
CA VAL F 220 9.81 5.09 -20.39
C VAL F 220 10.44 4.13 -21.38
N VAL F 221 10.83 2.95 -20.89
CA VAL F 221 11.36 1.85 -21.72
C VAL F 221 10.43 0.65 -21.54
N MET F 222 9.94 0.09 -22.65
CA MET F 222 8.90 -0.92 -22.54
C MET F 222 8.81 -1.70 -23.86
N PRO F 223 8.43 -2.98 -23.81
CA PRO F 223 8.16 -3.70 -25.05
C PRO F 223 6.98 -3.10 -25.80
N GLN F 224 7.01 -3.23 -27.12
CA GLN F 224 5.89 -2.71 -27.89
C GLN F 224 4.73 -3.68 -27.99
N THR F 225 4.94 -4.96 -27.68
CA THR F 225 3.85 -5.92 -27.61
C THR F 225 2.80 -5.43 -26.63
N GLN F 226 1.61 -6.01 -26.74
CA GLN F 226 0.50 -5.60 -25.88
C GLN F 226 0.19 -6.60 -24.77
N ASP F 227 1.14 -7.49 -24.42
CA ASP F 227 0.81 -8.50 -23.42
C ASP F 227 0.76 -7.90 -22.01
N GLY F 228 1.71 -7.03 -21.67
CA GLY F 228 1.67 -6.35 -20.40
C GLY F 228 2.39 -7.03 -19.25
N ASP F 229 3.69 -7.30 -19.41
CA ASP F 229 4.53 -7.81 -18.34
C ASP F 229 5.18 -6.61 -17.65
N VAL F 230 4.67 -6.27 -16.46
CA VAL F 230 5.19 -5.10 -15.74
C VAL F 230 6.68 -5.25 -15.48
N LYS F 231 7.17 -6.48 -15.35
CA LYS F 231 8.58 -6.58 -15.02
C LYS F 231 9.49 -6.29 -16.19
N ARG F 232 8.95 -6.01 -17.38
CA ARG F 232 9.78 -5.59 -18.50
C ARG F 232 9.69 -4.09 -18.76
N VAL F 233 9.01 -3.33 -17.90
CA VAL F 233 8.84 -1.89 -18.05
C VAL F 233 9.74 -1.18 -17.05
N THR F 234 10.41 -0.12 -17.50
CA THR F 234 11.26 0.72 -16.66
C THR F 234 10.88 2.17 -16.93
N VAL F 235 10.45 2.88 -15.88
CA VAL F 235 10.20 4.32 -15.96
C VAL F 235 11.26 5.03 -15.13
N ILE F 236 11.92 6.00 -15.72
CA ILE F 236 12.97 6.77 -15.06
C ILE F 236 12.60 8.25 -15.10
N PRO F 237 12.07 8.81 -13.98
CA PRO F 237 11.60 10.19 -13.95
C PRO F 237 12.71 11.22 -13.71
N GLY F 238 13.76 11.13 -14.50
CA GLY F 238 14.89 12.02 -14.33
C GLY F 238 16.06 11.51 -15.14
N SER F 239 17.18 12.21 -14.98
CA SER F 239 18.42 11.85 -15.68
C SER F 239 18.97 10.52 -15.18
N THR F 240 19.80 9.89 -16.01
CA THR F 240 20.34 8.57 -15.70
C THR F 240 21.57 8.32 -16.57
N THR F 241 22.09 7.09 -16.54
CA THR F 241 23.29 6.73 -17.26
C THR F 241 22.96 5.91 -18.51
N GLN F 242 23.93 5.86 -19.43
CA GLN F 242 23.76 5.02 -20.62
C GLN F 242 23.57 3.56 -20.22
N ASP F 243 24.35 3.09 -19.26
CA ASP F 243 24.29 1.68 -18.88
C ASP F 243 22.91 1.33 -18.34
N MET F 244 22.36 2.20 -17.49
CA MET F 244 21.05 1.92 -16.90
C MET F 244 19.97 1.89 -17.97
N LEU F 245 19.99 2.85 -18.90
CA LEU F 245 19.07 2.80 -20.03
C LEU F 245 19.30 1.56 -20.89
N GLN F 246 20.57 1.16 -21.04
CA GLN F 246 20.86 -0.03 -21.82
C GLN F 246 20.31 -1.27 -21.14
N MET F 247 20.38 -1.31 -19.80
CA MET F 247 19.75 -2.41 -19.06
C MET F 247 18.24 -2.41 -19.27
N ALA F 248 17.60 -1.24 -19.15
CA ALA F 248 16.16 -1.15 -19.38
C ALA F 248 15.80 -1.69 -20.76
N ILE F 249 16.56 -1.26 -21.78
CA ILE F 249 16.34 -1.78 -23.13
C ILE F 249 16.44 -3.30 -23.14
N GLN F 250 17.51 -3.84 -22.55
CA GLN F 250 17.68 -5.29 -22.53
C GLN F 250 16.51 -5.96 -21.81
N LYS F 251 16.09 -5.40 -20.69
CA LYS F 251 14.96 -5.96 -19.98
C LYS F 251 13.70 -5.90 -20.84
N ALA F 252 13.51 -4.81 -21.59
CA ALA F 252 12.34 -4.71 -22.44
C ALA F 252 12.48 -5.54 -23.71
N LYS F 253 13.72 -5.81 -24.14
CA LYS F 253 13.91 -6.59 -25.37
C LYS F 253 13.56 -8.07 -25.17
N GLY F 254 14.00 -8.65 -24.05
CA GLY F 254 13.76 -10.06 -23.79
C GLY F 254 13.11 -10.35 -22.44
MG MG G . -7.70 -58.78 21.95
C1 EDO H . -20.03 -46.18 -4.06
O1 EDO H . -19.52 -44.91 -3.67
C2 EDO H . -18.91 -47.21 -3.95
O2 EDO H . -19.41 -48.52 -4.25
H11 EDO H . -20.40 -46.14 -5.09
H12 EDO H . -20.86 -46.46 -3.41
HO1 EDO H . -19.93 -44.63 -2.85
H21 EDO H . -18.49 -47.19 -2.94
H22 EDO H . -18.10 -46.95 -4.65
HO2 EDO H . -19.13 -48.78 -5.14
C1 PGE I . -3.98 -38.05 -1.32
O1 PGE I . -3.69 -39.36 -0.84
C2 PGE I . -5.24 -37.54 -0.62
O2 PGE I . -6.38 -38.40 -0.74
C3 PGE I . -6.36 -39.68 -0.10
C4 PGE I . -7.62 -40.47 -0.51
O4 PGE I . -9.21 -45.07 -0.99
C6 PGE I . -8.33 -44.10 -0.39
C5 PGE I . -8.51 -42.68 -0.94
O3 PGE I . -7.37 -41.86 -0.69
C1 EDO J . -23.27 -55.13 22.57
O1 EDO J . -22.34 -56.10 23.06
C2 EDO J . -23.95 -54.47 23.75
O2 EDO J . -22.89 -54.22 24.68
H11 EDO J . -24.02 -55.61 21.92
H12 EDO J . -22.75 -54.38 21.97
HO1 EDO J . -21.98 -56.61 22.33
H21 EDO J . -24.71 -55.13 24.19
H22 EDO J . -24.45 -53.54 23.46
HO2 EDO J . -22.57 -53.31 24.56
C1 EDO K . -29.90 -47.03 4.60
O1 EDO K . -30.53 -45.76 4.80
C2 EDO K . -30.32 -48.01 5.69
O2 EDO K . -31.71 -48.37 5.51
H11 EDO K . -28.82 -46.91 4.60
H12 EDO K . -30.18 -47.43 3.61
HO1 EDO K . -30.37 -45.19 4.04
H21 EDO K . -30.17 -47.57 6.67
H22 EDO K . -29.69 -48.91 5.63
HO2 EDO K . -31.76 -49.19 5.01
C1 EDO L . -43.05 20.08 5.81
O1 EDO L . -44.06 19.97 6.83
C2 EDO L . -42.21 18.82 5.63
O2 EDO L . -42.99 17.68 5.19
H11 EDO L . -42.38 20.91 6.07
H12 EDO L . -43.53 20.33 4.86
HO1 EDO L . -44.60 20.76 6.82
H21 EDO L . -41.72 18.57 6.58
H22 EDO L . -41.42 19.01 4.90
HO2 EDO L . -42.84 17.55 4.24
C1 EDO M . -25.88 -27.65 7.32
O1 EDO M . -26.20 -27.88 5.94
C2 EDO M . -25.02 -26.39 7.41
O2 EDO M . -25.53 -25.37 6.51
H11 EDO M . -25.33 -28.51 7.72
H12 EDO M . -26.80 -27.53 7.90
HO1 EDO M . -27.16 -27.86 5.82
H21 EDO M . -23.99 -26.63 7.16
H22 EDO M . -25.04 -26.02 8.43
HO2 EDO M . -26.08 -24.75 7.01
C1 EDO N . -5.19 -45.01 22.88
O1 EDO N . -4.39 -46.08 22.33
C2 EDO N . -5.62 -44.06 21.76
O2 EDO N . -4.48 -43.55 21.05
H11 EDO N . -4.62 -44.47 23.63
H12 EDO N . -6.07 -45.43 23.37
HO1 EDO N . -3.46 -45.84 22.39
H21 EDO N . -6.18 -43.23 22.19
H22 EDO N . -6.28 -44.58 21.06
HO2 EDO N . -4.19 -42.72 21.45
MG MG O . 31.30 -6.73 -12.31
MG MG P . -3.50 -39.82 -17.91
C1 EDO Q . -1.75 -11.07 1.80
O1 EDO Q . -2.60 -11.93 2.56
C2 EDO Q . -1.75 -11.56 0.35
O2 EDO Q . -3.04 -12.14 0.13
H11 EDO Q . -0.73 -11.10 2.19
H12 EDO Q . -2.11 -10.05 1.85
HO1 EDO Q . -2.68 -11.59 3.47
H21 EDO Q . -0.97 -12.30 0.18
H22 EDO Q . -1.58 -10.73 -0.34
HO2 EDO Q . -3.52 -11.62 -0.53
C1 EDO R . 3.52 -35.38 11.27
O1 EDO R . 3.25 -34.15 11.96
C2 EDO R . 4.24 -35.13 9.93
O2 EDO R . 5.51 -34.49 10.16
H11 EDO R . 2.58 -35.90 11.07
H12 EDO R . 4.13 -36.03 11.90
HO1 EDO R . 2.68 -34.33 12.72
H21 EDO R . 3.63 -34.50 9.30
H22 EDO R . 4.40 -36.08 9.42
HO2 EDO R . 5.90 -34.24 9.32
C1 EDO S . -20.60 58.24 4.40
O1 EDO S . -21.63 58.99 5.03
C2 EDO S . -21.19 57.60 3.14
O2 EDO S . -20.26 56.66 2.60
H11 EDO S . -20.21 57.47 5.08
H12 EDO S . -19.76 58.89 4.13
HO1 EDO S . -21.47 59.93 4.91
H21 EDO S . -21.41 58.37 2.41
H22 EDO S . -22.11 57.09 3.40
HO2 EDO S . -20.43 55.78 2.96
C1 EDO T . -17.22 58.99 9.90
O1 EDO T . -17.04 60.36 10.30
C2 EDO T . -17.73 58.92 8.47
O2 EDO T . -17.23 60.06 7.76
H11 EDO T . -17.94 58.51 10.58
H12 EDO T . -16.28 58.45 9.98
HO1 EDO T . -16.75 60.39 11.22
H21 EDO T . -18.83 58.94 8.46
H22 EDO T . -17.41 58.00 7.99
HO2 EDO T . -16.41 59.81 7.30
C1 EDO U . 7.15 37.98 -1.03
O1 EDO U . 6.57 39.24 -1.41
C2 EDO U . 7.30 37.09 -2.27
O2 EDO U . 7.28 37.91 -3.46
H11 EDO U . 6.52 37.48 -0.30
H12 EDO U . 8.13 38.14 -0.57
HO1 EDO U . 6.62 39.86 -0.67
H21 EDO U . 6.48 36.37 -2.30
H22 EDO U . 8.23 36.54 -2.21
HO2 EDO U . 8.16 37.89 -3.87
C1 EDO V . 7.99 22.78 -5.15
O1 EDO V . 8.63 23.11 -3.91
C2 EDO V . 8.31 21.34 -5.47
O2 EDO V . 9.74 21.26 -5.71
H11 EDO V . 8.34 23.44 -5.96
H12 EDO V . 6.91 22.91 -5.06
HO1 EDO V . 9.47 23.54 -4.09
H21 EDO V . 7.77 21.01 -6.36
H22 EDO V . 8.02 20.68 -4.64
HO2 EDO V . 10.00 20.33 -5.78
C1 EDO W . 14.34 10.64 -8.05
O1 EDO W . 14.97 11.03 -6.83
C2 EDO W . 14.17 11.89 -8.91
O2 EDO W . 13.56 11.52 -10.15
H11 EDO W . 13.38 10.19 -7.84
H12 EDO W . 14.96 9.91 -8.57
HO1 EDO W . 15.93 10.87 -6.89
H21 EDO W . 15.15 12.35 -9.10
H22 EDO W . 13.56 12.62 -8.39
HO2 EDO W . 13.38 12.31 -10.68
C1 EDO X . 4.30 12.41 0.34
O1 EDO X . 5.51 11.65 0.38
C2 EDO X . 3.11 11.56 -0.07
O2 EDO X . 2.02 12.36 -0.57
H11 EDO X . 4.41 13.23 -0.36
H12 EDO X . 4.11 12.83 1.33
HO1 EDO X . 6.20 12.15 0.83
H21 EDO X . 2.77 10.96 0.78
H22 EDO X . 3.42 10.85 -0.85
HO2 EDO X . 1.23 11.81 -0.68
C1 EDO Y . 7.38 30.28 7.87
O1 EDO Y . 6.76 30.86 9.02
C2 EDO Y . 8.28 29.09 8.24
O2 EDO Y . 9.27 29.47 9.18
H11 EDO Y . 7.98 31.04 7.37
H12 EDO Y . 6.60 29.94 7.19
HO1 EDO Y . 5.82 30.61 9.05
H21 EDO Y . 8.75 28.71 7.33
H22 EDO Y . 7.66 28.28 8.66
HO2 EDO Y . 10.14 29.35 8.79
C1 EDO Z . 9.95 35.04 2.21
O1 EDO Z . 8.81 35.91 2.23
C2 EDO Z . 9.55 33.62 2.56
O2 EDO Z . 9.13 33.62 3.92
H11 EDO Z . 10.70 35.41 2.92
H12 EDO Z . 10.41 35.06 1.21
HO1 EDO Z . 8.74 36.33 3.10
H21 EDO Z . 10.40 32.94 2.42
H22 EDO Z . 8.74 33.28 1.92
HO2 EDO Z . 9.76 33.11 4.45
MG MG AA . -3.28 5.71 -24.42
C1 EDO BA . 18.82 8.58 8.50
O1 EDO BA . 20.03 9.35 8.43
C2 EDO BA . 18.55 8.26 9.97
O2 EDO BA . 17.27 7.63 10.13
H11 EDO BA . 18.93 7.65 7.92
H12 EDO BA . 17.99 9.14 8.07
HO1 EDO BA . 19.81 10.29 8.28
H21 EDO BA . 18.56 9.18 10.55
H22 EDO BA . 19.33 7.60 10.34
HO2 EDO BA . 17.11 7.46 11.07
C1 EDO CA . 20.61 18.31 -41.70
O1 EDO CA . 19.87 17.13 -42.08
C2 EDO CA . 20.15 19.48 -42.56
O2 EDO CA . 20.24 19.14 -43.96
H11 EDO CA . 21.68 18.15 -41.85
H12 EDO CA . 20.44 18.53 -40.65
HO1 EDO CA . 20.12 16.39 -41.50
H21 EDO CA . 20.78 20.36 -42.36
H22 EDO CA . 19.12 19.74 -42.32
HO2 EDO CA . 19.42 18.73 -44.25
C1 EDO DA . 12.53 22.45 -46.69
O1 EDO DA . 12.63 22.92 -48.04
C2 EDO DA . 12.74 20.94 -46.64
O2 EDO DA . 12.31 20.40 -47.90
H11 EDO DA . 11.55 22.70 -46.28
H12 EDO DA . 13.29 22.95 -46.06
HO1 EDO DA . 12.50 23.88 -48.06
H21 EDO DA . 12.18 20.50 -45.82
H22 EDO DA . 13.80 20.71 -46.48
HO2 EDO DA . 13.08 20.15 -48.43
#